data_9DEB
#
_entry.id   9DEB
#
_cell.length_a   75.038
_cell.length_b   119.443
_cell.length_c   116.126
_cell.angle_alpha   90.000
_cell.angle_beta   91.622
_cell.angle_gamma   90.000
#
_symmetry.space_group_name_H-M   'P 1 21 1'
#
loop_
_entity.id
_entity.type
_entity.pdbx_description
1 polymer D3-threaded
2 water water
#
_entity_poly.entity_id   1
_entity_poly.type   'polypeptide(L)'
_entity_poly.pdbx_seq_one_letter_code
;MSGDNFLKAFAALEALAALPASAKELQLELIKQFMAEAMKIGNKEGLLLLAERLEALKPKVSPEIAVLVEKAAEMLKLLA
KAL
;
_entity_poly.pdbx_strand_id   A,B,C,D,E,F,G,H,I,J,K,L,M,N,O,P,Q,R,S,T,U,V,W,X
#
# COMPACT_ATOMS: atom_id res chain seq x y z
N SER A 2 -35.67 13.79 -19.11
CA SER A 2 -36.91 13.32 -18.53
C SER A 2 -37.92 12.91 -19.61
N GLY A 3 -37.90 13.64 -20.73
CA GLY A 3 -38.83 13.34 -21.80
C GLY A 3 -38.53 12.02 -22.49
N ASP A 4 -37.25 11.70 -22.66
CA ASP A 4 -36.88 10.44 -23.28
C ASP A 4 -37.30 9.25 -22.43
N ASN A 5 -37.27 9.39 -21.11
CA ASN A 5 -37.76 8.33 -20.23
C ASN A 5 -39.27 8.17 -20.34
N PHE A 6 -39.99 9.29 -20.53
CA PHE A 6 -41.42 9.20 -20.74
C PHE A 6 -41.75 8.55 -22.07
N LEU A 7 -40.88 8.70 -23.07
CA LEU A 7 -41.12 8.07 -24.37
C LEU A 7 -41.06 6.55 -24.26
N LYS A 8 -39.95 6.02 -23.72
CA LYS A 8 -39.80 4.57 -23.62
C LYS A 8 -40.85 3.97 -22.69
N ALA A 9 -41.21 4.70 -21.63
CA ALA A 9 -42.24 4.22 -20.72
C ALA A 9 -43.60 4.19 -21.39
N PHE A 10 -43.92 5.22 -22.18
CA PHE A 10 -45.19 5.24 -22.90
C PHE A 10 -45.21 4.16 -23.98
N ALA A 11 -44.07 3.95 -24.66
CA ALA A 11 -44.01 2.91 -25.68
C ALA A 11 -44.13 1.51 -25.08
N ALA A 12 -43.61 1.32 -23.86
CA ALA A 12 -43.75 0.02 -23.20
C ALA A 12 -45.19 -0.28 -22.87
N LEU A 13 -45.98 0.74 -22.54
CA LEU A 13 -47.39 0.52 -22.23
C LEU A 13 -48.20 0.17 -23.48
N GLU A 14 -47.90 0.82 -24.61
CA GLU A 14 -48.57 0.47 -25.86
C GLU A 14 -48.19 -0.94 -26.30
N ALA A 15 -46.93 -1.33 -26.10
CA ALA A 15 -46.53 -2.70 -26.39
C ALA A 15 -47.21 -3.68 -25.43
N LEU A 16 -47.28 -3.32 -24.15
CA LEU A 16 -47.97 -4.17 -23.18
C LEU A 16 -49.46 -4.28 -23.49
N ALA A 17 -50.03 -3.25 -24.12
CA ALA A 17 -51.45 -3.28 -24.46
C ALA A 17 -51.74 -4.27 -25.58
N ALA A 18 -50.82 -4.43 -26.53
CA ALA A 18 -51.02 -5.36 -27.63
C ALA A 18 -50.70 -6.80 -27.26
N LEU A 19 -50.16 -7.04 -26.07
CA LEU A 19 -49.81 -8.39 -25.66
C LEU A 19 -51.06 -9.15 -25.24
N PRO A 20 -51.16 -10.44 -25.59
CA PRO A 20 -52.26 -11.25 -25.10
C PRO A 20 -52.13 -11.54 -23.62
N ALA A 21 -53.26 -11.83 -22.98
CA ALA A 21 -53.28 -12.09 -21.54
C ALA A 21 -52.48 -13.32 -21.16
N SER A 22 -52.18 -14.20 -22.11
CA SER A 22 -51.43 -15.42 -21.83
C SER A 22 -49.92 -15.23 -21.88
N ALA A 23 -49.44 -14.14 -22.48
CA ALA A 23 -48.00 -13.86 -22.57
C ALA A 23 -47.52 -13.26 -21.26
N LYS A 24 -47.58 -14.07 -20.21
CA LYS A 24 -47.28 -13.59 -18.86
C LYS A 24 -45.80 -13.29 -18.69
N GLU A 25 -44.93 -14.11 -19.30
CA GLU A 25 -43.51 -13.85 -19.23
C GLU A 25 -43.15 -12.53 -19.92
N LEU A 26 -43.77 -12.27 -21.06
CA LEU A 26 -43.47 -11.04 -21.79
C LEU A 26 -44.13 -9.83 -21.15
N GLN A 27 -45.30 -10.02 -20.52
CA GLN A 27 -45.93 -8.91 -19.80
C GLN A 27 -45.08 -8.48 -18.60
N LEU A 28 -44.52 -9.44 -17.87
CA LEU A 28 -43.68 -9.10 -16.72
C LEU A 28 -42.43 -8.35 -17.16
N GLU A 29 -41.90 -8.68 -18.33
CA GLU A 29 -40.65 -8.05 -18.77
C GLU A 29 -40.89 -6.63 -19.27
N LEU A 30 -42.04 -6.40 -19.93
CA LEU A 30 -42.36 -5.04 -20.37
C LEU A 30 -42.67 -4.13 -19.17
N ILE A 31 -43.18 -4.69 -18.09
CA ILE A 31 -43.43 -3.89 -16.88
C ILE A 31 -42.12 -3.56 -16.19
N LYS A 32 -41.20 -4.53 -16.13
CA LYS A 32 -39.85 -4.23 -15.65
C LYS A 32 -39.20 -3.14 -16.50
N GLN A 33 -39.43 -3.19 -17.81
CA GLN A 33 -38.90 -2.15 -18.70
C GLN A 33 -39.62 -0.82 -18.47
N PHE A 34 -40.95 -0.86 -18.38
CA PHE A 34 -41.72 0.37 -18.18
C PHE A 34 -41.37 1.03 -16.86
N MET A 35 -41.27 0.25 -15.79
CA MET A 35 -40.91 0.80 -14.50
C MET A 35 -39.49 1.37 -14.49
N ALA A 36 -38.55 0.65 -15.11
CA ALA A 36 -37.18 1.14 -15.17
C ALA A 36 -37.10 2.51 -15.84
N GLU A 37 -37.96 2.78 -16.81
CA GLU A 37 -37.99 4.08 -17.47
C GLU A 37 -38.85 5.09 -16.72
N ALA A 38 -39.97 4.65 -16.15
CA ALA A 38 -40.86 5.55 -15.44
C ALA A 38 -40.26 6.08 -14.15
N MET A 39 -39.28 5.38 -13.57
CA MET A 39 -38.61 5.81 -12.36
C MET A 39 -37.68 6.99 -12.59
N LYS A 40 -37.40 7.36 -13.85
CA LYS A 40 -36.53 8.49 -14.15
C LYS A 40 -37.31 9.69 -14.67
N ILE A 41 -38.63 9.69 -14.50
CA ILE A 41 -39.48 10.78 -14.97
C ILE A 41 -39.64 11.78 -13.84
N GLY A 42 -39.14 13.00 -14.06
CA GLY A 42 -39.25 14.05 -13.07
C GLY A 42 -40.45 14.94 -13.28
N ASN A 43 -41.43 14.45 -14.04
CA ASN A 43 -42.66 15.20 -14.31
C ASN A 43 -43.82 14.54 -13.59
N LYS A 44 -44.54 15.34 -12.79
CA LYS A 44 -45.67 14.81 -12.04
C LYS A 44 -46.82 14.40 -12.96
N GLU A 45 -47.08 15.20 -14.00
CA GLU A 45 -48.21 14.93 -14.88
C GLU A 45 -47.97 13.66 -15.70
N GLY A 46 -46.72 13.44 -16.13
CA GLY A 46 -46.43 12.25 -16.91
C GLY A 46 -46.58 10.97 -16.12
N LEU A 47 -46.20 11.00 -14.85
CA LEU A 47 -46.34 9.82 -14.01
C LEU A 47 -47.79 9.50 -13.72
N LEU A 48 -48.58 10.52 -13.39
CA LEU A 48 -50.01 10.31 -13.14
C LEU A 48 -50.72 9.81 -14.39
N LEU A 49 -50.32 10.26 -15.58
CA LEU A 49 -50.93 9.76 -16.81
C LEU A 49 -50.53 8.31 -17.04
N LEU A 50 -49.24 7.99 -16.97
CA LEU A 50 -48.79 6.62 -17.17
C LEU A 50 -49.40 5.69 -16.13
N ALA A 51 -49.52 6.15 -14.88
CA ALA A 51 -50.13 5.33 -13.84
C ALA A 51 -51.59 5.05 -14.14
N GLU A 52 -52.31 6.06 -14.65
CA GLU A 52 -53.70 5.83 -15.02
C GLU A 52 -53.80 4.90 -16.22
N ARG A 53 -52.92 5.08 -17.21
CA ARG A 53 -52.88 4.16 -18.35
C ARG A 53 -52.51 2.75 -17.89
N LEU A 54 -51.62 2.65 -16.90
CA LEU A 54 -51.21 1.35 -16.38
C LEU A 54 -52.39 0.62 -15.74
N GLU A 55 -53.26 1.36 -15.04
CA GLU A 55 -54.39 0.73 -14.37
C GLU A 55 -55.46 0.28 -15.36
N ALA A 56 -55.58 0.97 -16.49
CA ALA A 56 -56.49 0.51 -17.54
C ALA A 56 -56.05 -0.81 -18.14
N LEU A 57 -54.79 -1.20 -17.93
CA LEU A 57 -54.28 -2.46 -18.44
C LEU A 57 -54.45 -3.62 -17.48
N LYS A 58 -54.93 -3.37 -16.26
CA LYS A 58 -55.14 -4.47 -15.31
C LYS A 58 -56.07 -5.56 -15.81
N PRO A 59 -57.19 -5.28 -16.49
CA PRO A 59 -58.03 -6.38 -16.99
C PRO A 59 -57.41 -7.16 -18.13
N LYS A 60 -56.48 -6.56 -18.88
CA LYS A 60 -55.89 -7.21 -20.04
C LYS A 60 -54.61 -7.98 -19.71
N VAL A 61 -54.13 -7.92 -18.48
CA VAL A 61 -52.93 -8.62 -18.09
C VAL A 61 -53.31 -9.87 -17.30
N SER A 62 -52.32 -10.73 -17.07
CA SER A 62 -52.52 -11.92 -16.27
C SER A 62 -52.90 -11.53 -14.84
N PRO A 63 -53.70 -12.37 -14.16
CA PRO A 63 -54.04 -12.07 -12.76
C PRO A 63 -52.81 -12.02 -11.85
N GLU A 64 -51.82 -12.87 -12.09
CA GLU A 64 -50.60 -12.82 -11.29
C GLU A 64 -49.88 -11.50 -11.50
N ILE A 65 -49.92 -10.96 -12.73
CA ILE A 65 -49.27 -9.70 -13.02
C ILE A 65 -50.09 -8.52 -12.48
N ALA A 66 -51.42 -8.68 -12.38
CA ALA A 66 -52.29 -7.57 -12.01
C ALA A 66 -51.90 -6.95 -10.68
N VAL A 67 -51.37 -7.74 -9.74
CA VAL A 67 -50.88 -7.18 -8.49
C VAL A 67 -49.64 -6.33 -8.73
N LEU A 68 -48.74 -6.82 -9.60
CA LEU A 68 -47.60 -6.01 -10.00
C LEU A 68 -48.05 -4.73 -10.69
N VAL A 69 -49.09 -4.83 -11.52
CA VAL A 69 -49.64 -3.66 -12.18
C VAL A 69 -50.19 -2.67 -11.16
N GLU A 70 -50.86 -3.19 -10.13
CA GLU A 70 -51.47 -2.31 -9.13
C GLU A 70 -50.39 -1.64 -8.27
N LYS A 71 -49.40 -2.40 -7.82
CA LYS A 71 -48.34 -1.82 -7.00
C LYS A 71 -47.49 -0.83 -7.79
N ALA A 72 -47.29 -1.09 -9.09
CA ALA A 72 -46.50 -0.17 -9.91
C ALA A 72 -47.22 1.15 -10.10
N ALA A 73 -48.54 1.12 -10.30
CA ALA A 73 -49.30 2.35 -10.45
C ALA A 73 -49.30 3.15 -9.14
N GLU A 74 -49.43 2.45 -8.01
CA GLU A 74 -49.39 3.14 -6.72
C GLU A 74 -48.01 3.77 -6.48
N MET A 75 -46.95 3.17 -7.02
CA MET A 75 -45.63 3.76 -6.90
C MET A 75 -45.51 5.05 -7.71
N LEU A 76 -46.06 5.06 -8.92
CA LEU A 76 -45.97 6.25 -9.77
C LEU A 76 -46.71 7.42 -9.15
N LYS A 77 -47.87 7.16 -8.53
CA LYS A 77 -48.57 8.22 -7.83
C LYS A 77 -47.76 8.72 -6.63
N LEU A 78 -47.20 7.80 -5.86
CA LEU A 78 -46.38 8.20 -4.71
C LEU A 78 -45.14 8.95 -5.16
N LEU A 79 -44.52 8.54 -6.27
CA LEU A 79 -43.41 9.29 -6.82
C LEU A 79 -43.88 10.67 -7.29
N ALA A 80 -45.04 10.72 -7.95
CA ALA A 80 -45.57 12.00 -8.42
C ALA A 80 -45.84 12.95 -7.25
N LYS A 81 -46.50 12.45 -6.20
CA LYS A 81 -46.77 13.29 -5.04
C LYS A 81 -45.50 13.74 -4.35
N ALA A 82 -44.46 12.92 -4.38
CA ALA A 82 -43.19 13.28 -3.75
C ALA A 82 -42.47 14.39 -4.51
N LEU A 83 -42.81 14.61 -5.78
CA LEU A 83 -42.19 15.67 -6.58
C LEU A 83 -42.93 16.99 -6.40
N SER B 2 -27.85 -8.88 -15.47
CA SER B 2 -28.48 -9.13 -14.18
C SER B 2 -27.60 -8.65 -13.03
N GLY B 3 -26.31 -9.02 -13.07
CA GLY B 3 -25.43 -8.70 -11.97
C GLY B 3 -25.05 -7.23 -11.91
N ASP B 4 -24.85 -6.61 -13.07
CA ASP B 4 -24.48 -5.19 -13.09
C ASP B 4 -25.61 -4.32 -12.56
N ASN B 5 -26.87 -4.74 -12.74
CA ASN B 5 -27.98 -4.00 -12.17
C ASN B 5 -28.08 -4.22 -10.67
N PHE B 6 -27.68 -5.40 -10.19
CA PHE B 6 -27.62 -5.62 -8.74
C PHE B 6 -26.49 -4.80 -8.11
N LEU B 7 -25.39 -4.59 -8.83
CA LEU B 7 -24.29 -3.79 -8.30
C LEU B 7 -24.72 -2.34 -8.10
N LYS B 8 -25.33 -1.75 -9.13
CA LYS B 8 -25.78 -0.36 -9.02
C LYS B 8 -26.89 -0.23 -7.97
N ALA B 9 -27.83 -1.17 -7.97
CA ALA B 9 -28.91 -1.12 -6.98
C ALA B 9 -28.36 -1.25 -5.56
N PHE B 10 -27.42 -2.18 -5.36
CA PHE B 10 -26.79 -2.31 -4.05
C PHE B 10 -26.00 -1.06 -3.69
N ALA B 11 -25.32 -0.46 -4.68
CA ALA B 11 -24.58 0.77 -4.42
C ALA B 11 -25.50 1.94 -4.12
N ALA B 12 -26.73 1.91 -4.65
CA ALA B 12 -27.67 2.98 -4.36
C ALA B 12 -28.13 2.94 -2.91
N LEU B 13 -28.36 1.74 -2.36
CA LEU B 13 -28.78 1.63 -0.98
C LEU B 13 -27.69 2.08 -0.02
N GLU B 14 -26.43 1.78 -0.35
CA GLU B 14 -25.33 2.23 0.50
C GLU B 14 -25.21 3.75 0.51
N ALA B 15 -25.41 4.38 -0.64
CA ALA B 15 -25.39 5.85 -0.69
C ALA B 15 -26.65 6.43 -0.06
N LEU B 16 -27.79 5.74 -0.19
CA LEU B 16 -29.02 6.20 0.45
C LEU B 16 -28.92 6.09 1.97
N ALA B 17 -28.29 5.03 2.48
CA ALA B 17 -28.18 4.87 3.92
C ALA B 17 -27.26 5.92 4.54
N ALA B 18 -26.29 6.42 3.77
CA ALA B 18 -25.39 7.45 4.25
C ALA B 18 -25.97 8.85 4.20
N LEU B 19 -27.13 9.04 3.55
CA LEU B 19 -27.72 10.36 3.45
C LEU B 19 -28.41 10.72 4.76
N PRO B 20 -28.37 11.98 5.17
CA PRO B 20 -29.16 12.41 6.33
C PRO B 20 -30.65 12.38 6.02
N ALA B 21 -31.44 12.34 7.09
CA ALA B 21 -32.89 12.25 6.93
C ALA B 21 -33.47 13.52 6.30
N SER B 22 -32.72 14.62 6.31
CA SER B 22 -33.21 15.88 5.77
C SER B 22 -33.00 16.02 4.27
N ALA B 23 -32.02 15.32 3.69
CA ALA B 23 -31.77 15.40 2.26
C ALA B 23 -32.86 14.69 1.48
N LYS B 24 -34.06 15.30 1.45
CA LYS B 24 -35.21 14.62 0.86
C LYS B 24 -35.06 14.46 -0.64
N GLU B 25 -34.64 15.52 -1.34
CA GLU B 25 -34.52 15.44 -2.80
C GLU B 25 -33.46 14.43 -3.21
N LEU B 26 -32.35 14.37 -2.48
CA LEU B 26 -31.30 13.41 -2.82
C LEU B 26 -31.72 11.99 -2.50
N GLN B 27 -32.43 11.79 -1.38
CA GLN B 27 -32.98 10.48 -1.07
C GLN B 27 -33.92 10.01 -2.16
N LEU B 28 -34.80 10.90 -2.64
CA LEU B 28 -35.78 10.52 -3.65
C LEU B 28 -35.08 10.11 -4.95
N GLU B 29 -34.03 10.85 -5.34
CA GLU B 29 -33.34 10.52 -6.58
C GLU B 29 -32.64 9.18 -6.51
N LEU B 30 -32.05 8.86 -5.35
CA LEU B 30 -31.36 7.58 -5.22
C LEU B 30 -32.34 6.41 -5.27
N ILE B 31 -33.56 6.59 -4.76
CA ILE B 31 -34.56 5.54 -4.87
C ILE B 31 -35.05 5.42 -6.29
N LYS B 32 -35.16 6.56 -7.00
CA LYS B 32 -35.42 6.52 -8.43
C LYS B 32 -34.29 5.79 -9.17
N GLN B 33 -33.05 5.98 -8.72
CA GLN B 33 -31.93 5.25 -9.29
C GLN B 33 -31.95 3.78 -8.88
N PHE B 34 -32.19 3.50 -7.60
CA PHE B 34 -32.22 2.12 -7.12
C PHE B 34 -33.29 1.32 -7.83
N MET B 35 -34.51 1.84 -7.87
CA MET B 35 -35.63 1.11 -8.45
C MET B 35 -35.41 0.89 -9.94
N ALA B 36 -34.84 1.87 -10.64
CA ALA B 36 -34.56 1.70 -12.06
C ALA B 36 -33.59 0.55 -12.28
N GLU B 37 -32.62 0.37 -11.39
CA GLU B 37 -31.69 -0.74 -11.52
C GLU B 37 -32.27 -2.04 -10.97
N ALA B 38 -32.97 -1.97 -9.83
CA ALA B 38 -33.60 -3.15 -9.26
C ALA B 38 -34.71 -3.70 -10.15
N MET B 39 -35.18 -2.93 -11.13
CA MET B 39 -36.22 -3.37 -12.06
C MET B 39 -35.67 -4.11 -13.27
N LYS B 40 -34.39 -4.43 -13.27
CA LYS B 40 -33.80 -5.25 -14.33
C LYS B 40 -33.00 -6.39 -13.71
N ILE B 41 -33.39 -6.83 -12.52
CA ILE B 41 -32.73 -7.91 -11.80
C ILE B 41 -33.64 -9.13 -11.88
N GLY B 42 -33.20 -10.16 -12.59
CA GLY B 42 -33.99 -11.37 -12.72
C GLY B 42 -33.58 -12.45 -11.75
N ASN B 43 -33.11 -12.04 -10.57
CA ASN B 43 -32.61 -12.95 -9.55
C ASN B 43 -33.47 -12.82 -8.30
N LYS B 44 -34.10 -13.92 -7.91
CA LYS B 44 -35.02 -13.88 -6.77
C LYS B 44 -34.28 -13.57 -5.47
N GLU B 45 -33.08 -14.13 -5.29
CA GLU B 45 -32.34 -13.88 -4.06
C GLU B 45 -31.90 -12.42 -3.96
N GLY B 46 -31.52 -11.82 -5.09
CA GLY B 46 -31.07 -10.44 -5.06
C GLY B 46 -32.20 -9.46 -4.76
N LEU B 47 -33.37 -9.69 -5.36
CA LEU B 47 -34.51 -8.82 -5.10
C LEU B 47 -34.92 -8.86 -3.64
N LEU B 48 -34.89 -10.06 -3.03
CA LEU B 48 -35.26 -10.18 -1.63
C LEU B 48 -34.19 -9.59 -0.72
N LEU B 49 -32.92 -9.72 -1.10
CA LEU B 49 -31.84 -9.09 -0.35
C LEU B 49 -32.02 -7.57 -0.32
N LEU B 50 -32.22 -6.97 -1.50
CA LEU B 50 -32.40 -5.53 -1.57
C LEU B 50 -33.68 -5.09 -0.87
N ALA B 51 -34.75 -5.89 -0.97
CA ALA B 51 -36.00 -5.55 -0.32
C ALA B 51 -35.85 -5.52 1.20
N GLU B 52 -35.17 -6.52 1.77
CA GLU B 52 -34.87 -6.48 3.19
C GLU B 52 -33.91 -5.35 3.53
N ARG B 53 -32.89 -5.16 2.71
CA ARG B 53 -31.94 -4.07 2.96
C ARG B 53 -32.61 -2.71 2.81
N LEU B 54 -33.61 -2.60 1.95
CA LEU B 54 -34.31 -1.34 1.77
C LEU B 54 -35.26 -1.06 2.94
N GLU B 55 -35.87 -2.11 3.48
CA GLU B 55 -36.75 -1.94 4.63
C GLU B 55 -36.00 -1.43 5.85
N ALA B 56 -34.74 -1.85 6.02
CA ALA B 56 -33.94 -1.38 7.15
C ALA B 56 -33.60 0.10 7.03
N LEU B 57 -33.59 0.65 5.82
CA LEU B 57 -33.32 2.07 5.61
C LEU B 57 -34.53 2.94 5.85
N LYS B 58 -35.70 2.36 6.13
CA LYS B 58 -36.94 3.12 6.26
C LYS B 58 -36.90 4.10 7.44
N PRO B 59 -36.41 3.71 8.63
CA PRO B 59 -36.28 4.71 9.71
C PRO B 59 -35.27 5.80 9.44
N LYS B 60 -34.36 5.60 8.48
CA LYS B 60 -33.31 6.58 8.20
C LYS B 60 -33.76 7.69 7.26
N VAL B 61 -34.89 7.53 6.58
CA VAL B 61 -35.29 8.43 5.51
C VAL B 61 -36.42 9.34 5.99
N SER B 62 -36.81 10.27 5.13
CA SER B 62 -37.88 11.19 5.44
C SER B 62 -39.20 10.45 5.52
N PRO B 63 -40.15 10.97 6.31
CA PRO B 63 -41.46 10.30 6.42
C PRO B 63 -42.17 10.05 5.10
N GLU B 64 -42.17 11.02 4.18
CA GLU B 64 -42.80 10.77 2.90
C GLU B 64 -42.01 9.77 2.07
N ILE B 65 -40.68 9.78 2.18
CA ILE B 65 -39.87 8.80 1.46
C ILE B 65 -40.05 7.42 2.08
N ALA B 66 -40.32 7.34 3.38
CA ALA B 66 -40.53 6.06 4.04
C ALA B 66 -41.67 5.29 3.40
N VAL B 67 -42.73 5.99 2.98
CA VAL B 67 -43.82 5.33 2.28
C VAL B 67 -43.33 4.80 0.92
N LEU B 68 -42.54 5.60 0.21
CA LEU B 68 -41.96 5.14 -1.04
C LEU B 68 -41.00 3.98 -0.82
N VAL B 69 -40.29 3.99 0.30
CA VAL B 69 -39.38 2.89 0.62
C VAL B 69 -40.17 1.60 0.83
N GLU B 70 -41.29 1.67 1.54
CA GLU B 70 -42.07 0.46 1.80
C GLU B 70 -42.72 -0.07 0.52
N LYS B 71 -43.30 0.82 -0.29
CA LYS B 71 -43.85 0.40 -1.56
C LYS B 71 -42.78 -0.20 -2.47
N ALA B 72 -41.53 0.28 -2.34
CA ALA B 72 -40.45 -0.26 -3.16
C ALA B 72 -40.08 -1.67 -2.73
N ALA B 73 -39.99 -1.91 -1.41
CA ALA B 73 -39.71 -3.26 -0.93
C ALA B 73 -40.82 -4.23 -1.32
N GLU B 74 -42.08 -3.80 -1.22
CA GLU B 74 -43.19 -4.67 -1.57
C GLU B 74 -43.20 -5.00 -3.05
N MET B 75 -42.73 -4.08 -3.90
CA MET B 75 -42.65 -4.37 -5.33
C MET B 75 -41.59 -5.44 -5.62
N LEU B 76 -40.42 -5.32 -4.98
CA LEU B 76 -39.36 -6.29 -5.23
C LEU B 76 -39.76 -7.67 -4.73
N LYS B 77 -40.50 -7.74 -3.62
CA LYS B 77 -41.02 -9.03 -3.17
C LYS B 77 -42.02 -9.60 -4.15
N LEU B 78 -42.87 -8.74 -4.72
CA LEU B 78 -43.80 -9.20 -5.76
C LEU B 78 -43.06 -9.59 -7.03
N LEU B 79 -41.99 -8.88 -7.36
CA LEU B 79 -41.16 -9.31 -8.48
C LEU B 79 -40.50 -10.65 -8.20
N ALA B 80 -39.95 -10.81 -7.00
CA ALA B 80 -39.31 -12.07 -6.63
C ALA B 80 -40.28 -13.23 -6.67
N LYS B 81 -41.54 -12.99 -6.30
CA LYS B 81 -42.54 -14.05 -6.34
C LYS B 81 -43.01 -14.35 -7.76
N ALA B 82 -42.98 -13.34 -8.64
CA ALA B 82 -43.33 -13.53 -10.04
C ALA B 82 -42.22 -14.21 -10.85
N LEU B 83 -41.00 -14.28 -10.31
CA LEU B 83 -39.90 -14.95 -11.01
C LEU B 83 -39.78 -16.40 -10.53
N SER C 2 -4.19 0.37 -24.99
CA SER C 2 -5.44 0.44 -25.76
C SER C 2 -5.56 -0.74 -26.72
N GLY C 3 -5.49 -1.97 -26.17
CA GLY C 3 -5.61 -3.15 -26.99
C GLY C 3 -6.99 -3.37 -27.56
N ASP C 4 -8.01 -2.75 -26.97
CA ASP C 4 -9.34 -2.81 -27.55
C ASP C 4 -9.34 -2.26 -28.97
N ASN C 5 -8.63 -1.15 -29.19
CA ASN C 5 -8.50 -0.60 -30.55
C ASN C 5 -7.64 -1.50 -31.43
N PHE C 6 -6.69 -2.21 -30.84
CA PHE C 6 -5.89 -3.16 -31.61
C PHE C 6 -6.73 -4.32 -32.12
N LEU C 7 -7.75 -4.73 -31.35
CA LEU C 7 -8.60 -5.83 -31.77
C LEU C 7 -9.43 -5.45 -32.99
N LYS C 8 -10.03 -4.26 -32.98
CA LYS C 8 -10.87 -3.84 -34.09
C LYS C 8 -10.04 -3.57 -35.33
N ALA C 9 -8.87 -2.93 -35.16
CA ALA C 9 -7.99 -2.68 -36.29
C ALA C 9 -7.47 -3.99 -36.89
N PHE C 10 -7.17 -4.97 -36.04
CA PHE C 10 -6.82 -6.29 -36.54
C PHE C 10 -7.98 -6.92 -37.28
N ALA C 11 -9.18 -6.86 -36.70
CA ALA C 11 -10.36 -7.41 -37.35
C ALA C 11 -10.67 -6.67 -38.65
N ALA C 12 -10.33 -5.39 -38.73
CA ALA C 12 -10.54 -4.65 -39.97
C ALA C 12 -9.64 -5.18 -41.09
N LEU C 13 -8.40 -5.54 -40.76
CA LEU C 13 -7.50 -6.06 -41.78
C LEU C 13 -7.91 -7.45 -42.23
N GLU C 14 -8.46 -8.26 -41.33
CA GLU C 14 -8.94 -9.59 -41.71
C GLU C 14 -10.13 -9.48 -42.66
N ALA C 15 -11.05 -8.56 -42.39
CA ALA C 15 -12.17 -8.35 -43.30
C ALA C 15 -11.71 -7.73 -44.61
N LEU C 16 -10.69 -6.87 -44.56
CA LEU C 16 -10.15 -6.30 -45.79
C LEU C 16 -9.47 -7.37 -46.64
N ALA C 17 -8.82 -8.35 -46.00
CA ALA C 17 -8.14 -9.39 -46.74
C ALA C 17 -9.11 -10.34 -47.44
N ALA C 18 -10.34 -10.46 -46.95
CA ALA C 18 -11.32 -11.37 -47.55
C ALA C 18 -12.17 -10.71 -48.63
N LEU C 19 -12.00 -9.41 -48.87
CA LEU C 19 -12.78 -8.74 -49.89
C LEU C 19 -12.18 -8.97 -51.28
N PRO C 20 -13.03 -9.03 -52.31
CA PRO C 20 -12.50 -9.07 -53.68
C PRO C 20 -11.85 -7.74 -54.04
N ALA C 21 -10.91 -7.80 -54.98
CA ALA C 21 -10.19 -6.60 -55.39
C ALA C 21 -11.10 -5.56 -56.04
N SER C 22 -12.28 -5.98 -56.51
CA SER C 22 -13.21 -5.07 -57.16
C SER C 22 -14.15 -4.36 -56.19
N ALA C 23 -14.15 -4.75 -54.92
CA ALA C 23 -15.01 -4.11 -53.92
C ALA C 23 -14.36 -2.83 -53.38
N LYS C 24 -14.19 -1.87 -54.29
CA LYS C 24 -13.44 -0.67 -53.97
C LYS C 24 -14.08 0.12 -52.83
N GLU C 25 -15.40 0.32 -52.89
CA GLU C 25 -16.07 1.11 -51.88
C GLU C 25 -16.01 0.42 -50.52
N LEU C 26 -16.20 -0.90 -50.49
CA LEU C 26 -16.16 -1.61 -49.22
C LEU C 26 -14.75 -1.67 -48.66
N GLN C 27 -13.74 -1.81 -49.53
CA GLN C 27 -12.35 -1.74 -49.08
C GLN C 27 -12.06 -0.39 -48.45
N LEU C 28 -12.53 0.69 -49.09
CA LEU C 28 -12.26 2.04 -48.60
C LEU C 28 -12.87 2.26 -47.23
N GLU C 29 -14.05 1.67 -46.99
CA GLU C 29 -14.71 1.85 -45.70
C GLU C 29 -13.95 1.13 -44.59
N LEU C 30 -13.45 -0.08 -44.86
CA LEU C 30 -12.72 -0.82 -43.85
C LEU C 30 -11.39 -0.15 -43.52
N ILE C 31 -10.74 0.45 -44.51
CA ILE C 31 -9.50 1.17 -44.25
C ILE C 31 -9.78 2.42 -43.42
N LYS C 32 -10.91 3.09 -43.69
CA LYS C 32 -11.33 4.20 -42.85
C LYS C 32 -11.60 3.72 -41.43
N GLN C 33 -12.21 2.55 -41.28
CA GLN C 33 -12.41 1.97 -39.95
C GLN C 33 -11.08 1.56 -39.34
N PHE C 34 -10.21 0.93 -40.13
CA PHE C 34 -8.92 0.47 -39.61
C PHE C 34 -8.09 1.62 -39.08
N MET C 35 -7.97 2.70 -39.85
CA MET C 35 -7.17 3.85 -39.42
C MET C 35 -7.80 4.55 -38.22
N ALA C 36 -9.13 4.55 -38.11
CA ALA C 36 -9.77 5.12 -36.95
C ALA C 36 -9.43 4.36 -35.68
N GLU C 37 -9.30 3.04 -35.78
CA GLU C 37 -8.94 2.23 -34.62
C GLU C 37 -7.43 2.24 -34.37
N ALA C 38 -6.63 2.08 -35.44
CA ALA C 38 -5.19 2.07 -35.29
C ALA C 38 -4.64 3.41 -34.80
N MET C 39 -5.37 4.50 -35.02
CA MET C 39 -4.93 5.80 -34.53
C MET C 39 -5.03 5.93 -33.02
N LYS C 40 -5.74 5.01 -32.35
CA LYS C 40 -5.87 5.03 -30.90
C LYS C 40 -4.88 4.08 -30.22
N ILE C 41 -3.98 3.49 -30.98
CA ILE C 41 -3.04 2.50 -30.45
C ILE C 41 -1.77 3.21 -30.01
N GLY C 42 -1.34 2.91 -28.78
CA GLY C 42 -0.12 3.50 -28.25
C GLY C 42 1.05 2.54 -28.30
N ASN C 43 0.76 1.24 -28.39
CA ASN C 43 1.81 0.24 -28.44
C ASN C 43 2.56 0.34 -29.77
N LYS C 44 3.89 0.28 -29.69
CA LYS C 44 4.71 0.43 -30.88
C LYS C 44 4.64 -0.81 -31.77
N GLU C 45 4.80 -1.99 -31.16
CA GLU C 45 4.78 -3.23 -31.92
C GLU C 45 3.46 -3.42 -32.66
N GLY C 46 2.35 -2.99 -32.07
CA GLY C 46 1.06 -3.13 -32.74
C GLY C 46 0.93 -2.24 -33.95
N LEU C 47 1.41 -1.00 -33.86
CA LEU C 47 1.38 -0.10 -35.01
C LEU C 47 2.24 -0.63 -36.14
N LEU C 48 3.37 -1.27 -35.80
CA LEU C 48 4.24 -1.83 -36.83
C LEU C 48 3.69 -3.14 -37.38
N LEU C 49 3.08 -3.96 -36.52
CA LEU C 49 2.50 -5.21 -36.99
C LEU C 49 1.31 -4.96 -37.91
N LEU C 50 0.44 -4.01 -37.54
CA LEU C 50 -0.67 -3.67 -38.41
C LEU C 50 -0.20 -2.97 -39.67
N ALA C 51 0.91 -2.23 -39.60
CA ALA C 51 1.43 -1.58 -40.80
C ALA C 51 2.03 -2.58 -41.77
N GLU C 52 2.72 -3.60 -41.26
CA GLU C 52 3.26 -4.63 -42.14
C GLU C 52 2.16 -5.54 -42.68
N ARG C 53 1.08 -5.71 -41.92
CA ARG C 53 -0.07 -6.47 -42.41
C ARG C 53 -0.89 -5.65 -43.39
N LEU C 54 -0.95 -4.32 -43.21
CA LEU C 54 -1.62 -3.47 -44.18
C LEU C 54 -0.88 -3.45 -45.51
N GLU C 55 0.46 -3.45 -45.46
CA GLU C 55 1.24 -3.48 -46.70
C GLU C 55 1.09 -4.81 -47.43
N ALA C 56 0.92 -5.92 -46.70
CA ALA C 56 0.74 -7.20 -47.34
C ALA C 56 -0.59 -7.30 -48.09
N LEU C 57 -1.55 -6.43 -47.77
CA LEU C 57 -2.84 -6.42 -48.44
C LEU C 57 -2.88 -5.51 -49.66
N LYS C 58 -1.84 -4.70 -49.87
CA LYS C 58 -1.80 -3.80 -51.03
C LYS C 58 -2.03 -4.51 -52.36
N PRO C 59 -1.47 -5.70 -52.63
CA PRO C 59 -1.81 -6.39 -53.89
C PRO C 59 -3.26 -6.83 -53.96
N LYS C 60 -3.98 -6.89 -52.84
CA LYS C 60 -5.34 -7.41 -52.83
C LYS C 60 -6.40 -6.31 -52.92
N VAL C 61 -6.01 -5.05 -52.83
CA VAL C 61 -6.97 -3.95 -52.88
C VAL C 61 -7.05 -3.44 -54.29
N SER C 62 -8.02 -2.54 -54.55
CA SER C 62 -8.15 -1.90 -55.85
C SER C 62 -6.97 -0.98 -56.13
N PRO C 63 -6.57 -0.83 -57.41
CA PRO C 63 -5.38 -0.01 -57.73
C PRO C 63 -5.48 1.49 -57.36
N GLU C 64 -6.65 2.10 -57.39
CA GLU C 64 -6.78 3.37 -56.69
C GLU C 64 -6.23 3.28 -55.30
N ILE C 65 -6.91 2.52 -54.44
CA ILE C 65 -6.72 2.59 -53.00
C ILE C 65 -5.31 2.17 -52.53
N ALA C 66 -4.56 1.41 -53.36
CA ALA C 66 -3.25 0.90 -52.93
C ALA C 66 -2.33 2.02 -52.49
N VAL C 67 -2.41 3.18 -53.15
CA VAL C 67 -1.62 4.33 -52.73
C VAL C 67 -2.07 4.80 -51.35
N LEU C 68 -3.39 4.84 -51.13
CA LEU C 68 -3.91 5.18 -49.81
C LEU C 68 -3.46 4.15 -48.77
N VAL C 69 -3.47 2.87 -49.15
CA VAL C 69 -2.97 1.83 -48.26
C VAL C 69 -1.48 2.07 -47.97
N GLU C 70 -0.72 2.42 -49.00
CA GLU C 70 0.70 2.69 -48.82
C GLU C 70 0.93 3.84 -47.85
N LYS C 71 0.17 4.93 -48.01
CA LYS C 71 0.35 6.07 -47.11
C LYS C 71 -0.21 5.79 -45.72
N ALA C 72 -1.25 4.96 -45.61
CA ALA C 72 -1.77 4.60 -44.31
C ALA C 72 -0.77 3.76 -43.53
N ALA C 73 -0.03 2.90 -44.22
CA ALA C 73 1.00 2.10 -43.56
C ALA C 73 2.15 2.99 -43.09
N GLU C 74 2.66 3.85 -43.98
CA GLU C 74 3.71 4.78 -43.58
C GLU C 74 3.25 5.70 -42.46
N MET C 75 1.95 5.98 -42.40
CA MET C 75 1.42 6.75 -41.28
C MET C 75 1.62 6.01 -39.96
N LEU C 76 1.33 4.71 -39.94
CA LEU C 76 1.53 3.93 -38.72
C LEU C 76 3.00 3.75 -38.39
N LYS C 77 3.88 3.72 -39.40
CA LYS C 77 5.31 3.66 -39.15
C LYS C 77 5.78 4.91 -38.42
N LEU C 78 5.32 6.09 -38.85
CA LEU C 78 5.75 7.33 -38.24
C LEU C 78 5.17 7.51 -36.85
N LEU C 79 3.96 6.98 -36.61
CA LEU C 79 3.38 7.04 -35.27
C LEU C 79 4.20 6.20 -34.30
N ALA C 80 4.54 4.96 -34.68
CA ALA C 80 5.38 4.12 -33.84
C ALA C 80 6.75 4.74 -33.60
N LYS C 81 7.27 5.46 -34.60
CA LYS C 81 8.53 6.18 -34.41
C LYS C 81 8.36 7.34 -33.42
N ALA C 82 7.26 8.08 -33.53
CA ALA C 82 7.02 9.20 -32.63
C ALA C 82 6.78 8.76 -31.19
N LEU C 83 6.40 7.50 -30.98
CA LEU C 83 6.23 6.96 -29.63
C LEU C 83 7.59 6.62 -29.03
N SER D 2 -20.93 12.11 -40.72
CA SER D 2 -20.09 13.13 -41.34
C SER D 2 -19.99 14.37 -40.46
N GLY D 3 -21.16 14.93 -40.10
CA GLY D 3 -21.17 16.18 -39.37
C GLY D 3 -20.55 16.06 -37.99
N ASP D 4 -20.91 15.02 -37.25
CA ASP D 4 -20.36 14.85 -35.91
C ASP D 4 -18.86 14.59 -35.95
N ASN D 5 -18.39 13.81 -36.92
CA ASN D 5 -16.96 13.56 -37.05
C ASN D 5 -16.21 14.81 -37.50
N PHE D 6 -16.85 15.64 -38.33
CA PHE D 6 -16.20 16.87 -38.75
C PHE D 6 -16.06 17.86 -37.59
N LEU D 7 -16.99 17.82 -36.63
CA LEU D 7 -16.92 18.73 -35.49
C LEU D 7 -15.70 18.42 -34.62
N LYS D 8 -15.59 17.16 -34.17
CA LYS D 8 -14.50 16.80 -33.28
C LYS D 8 -13.15 16.89 -33.99
N ALA D 9 -13.12 16.60 -35.29
CA ALA D 9 -11.89 16.79 -36.06
C ALA D 9 -11.54 18.26 -36.16
N PHE D 10 -12.53 19.12 -36.42
CA PHE D 10 -12.27 20.55 -36.47
C PHE D 10 -11.84 21.08 -35.11
N ALA D 11 -12.50 20.62 -34.04
CA ALA D 11 -12.10 21.04 -32.70
C ALA D 11 -10.71 20.53 -32.35
N ALA D 12 -10.29 19.40 -32.93
CA ALA D 12 -8.94 18.90 -32.69
C ALA D 12 -7.89 19.82 -33.29
N LEU D 13 -8.20 20.45 -34.43
CA LEU D 13 -7.24 21.35 -35.06
C LEU D 13 -7.12 22.66 -34.29
N GLU D 14 -8.22 23.15 -33.71
CA GLU D 14 -8.16 24.40 -32.97
C GLU D 14 -7.37 24.24 -31.68
N ALA D 15 -7.55 23.12 -30.98
CA ALA D 15 -6.76 22.86 -29.79
C ALA D 15 -5.29 22.61 -30.15
N LEU D 16 -5.05 21.96 -31.28
CA LEU D 16 -3.67 21.75 -31.73
C LEU D 16 -2.98 23.07 -32.06
N ALA D 17 -3.73 24.03 -32.62
CA ALA D 17 -3.15 25.32 -32.95
C ALA D 17 -2.77 26.10 -31.70
N ALA D 18 -3.50 25.92 -30.61
CA ALA D 18 -3.26 26.65 -29.37
C ALA D 18 -2.21 25.98 -28.49
N LEU D 19 -1.61 24.87 -28.94
CA LEU D 19 -0.58 24.25 -28.11
C LEU D 19 0.79 24.88 -28.41
N PRO D 20 1.65 24.95 -27.40
CA PRO D 20 3.03 25.38 -27.66
C PRO D 20 3.78 24.31 -28.43
N ALA D 21 4.78 24.76 -29.21
CA ALA D 21 5.55 23.85 -30.06
C ALA D 21 6.41 22.86 -29.27
N SER D 22 6.38 22.91 -27.95
CA SER D 22 7.20 22.05 -27.11
C SER D 22 6.43 20.90 -26.47
N ALA D 23 5.10 20.96 -26.46
CA ALA D 23 4.28 19.91 -25.84
C ALA D 23 4.05 18.76 -26.82
N LYS D 24 5.17 18.21 -27.31
CA LYS D 24 5.14 17.28 -28.44
C LYS D 24 4.24 16.08 -28.17
N GLU D 25 4.27 15.55 -26.95
CA GLU D 25 3.45 14.37 -26.64
C GLU D 25 1.97 14.67 -26.78
N LEU D 26 1.54 15.87 -26.36
CA LEU D 26 0.15 16.25 -26.51
C LEU D 26 -0.19 16.65 -27.93
N GLN D 27 0.76 17.25 -28.65
CA GLN D 27 0.54 17.54 -30.06
C GLN D 27 0.32 16.27 -30.86
N LEU D 28 1.12 15.23 -30.59
CA LEU D 28 0.94 13.96 -31.26
C LEU D 28 -0.41 13.34 -30.94
N GLU D 29 -0.86 13.46 -29.69
CA GLU D 29 -2.12 12.84 -29.29
C GLU D 29 -3.32 13.51 -29.95
N LEU D 30 -3.25 14.83 -30.17
CA LEU D 30 -4.38 15.51 -30.80
C LEU D 30 -4.50 15.15 -32.28
N ILE D 31 -3.37 14.92 -32.95
CA ILE D 31 -3.44 14.51 -34.35
C ILE D 31 -3.97 13.09 -34.47
N LYS D 32 -3.62 12.22 -33.51
CA LYS D 32 -4.21 10.89 -33.50
C LYS D 32 -5.72 10.97 -33.28
N GLN D 33 -6.16 11.88 -32.41
CA GLN D 33 -7.59 12.11 -32.24
C GLN D 33 -8.20 12.74 -33.48
N PHE D 34 -7.47 13.66 -34.13
CA PHE D 34 -7.97 14.31 -35.33
C PHE D 34 -8.09 13.31 -36.48
N MET D 35 -7.04 12.53 -36.72
CA MET D 35 -7.08 11.58 -37.82
C MET D 35 -8.11 10.48 -37.58
N ALA D 36 -8.33 10.10 -36.32
CA ALA D 36 -9.35 9.10 -36.03
C ALA D 36 -10.75 9.62 -36.34
N GLU D 37 -10.96 10.93 -36.23
CA GLU D 37 -12.26 11.53 -36.52
C GLU D 37 -12.41 11.93 -37.98
N ALA D 38 -11.34 12.46 -38.58
CA ALA D 38 -11.38 12.82 -39.99
C ALA D 38 -11.51 11.60 -40.89
N MET D 39 -11.14 10.42 -40.39
CA MET D 39 -11.24 9.18 -41.14
C MET D 39 -12.68 8.65 -41.22
N LYS D 40 -13.65 9.35 -40.62
CA LYS D 40 -15.05 8.92 -40.62
C LYS D 40 -15.96 9.97 -41.24
N ILE D 41 -15.40 10.91 -41.99
CA ILE D 41 -16.19 12.03 -42.51
C ILE D 41 -16.96 11.60 -43.76
N GLY D 42 -16.24 11.13 -44.77
CA GLY D 42 -16.88 10.71 -46.01
C GLY D 42 -17.22 11.81 -46.97
N ASN D 43 -16.89 13.06 -46.66
CA ASN D 43 -17.12 14.19 -47.54
C ASN D 43 -15.80 14.65 -48.16
N LYS D 44 -15.84 15.06 -49.42
CA LYS D 44 -14.62 15.49 -50.11
C LYS D 44 -14.21 16.89 -49.67
N GLU D 45 -15.18 17.81 -49.57
CA GLU D 45 -14.85 19.21 -49.32
C GLU D 45 -14.35 19.43 -47.89
N GLY D 46 -14.93 18.72 -46.93
CA GLY D 46 -14.49 18.88 -45.55
C GLY D 46 -13.13 18.26 -45.29
N LEU D 47 -12.86 17.11 -45.94
CA LEU D 47 -11.54 16.51 -45.83
C LEU D 47 -10.47 17.45 -46.38
N LEU D 48 -10.75 18.09 -47.52
CA LEU D 48 -9.80 19.05 -48.07
C LEU D 48 -9.73 20.31 -47.22
N LEU D 49 -10.83 20.69 -46.58
CA LEU D 49 -10.80 21.86 -45.69
C LEU D 49 -9.93 21.59 -44.47
N LEU D 50 -10.07 20.41 -43.86
CA LEU D 50 -9.25 20.10 -42.69
C LEU D 50 -7.80 19.85 -43.08
N ALA D 51 -7.57 19.22 -44.23
CA ALA D 51 -6.19 19.00 -44.69
C ALA D 51 -5.49 20.31 -44.95
N GLU D 52 -6.21 21.31 -45.47
CA GLU D 52 -5.61 22.63 -45.66
C GLU D 52 -5.34 23.31 -44.33
N ARG D 53 -6.29 23.22 -43.39
CA ARG D 53 -6.05 23.75 -42.06
C ARG D 53 -4.92 23.02 -41.35
N LEU D 54 -4.81 21.70 -41.57
CA LEU D 54 -3.73 20.94 -40.94
C LEU D 54 -2.37 21.38 -41.46
N GLU D 55 -2.28 21.71 -42.75
CA GLU D 55 -1.01 22.17 -43.30
C GLU D 55 -0.59 23.51 -42.70
N ALA D 56 -1.56 24.37 -42.41
CA ALA D 56 -1.25 25.68 -41.84
C ALA D 56 -0.65 25.57 -40.44
N LEU D 57 -0.88 24.47 -39.74
CA LEU D 57 -0.34 24.27 -38.40
C LEU D 57 1.03 23.62 -38.41
N LYS D 58 1.57 23.30 -39.58
CA LYS D 58 2.89 22.69 -39.64
C LYS D 58 4.01 23.60 -39.13
N PRO D 59 4.01 24.91 -39.39
CA PRO D 59 5.04 25.76 -38.75
C PRO D 59 4.89 25.81 -37.24
N LYS D 60 3.67 25.81 -36.71
CA LYS D 60 3.45 25.90 -35.27
C LYS D 60 3.68 24.58 -34.54
N VAL D 61 4.21 23.56 -35.22
CA VAL D 61 4.35 22.24 -34.64
C VAL D 61 5.83 21.90 -34.51
N SER D 62 6.12 20.92 -33.66
CA SER D 62 7.49 20.47 -33.47
C SER D 62 8.06 19.93 -34.78
N PRO D 63 9.38 20.03 -34.98
CA PRO D 63 9.97 19.52 -36.23
C PRO D 63 9.73 18.04 -36.46
N GLU D 64 9.76 17.22 -35.40
CA GLU D 64 9.48 15.80 -35.58
C GLU D 64 8.03 15.57 -35.96
N ILE D 65 7.11 16.29 -35.34
CA ILE D 65 5.70 16.14 -35.67
C ILE D 65 5.39 16.73 -37.04
N ALA D 66 6.25 17.61 -37.55
CA ALA D 66 5.97 18.29 -38.81
C ALA D 66 5.83 17.30 -39.97
N VAL D 67 6.62 16.22 -39.96
CA VAL D 67 6.48 15.23 -41.02
C VAL D 67 5.19 14.43 -40.84
N LEU D 68 4.75 14.22 -39.60
CA LEU D 68 3.47 13.56 -39.37
C LEU D 68 2.33 14.44 -39.86
N VAL D 69 2.41 15.75 -39.61
CA VAL D 69 1.37 16.67 -40.07
C VAL D 69 1.30 16.67 -41.59
N GLU D 70 2.45 16.70 -42.25
CA GLU D 70 2.47 16.71 -43.71
C GLU D 70 1.90 15.42 -44.27
N LYS D 71 2.29 14.27 -43.71
CA LYS D 71 1.78 13.00 -44.19
C LYS D 71 0.31 12.82 -43.88
N ALA D 72 -0.17 13.35 -42.75
CA ALA D 72 -1.59 13.25 -42.42
C ALA D 72 -2.44 14.07 -43.38
N ALA D 73 -1.99 15.28 -43.70
CA ALA D 73 -2.74 16.11 -44.65
C ALA D 73 -2.73 15.50 -46.05
N GLU D 74 -1.64 14.81 -46.41
CA GLU D 74 -1.60 14.15 -47.71
C GLU D 74 -2.62 13.02 -47.80
N MET D 75 -2.81 12.28 -46.70
CA MET D 75 -3.73 11.15 -46.74
C MET D 75 -5.18 11.62 -46.79
N LEU D 76 -5.50 12.71 -46.09
CA LEU D 76 -6.84 13.27 -46.19
C LEU D 76 -7.16 13.71 -47.61
N LYS D 77 -6.14 14.19 -48.33
CA LYS D 77 -6.33 14.48 -49.75
C LYS D 77 -6.58 13.21 -50.55
N LEU D 78 -5.76 12.17 -50.30
CA LEU D 78 -5.97 10.90 -50.98
C LEU D 78 -7.31 10.28 -50.62
N LEU D 79 -7.72 10.42 -49.35
CA LEU D 79 -9.03 9.91 -48.95
C LEU D 79 -10.14 10.67 -49.66
N ALA D 80 -9.94 11.97 -49.90
CA ALA D 80 -10.95 12.76 -50.58
C ALA D 80 -11.05 12.39 -52.06
N LYS D 81 -9.91 12.07 -52.69
CA LYS D 81 -9.94 11.66 -54.09
C LYS D 81 -10.60 10.29 -54.26
N ALA D 82 -10.38 9.38 -53.31
CA ALA D 82 -10.97 8.06 -53.39
C ALA D 82 -12.48 8.07 -53.22
N LEU D 83 -13.03 9.15 -52.66
CA LEU D 83 -14.47 9.26 -52.46
C LEU D 83 -15.15 9.88 -53.68
N MET E 1 -31.54 6.23 -44.20
CA MET E 1 -30.26 6.68 -43.64
C MET E 1 -30.23 6.50 -42.13
N SER E 2 -31.06 7.26 -41.43
CA SER E 2 -31.13 7.24 -39.96
C SER E 2 -32.54 6.85 -39.56
N GLY E 3 -32.86 5.56 -39.71
CA GLY E 3 -34.19 5.08 -39.37
C GLY E 3 -34.45 5.02 -37.88
N ASP E 4 -33.41 4.77 -37.09
CA ASP E 4 -33.57 4.78 -35.64
C ASP E 4 -33.97 6.16 -35.13
N ASN E 5 -33.43 7.21 -35.75
CA ASN E 5 -33.88 8.56 -35.42
C ASN E 5 -35.32 8.78 -35.86
N PHE E 6 -35.74 8.18 -36.98
CA PHE E 6 -37.13 8.27 -37.39
C PHE E 6 -38.04 7.53 -36.44
N LEU E 7 -37.56 6.43 -35.84
CA LEU E 7 -38.38 5.68 -34.89
C LEU E 7 -38.61 6.49 -33.62
N LYS E 8 -37.54 7.06 -33.06
CA LYS E 8 -37.68 7.85 -31.84
C LYS E 8 -38.54 9.08 -32.08
N ALA E 9 -38.38 9.71 -33.25
CA ALA E 9 -39.15 10.91 -33.56
C ALA E 9 -40.63 10.57 -33.77
N PHE E 10 -40.92 9.46 -34.45
CA PHE E 10 -42.31 9.05 -34.63
C PHE E 10 -42.94 8.68 -33.30
N ALA E 11 -42.19 8.03 -32.41
CA ALA E 11 -42.71 7.71 -31.08
C ALA E 11 -42.93 8.97 -30.26
N ALA E 12 -42.15 10.03 -30.50
CA ALA E 12 -42.36 11.28 -29.80
C ALA E 12 -43.72 11.88 -30.15
N LEU E 13 -44.11 11.82 -31.42
CA LEU E 13 -45.40 12.36 -31.83
C LEU E 13 -46.56 11.54 -31.28
N GLU E 14 -46.38 10.22 -31.16
CA GLU E 14 -47.46 9.39 -30.63
C GLU E 14 -47.69 9.64 -29.15
N ALA E 15 -46.61 9.79 -28.38
CA ALA E 15 -46.76 10.13 -26.98
C ALA E 15 -47.29 11.56 -26.82
N LEU E 16 -46.88 12.46 -27.71
CA LEU E 16 -47.41 13.82 -27.68
C LEU E 16 -48.91 13.84 -27.99
N ALA E 17 -49.36 12.92 -28.84
CA ALA E 17 -50.79 12.86 -29.17
C ALA E 17 -51.63 12.42 -27.99
N ALA E 18 -51.08 11.59 -27.11
CA ALA E 18 -51.81 11.10 -25.94
C ALA E 18 -51.75 12.07 -24.76
N LEU E 19 -51.02 13.16 -24.88
CA LEU E 19 -50.94 14.09 -23.75
C LEU E 19 -52.15 15.03 -23.76
N PRO E 20 -52.66 15.39 -22.58
CA PRO E 20 -53.70 16.41 -22.53
C PRO E 20 -53.15 17.77 -22.91
N ALA E 21 -54.06 18.65 -23.34
CA ALA E 21 -53.66 19.98 -23.80
C ALA E 21 -53.09 20.84 -22.68
N SER E 22 -53.32 20.47 -21.42
CA SER E 22 -52.83 21.27 -20.30
C SER E 22 -51.41 20.92 -19.88
N ALA E 23 -50.93 19.73 -20.24
CA ALA E 23 -49.58 19.29 -19.87
C ALA E 23 -48.53 20.00 -20.75
N LYS E 24 -48.49 21.32 -20.61
CA LYS E 24 -47.61 22.15 -21.44
C LYS E 24 -46.15 21.77 -21.24
N GLU E 25 -45.74 21.54 -19.99
CA GLU E 25 -44.34 21.22 -19.71
C GLU E 25 -43.93 19.90 -20.34
N LEU E 26 -44.78 18.87 -20.25
CA LEU E 26 -44.44 17.58 -20.83
C LEU E 26 -44.56 17.60 -22.35
N GLN E 27 -45.55 18.33 -22.88
CA GLN E 27 -45.63 18.51 -24.32
C GLN E 27 -44.39 19.21 -24.86
N LEU E 28 -43.92 20.23 -24.14
CA LEU E 28 -42.74 20.97 -24.59
C LEU E 28 -41.49 20.10 -24.56
N GLU E 29 -41.41 19.14 -23.63
CA GLU E 29 -40.23 18.30 -23.56
C GLU E 29 -40.21 17.27 -24.68
N LEU E 30 -41.38 16.73 -25.04
CA LEU E 30 -41.44 15.80 -26.16
C LEU E 30 -41.15 16.49 -27.48
N ILE E 31 -41.52 17.77 -27.61
CA ILE E 31 -41.17 18.52 -28.81
C ILE E 31 -39.67 18.72 -28.90
N LYS E 32 -39.02 19.04 -27.77
CA LYS E 32 -37.57 19.12 -27.73
C LYS E 32 -36.95 17.78 -28.10
N GLN E 33 -37.53 16.68 -27.63
CA GLN E 33 -37.04 15.36 -27.99
C GLN E 33 -37.30 15.06 -29.46
N PHE E 34 -38.50 15.39 -29.94
CA PHE E 34 -38.84 15.12 -31.34
C PHE E 34 -37.89 15.85 -32.29
N MET E 35 -37.71 17.16 -32.07
CA MET E 35 -36.83 17.93 -32.93
C MET E 35 -35.38 17.45 -32.84
N ALA E 36 -34.96 16.98 -31.66
CA ALA E 36 -33.61 16.45 -31.53
C ALA E 36 -33.43 15.19 -32.37
N GLU E 37 -34.45 14.33 -32.42
CA GLU E 37 -34.36 13.12 -33.24
C GLU E 37 -34.56 13.43 -34.71
N ALA E 38 -35.50 14.32 -35.04
CA ALA E 38 -35.76 14.66 -36.43
C ALA E 38 -34.59 15.37 -37.08
N MET E 39 -33.72 16.00 -36.28
CA MET E 39 -32.57 16.70 -36.84
C MET E 39 -31.53 15.75 -37.42
N LYS E 40 -31.59 14.46 -37.08
CA LYS E 40 -30.64 13.49 -37.58
C LYS E 40 -31.20 12.65 -38.72
N ILE E 41 -32.41 12.96 -39.19
CA ILE E 41 -33.02 12.23 -40.29
C ILE E 41 -32.56 12.85 -41.60
N GLY E 42 -31.90 12.05 -42.43
CA GLY E 42 -31.45 12.48 -43.73
C GLY E 42 -32.39 12.17 -44.88
N ASN E 43 -33.54 11.56 -44.61
CA ASN E 43 -34.49 11.20 -45.65
C ASN E 43 -35.52 12.32 -45.80
N LYS E 44 -35.67 12.82 -47.03
CA LYS E 44 -36.59 13.93 -47.28
C LYS E 44 -38.03 13.56 -46.95
N GLU E 45 -38.44 12.36 -47.35
CA GLU E 45 -39.83 11.94 -47.14
C GLU E 45 -40.13 11.79 -45.64
N GLY E 46 -39.20 11.18 -44.90
CA GLY E 46 -39.43 10.99 -43.47
C GLY E 46 -39.62 12.30 -42.73
N LEU E 47 -38.84 13.32 -43.09
CA LEU E 47 -39.02 14.63 -42.46
C LEU E 47 -40.38 15.21 -42.81
N LEU E 48 -40.78 15.14 -44.07
CA LEU E 48 -42.08 15.67 -44.47
C LEU E 48 -43.22 14.88 -43.84
N LEU E 49 -43.08 13.55 -43.74
CA LEU E 49 -44.11 12.75 -43.10
C LEU E 49 -44.27 13.14 -41.63
N LEU E 50 -43.15 13.31 -40.93
CA LEU E 50 -43.23 13.71 -39.52
C LEU E 50 -43.70 15.15 -39.37
N ALA E 51 -43.33 16.02 -40.32
CA ALA E 51 -43.79 17.40 -40.27
C ALA E 51 -45.31 17.48 -40.36
N GLU E 52 -45.90 16.72 -41.30
CA GLU E 52 -47.35 16.71 -41.43
C GLU E 52 -48.02 16.17 -40.17
N ARG E 53 -47.46 15.11 -39.59
CA ARG E 53 -48.02 14.57 -38.36
C ARG E 53 -47.88 15.56 -37.20
N LEU E 54 -46.83 16.37 -37.21
CA LEU E 54 -46.67 17.38 -36.17
C LEU E 54 -47.70 18.49 -36.32
N GLU E 55 -48.03 18.87 -37.57
CA GLU E 55 -49.04 19.90 -37.79
C GLU E 55 -50.43 19.42 -37.39
N ALA E 56 -50.71 18.13 -37.58
CA ALA E 56 -51.99 17.58 -37.12
C ALA E 56 -52.09 17.58 -35.60
N LEU E 57 -50.98 17.74 -34.88
CA LEU E 57 -50.99 17.79 -33.43
C LEU E 57 -51.18 19.20 -32.89
N LYS E 58 -51.08 20.23 -33.72
CA LYS E 58 -51.27 21.60 -33.25
C LYS E 58 -52.56 21.82 -32.47
N PRO E 59 -53.73 21.28 -32.87
CA PRO E 59 -54.93 21.51 -32.05
C PRO E 59 -54.89 20.82 -30.70
N LYS E 60 -54.08 19.78 -30.51
CA LYS E 60 -54.06 19.06 -29.24
C LYS E 60 -53.01 19.58 -28.26
N VAL E 61 -52.14 20.50 -28.69
CA VAL E 61 -51.11 21.01 -27.78
C VAL E 61 -51.64 22.25 -27.08
N SER E 62 -50.92 22.68 -26.05
CA SER E 62 -51.27 23.92 -25.37
C SER E 62 -51.18 25.09 -26.35
N PRO E 63 -52.05 26.09 -26.22
CA PRO E 63 -52.01 27.23 -27.15
C PRO E 63 -50.74 28.04 -27.08
N GLU E 64 -49.97 27.93 -25.99
CA GLU E 64 -48.76 28.71 -25.85
C GLU E 64 -47.54 28.06 -26.50
N ILE E 65 -47.66 26.81 -26.94
CA ILE E 65 -46.59 26.14 -27.69
C ILE E 65 -47.01 25.83 -29.11
N ALA E 66 -48.22 26.23 -29.52
CA ALA E 66 -48.70 25.92 -30.87
C ALA E 66 -47.90 26.65 -31.94
N VAL E 67 -47.40 27.85 -31.63
CA VAL E 67 -46.51 28.53 -32.57
C VAL E 67 -45.20 27.76 -32.72
N LEU E 68 -44.67 27.25 -31.61
CA LEU E 68 -43.45 26.47 -31.68
C LEU E 68 -43.63 25.21 -32.53
N VAL E 69 -44.78 24.54 -32.38
CA VAL E 69 -45.08 23.39 -33.23
C VAL E 69 -45.15 23.81 -34.68
N GLU E 70 -45.78 24.96 -34.96
CA GLU E 70 -45.91 25.43 -36.34
C GLU E 70 -44.55 25.73 -36.94
N LYS E 71 -43.64 26.33 -36.16
CA LYS E 71 -42.31 26.63 -36.66
C LYS E 71 -41.43 25.40 -36.74
N ALA E 72 -41.66 24.43 -35.85
CA ALA E 72 -40.90 23.18 -35.91
C ALA E 72 -41.24 22.39 -37.16
N ALA E 73 -42.52 22.42 -37.57
CA ALA E 73 -42.90 21.75 -38.81
C ALA E 73 -42.29 22.46 -40.02
N GLU E 74 -42.38 23.78 -40.06
CA GLU E 74 -41.73 24.54 -41.12
C GLU E 74 -40.21 24.33 -41.09
N MET E 75 -39.65 24.08 -39.91
CA MET E 75 -38.24 23.77 -39.81
C MET E 75 -37.91 22.46 -40.52
N LEU E 76 -38.77 21.45 -40.36
CA LEU E 76 -38.51 20.15 -40.98
C LEU E 76 -38.73 20.22 -42.49
N LYS E 77 -39.77 20.91 -42.93
CA LYS E 77 -40.05 21.02 -44.36
C LYS E 77 -38.89 21.71 -45.09
N LEU E 78 -38.38 22.80 -44.52
CA LEU E 78 -37.24 23.49 -45.13
C LEU E 78 -35.99 22.61 -45.12
N LEU E 79 -35.86 21.72 -44.15
CA LEU E 79 -34.76 20.76 -44.14
C LEU E 79 -34.86 19.80 -45.32
N ALA E 80 -36.06 19.28 -45.58
CA ALA E 80 -36.24 18.36 -46.70
C ALA E 80 -35.92 19.03 -48.04
N LYS E 81 -36.23 20.33 -48.17
CA LYS E 81 -35.90 21.03 -49.40
C LYS E 81 -34.42 21.29 -49.55
N ALA E 82 -33.66 21.25 -48.45
CA ALA E 82 -32.24 21.58 -48.51
C ALA E 82 -31.34 20.35 -48.70
N LEU E 83 -31.77 19.19 -48.21
CA LEU E 83 -30.94 17.98 -48.28
C LEU E 83 -30.60 17.59 -49.73
N MET F 1 -28.95 21.80 -15.53
CA MET F 1 -28.77 22.34 -16.88
C MET F 1 -28.14 21.33 -17.82
N SER F 2 -28.43 21.48 -19.11
CA SER F 2 -27.83 20.64 -20.15
C SER F 2 -26.63 21.37 -20.74
N GLY F 3 -25.61 21.54 -19.91
CA GLY F 3 -24.43 22.29 -20.33
C GLY F 3 -23.60 21.59 -21.38
N ASP F 4 -23.63 20.25 -21.40
CA ASP F 4 -22.91 19.52 -22.45
C ASP F 4 -23.55 19.76 -23.81
N ASN F 5 -24.89 19.86 -23.86
CA ASN F 5 -25.56 20.18 -25.10
C ASN F 5 -25.25 21.61 -25.56
N PHE F 6 -25.09 22.53 -24.62
CA PHE F 6 -24.68 23.89 -24.98
C PHE F 6 -23.26 23.89 -25.53
N LEU F 7 -22.38 23.06 -24.96
CA LEU F 7 -21.00 22.99 -25.44
C LEU F 7 -20.94 22.46 -26.86
N LYS F 8 -21.65 21.36 -27.14
CA LYS F 8 -21.65 20.80 -28.49
C LYS F 8 -22.33 21.73 -29.48
N ALA F 9 -23.39 22.43 -29.05
CA ALA F 9 -24.06 23.37 -29.94
C ALA F 9 -23.19 24.58 -30.23
N PHE F 10 -22.45 25.05 -29.21
CA PHE F 10 -21.53 26.17 -29.43
C PHE F 10 -20.41 25.78 -30.37
N ALA F 11 -19.85 24.58 -30.21
CA ALA F 11 -18.77 24.14 -31.09
C ALA F 11 -19.26 23.92 -32.52
N ALA F 12 -20.54 23.58 -32.69
CA ALA F 12 -21.08 23.45 -34.03
C ALA F 12 -21.11 24.80 -34.76
N LEU F 13 -21.39 25.87 -34.01
CA LEU F 13 -21.40 27.20 -34.63
C LEU F 13 -20.00 27.69 -34.95
N GLU F 14 -19.01 27.32 -34.14
CA GLU F 14 -17.65 27.74 -34.41
C GLU F 14 -17.11 27.09 -35.68
N ALA F 15 -17.39 25.80 -35.89
CA ALA F 15 -16.98 25.15 -37.12
C ALA F 15 -17.82 25.61 -38.30
N LEU F 16 -19.10 25.91 -38.08
CA LEU F 16 -19.93 26.46 -39.13
C LEU F 16 -19.45 27.85 -39.55
N ALA F 17 -18.87 28.60 -38.63
CA ALA F 17 -18.34 29.93 -38.95
C ALA F 17 -17.16 29.85 -39.90
N ALA F 18 -16.26 28.88 -39.68
CA ALA F 18 -15.05 28.75 -40.46
C ALA F 18 -15.24 27.99 -41.76
N LEU F 19 -16.48 27.63 -42.10
CA LEU F 19 -16.65 26.97 -43.38
C LEU F 19 -16.90 27.99 -44.49
N PRO F 20 -16.40 27.73 -45.68
CA PRO F 20 -16.70 28.61 -46.81
C PRO F 20 -18.18 28.56 -47.17
N ALA F 21 -18.67 29.67 -47.73
CA ALA F 21 -20.08 29.75 -48.08
C ALA F 21 -20.48 28.77 -49.17
N SER F 22 -19.51 28.17 -49.87
CA SER F 22 -19.81 27.22 -50.94
C SER F 22 -20.07 25.81 -50.44
N ALA F 23 -19.63 25.49 -49.22
CA ALA F 23 -19.82 24.14 -48.66
C ALA F 23 -21.22 24.03 -48.06
N LYS F 24 -22.21 24.07 -48.95
CA LYS F 24 -23.61 24.07 -48.50
C LYS F 24 -23.97 22.78 -47.78
N GLU F 25 -23.43 21.65 -48.25
CA GLU F 25 -23.81 20.37 -47.65
C GLU F 25 -23.23 20.22 -46.26
N LEU F 26 -22.01 20.70 -46.04
CA LEU F 26 -21.41 20.61 -44.71
C LEU F 26 -22.04 21.61 -43.76
N GLN F 27 -22.35 22.82 -44.25
CA GLN F 27 -23.09 23.78 -43.45
C GLN F 27 -24.42 23.20 -42.98
N LEU F 28 -25.18 22.64 -43.92
CA LEU F 28 -26.48 22.06 -43.58
C LEU F 28 -26.34 20.95 -42.55
N GLU F 29 -25.26 20.17 -42.63
CA GLU F 29 -25.05 19.08 -41.68
C GLU F 29 -24.74 19.61 -40.29
N LEU F 30 -23.95 20.69 -40.21
CA LEU F 30 -23.60 21.25 -38.91
C LEU F 30 -24.80 21.91 -38.24
N ILE F 31 -25.71 22.48 -39.02
CA ILE F 31 -26.91 23.06 -38.45
C ILE F 31 -27.82 21.97 -37.89
N LYS F 32 -27.91 20.84 -38.59
CA LYS F 32 -28.62 19.69 -38.04
C LYS F 32 -27.97 19.23 -36.73
N GLN F 33 -26.63 19.22 -36.69
CA GLN F 33 -25.94 18.92 -35.45
C GLN F 33 -26.20 19.99 -34.40
N PHE F 34 -26.17 21.26 -34.79
CA PHE F 34 -26.39 22.34 -33.84
C PHE F 34 -27.81 22.32 -33.28
N MET F 35 -28.81 22.18 -34.15
CA MET F 35 -30.20 22.18 -33.69
C MET F 35 -30.48 21.00 -32.78
N ALA F 36 -29.97 19.82 -33.12
CA ALA F 36 -30.20 18.64 -32.29
C ALA F 36 -29.64 18.84 -30.89
N GLU F 37 -28.51 19.52 -30.77
CA GLU F 37 -27.96 19.81 -29.45
C GLU F 37 -28.67 20.99 -28.78
N ALA F 38 -29.05 22.00 -29.57
CA ALA F 38 -29.71 23.17 -29.00
C ALA F 38 -31.12 22.83 -28.51
N MET F 39 -31.78 21.86 -29.14
CA MET F 39 -33.12 21.47 -28.71
C MET F 39 -33.12 20.73 -27.38
N LYS F 40 -31.96 20.43 -26.81
CA LYS F 40 -31.87 19.77 -25.52
C LYS F 40 -31.47 20.73 -24.40
N ILE F 41 -31.33 22.01 -24.70
CA ILE F 41 -30.89 23.00 -23.72
C ILE F 41 -32.12 23.57 -23.02
N GLY F 42 -32.13 23.50 -21.69
CA GLY F 42 -33.18 24.05 -20.87
C GLY F 42 -32.91 25.43 -20.32
N ASN F 43 -31.84 26.09 -20.74
CA ASN F 43 -31.48 27.42 -20.28
C ASN F 43 -31.96 28.45 -21.29
N LYS F 44 -32.71 29.44 -20.82
CA LYS F 44 -33.24 30.48 -21.71
C LYS F 44 -32.11 31.33 -22.28
N GLU F 45 -31.20 31.81 -21.42
CA GLU F 45 -30.11 32.63 -21.89
C GLU F 45 -29.18 31.87 -22.83
N GLY F 46 -29.01 30.56 -22.60
CA GLY F 46 -28.20 29.77 -23.50
C GLY F 46 -28.80 29.67 -24.89
N LEU F 47 -30.12 29.48 -24.96
CA LEU F 47 -30.79 29.42 -26.26
C LEU F 47 -30.72 30.77 -26.96
N LEU F 48 -30.85 31.87 -26.22
CA LEU F 48 -30.81 33.18 -26.84
C LEU F 48 -29.39 33.56 -27.26
N LEU F 49 -28.39 33.17 -26.47
CA LEU F 49 -27.00 33.42 -26.85
C LEU F 49 -26.63 32.67 -28.12
N LEU F 50 -27.05 31.40 -28.23
CA LEU F 50 -26.82 30.65 -29.45
C LEU F 50 -27.67 31.17 -30.60
N ALA F 51 -28.83 31.76 -30.30
CA ALA F 51 -29.67 32.32 -31.35
C ALA F 51 -29.04 33.57 -31.94
N GLU F 52 -28.45 34.43 -31.10
CA GLU F 52 -27.80 35.63 -31.61
C GLU F 52 -26.47 35.29 -32.30
N ARG F 53 -25.80 34.23 -31.86
CA ARG F 53 -24.60 33.77 -32.55
C ARG F 53 -24.93 33.10 -33.88
N LEU F 54 -26.05 32.37 -33.93
CA LEU F 54 -26.48 31.77 -35.19
C LEU F 54 -26.83 32.85 -36.20
N GLU F 55 -27.53 33.89 -35.76
CA GLU F 55 -27.87 35.00 -36.65
C GLU F 55 -26.63 35.71 -37.16
N ALA F 56 -25.54 35.70 -36.38
CA ALA F 56 -24.31 36.35 -36.82
C ALA F 56 -23.64 35.57 -37.94
N LEU F 57 -23.88 34.26 -38.02
CA LEU F 57 -23.31 33.43 -39.07
C LEU F 57 -24.12 33.46 -40.36
N LYS F 58 -25.32 34.04 -40.34
CA LYS F 58 -26.14 34.09 -41.54
C LYS F 58 -25.45 34.76 -42.73
N PRO F 59 -24.65 35.83 -42.55
CA PRO F 59 -23.86 36.33 -43.70
C PRO F 59 -22.77 35.38 -44.15
N LYS F 60 -22.39 34.39 -43.35
CA LYS F 60 -21.28 33.50 -43.70
C LYS F 60 -21.74 32.24 -44.41
N VAL F 61 -23.01 32.12 -44.77
CA VAL F 61 -23.55 30.88 -45.32
C VAL F 61 -24.20 31.16 -46.68
N SER F 62 -24.48 30.07 -47.39
CA SER F 62 -25.19 30.14 -48.65
C SER F 62 -26.59 30.74 -48.44
N PRO F 63 -27.15 31.40 -49.47
CA PRO F 63 -28.49 31.98 -49.29
C PRO F 63 -29.57 30.95 -48.98
N GLU F 64 -29.49 29.76 -49.58
CA GLU F 64 -30.44 28.70 -49.26
C GLU F 64 -30.31 28.28 -47.80
N ILE F 65 -29.09 28.28 -47.27
CA ILE F 65 -28.87 27.93 -45.88
C ILE F 65 -29.26 29.08 -44.96
N ALA F 66 -29.15 30.33 -45.44
CA ALA F 66 -29.48 31.48 -44.60
C ALA F 66 -30.92 31.44 -44.13
N VAL F 67 -31.83 30.92 -44.96
CA VAL F 67 -33.22 30.81 -44.53
C VAL F 67 -33.35 29.81 -43.39
N LEU F 68 -32.60 28.71 -43.45
CA LEU F 68 -32.57 27.77 -42.32
C LEU F 68 -32.02 28.45 -41.07
N VAL F 69 -30.93 29.20 -41.22
CA VAL F 69 -30.32 29.90 -40.10
C VAL F 69 -31.34 30.83 -39.43
N GLU F 70 -32.16 31.49 -40.24
CA GLU F 70 -33.18 32.39 -39.68
C GLU F 70 -34.27 31.61 -38.95
N LYS F 71 -34.83 30.59 -39.60
CA LYS F 71 -35.88 29.80 -38.97
C LYS F 71 -35.37 29.06 -37.75
N ALA F 72 -34.09 28.67 -37.75
CA ALA F 72 -33.53 27.99 -36.60
C ALA F 72 -33.39 28.94 -35.41
N ALA F 73 -32.91 30.15 -35.66
CA ALA F 73 -32.80 31.14 -34.58
C ALA F 73 -34.18 31.50 -34.04
N GLU F 74 -35.19 31.59 -34.92
CA GLU F 74 -36.55 31.87 -34.48
C GLU F 74 -37.06 30.77 -33.56
N MET F 75 -36.72 29.51 -33.86
CA MET F 75 -37.15 28.41 -33.00
C MET F 75 -36.52 28.50 -31.62
N LEU F 76 -35.22 28.79 -31.55
CA LEU F 76 -34.55 28.87 -30.26
C LEU F 76 -35.12 29.98 -29.40
N LYS F 77 -35.47 31.11 -30.02
CA LYS F 77 -36.10 32.20 -29.28
C LYS F 77 -37.48 31.78 -28.77
N LEU F 78 -38.27 31.13 -29.62
CA LEU F 78 -39.58 30.64 -29.20
C LEU F 78 -39.44 29.56 -28.14
N LEU F 79 -38.42 28.70 -28.26
CA LEU F 79 -38.18 27.69 -27.24
C LEU F 79 -37.79 28.33 -25.92
N ALA F 80 -37.05 29.44 -25.95
CA ALA F 80 -36.70 30.13 -24.71
C ALA F 80 -37.92 30.75 -24.05
N LYS F 81 -38.84 31.31 -24.86
CA LYS F 81 -40.05 31.90 -24.28
C LYS F 81 -40.92 30.84 -23.64
N ALA F 82 -41.03 29.67 -24.27
CA ALA F 82 -41.92 28.62 -23.77
C ALA F 82 -41.40 27.95 -22.51
N LEU F 83 -40.10 28.02 -22.25
CA LEU F 83 -39.52 27.42 -21.05
C LEU F 83 -39.96 28.15 -19.79
N SER G 2 -8.74 3.27 -15.93
CA SER G 2 -8.21 2.31 -14.98
C SER G 2 -8.90 2.46 -13.62
N GLY G 3 -9.06 3.71 -13.17
CA GLY G 3 -9.69 3.95 -11.88
C GLY G 3 -11.15 3.58 -11.85
N ASP G 4 -11.85 3.73 -12.98
CA ASP G 4 -13.26 3.36 -13.01
C ASP G 4 -13.45 1.84 -12.95
N ASN G 5 -12.52 1.08 -13.54
CA ASN G 5 -12.59 -0.38 -13.46
C ASN G 5 -12.35 -0.86 -12.03
N PHE G 6 -11.41 -0.22 -11.33
CA PHE G 6 -11.20 -0.54 -9.92
C PHE G 6 -12.44 -0.22 -9.09
N LEU G 7 -13.17 0.82 -9.46
CA LEU G 7 -14.37 1.19 -8.73
C LEU G 7 -15.44 0.11 -8.82
N LYS G 8 -15.79 -0.29 -10.05
CA LYS G 8 -16.83 -1.31 -10.22
C LYS G 8 -16.38 -2.63 -9.62
N ALA G 9 -15.09 -2.97 -9.74
CA ALA G 9 -14.58 -4.19 -9.15
C ALA G 9 -14.68 -4.16 -7.64
N PHE G 10 -14.34 -3.02 -7.03
CA PHE G 10 -14.49 -2.88 -5.59
C PHE G 10 -15.95 -2.94 -5.17
N ALA G 11 -16.84 -2.33 -5.96
CA ALA G 11 -18.26 -2.40 -5.66
C ALA G 11 -18.81 -3.80 -5.85
N ALA G 12 -18.23 -4.58 -6.78
CA ALA G 12 -18.68 -5.95 -6.97
C ALA G 12 -18.36 -6.80 -5.75
N LEU G 13 -17.20 -6.58 -5.13
CA LEU G 13 -16.85 -7.33 -3.91
C LEU G 13 -17.71 -6.91 -2.73
N GLU G 14 -18.11 -5.64 -2.68
CA GLU G 14 -18.96 -5.18 -1.59
C GLU G 14 -20.35 -5.81 -1.66
N ALA G 15 -20.94 -5.86 -2.87
CA ALA G 15 -22.22 -6.53 -3.02
C ALA G 15 -22.09 -8.04 -2.87
N LEU G 16 -20.94 -8.60 -3.24
CA LEU G 16 -20.73 -10.04 -3.07
C LEU G 16 -20.64 -10.41 -1.60
N ALA G 17 -20.04 -9.54 -0.78
CA ALA G 17 -19.90 -9.83 0.65
C ALA G 17 -21.25 -9.84 1.35
N ALA G 18 -22.20 -9.03 0.90
CA ALA G 18 -23.52 -8.96 1.50
C ALA G 18 -24.46 -10.06 1.02
N LEU G 19 -23.98 -10.98 0.18
CA LEU G 19 -24.85 -12.04 -0.31
C LEU G 19 -24.82 -13.24 0.62
N PRO G 20 -25.96 -13.90 0.83
CA PRO G 20 -25.95 -15.16 1.58
C PRO G 20 -25.25 -16.24 0.79
N ALA G 21 -24.73 -17.24 1.52
CA ALA G 21 -24.00 -18.33 0.88
C ALA G 21 -24.88 -19.19 -0.02
N SER G 22 -26.20 -18.96 -0.02
CA SER G 22 -27.11 -19.76 -0.83
C SER G 22 -27.37 -19.16 -2.21
N ALA G 23 -27.15 -17.86 -2.39
CA ALA G 23 -27.39 -17.20 -3.67
C ALA G 23 -26.18 -17.42 -4.57
N LYS G 24 -26.09 -18.64 -5.10
CA LYS G 24 -24.91 -19.01 -5.87
C LYS G 24 -24.93 -18.39 -7.26
N GLU G 25 -26.08 -18.43 -7.93
CA GLU G 25 -26.17 -17.84 -9.27
C GLU G 25 -25.88 -16.34 -9.25
N LEU G 26 -26.21 -15.67 -8.14
CA LEU G 26 -25.86 -14.26 -8.02
C LEU G 26 -24.41 -14.08 -7.59
N GLN G 27 -23.92 -14.94 -6.70
CA GLN G 27 -22.50 -14.91 -6.34
C GLN G 27 -21.62 -15.19 -7.55
N LEU G 28 -22.01 -16.17 -8.37
CA LEU G 28 -21.26 -16.48 -9.58
C LEU G 28 -21.31 -15.30 -10.55
N GLU G 29 -22.46 -14.65 -10.68
CA GLU G 29 -22.59 -13.55 -11.62
C GLU G 29 -21.78 -12.34 -11.19
N LEU G 30 -21.77 -12.04 -9.88
CA LEU G 30 -20.98 -10.90 -9.41
C LEU G 30 -19.49 -11.15 -9.55
N ILE G 31 -19.06 -12.42 -9.46
CA ILE G 31 -17.64 -12.73 -9.67
C ILE G 31 -17.26 -12.51 -11.13
N LYS G 32 -18.11 -12.95 -12.06
CA LYS G 32 -17.86 -12.67 -13.47
C LYS G 32 -17.93 -11.18 -13.75
N GLN G 33 -18.79 -10.45 -13.05
CA GLN G 33 -18.79 -8.99 -13.13
C GLN G 33 -17.51 -8.41 -12.53
N PHE G 34 -17.05 -8.99 -11.42
CA PHE G 34 -15.84 -8.49 -10.77
C PHE G 34 -14.61 -8.74 -11.64
N MET G 35 -14.46 -9.97 -12.15
CA MET G 35 -13.30 -10.29 -12.98
C MET G 35 -13.32 -9.51 -14.29
N ALA G 36 -14.51 -9.26 -14.85
CA ALA G 36 -14.59 -8.50 -16.09
C ALA G 36 -14.03 -7.10 -15.92
N GLU G 37 -14.26 -6.49 -14.74
CA GLU G 37 -13.70 -5.18 -14.43
C GLU G 37 -12.28 -5.25 -13.88
N ALA G 38 -11.95 -6.32 -13.14
CA ALA G 38 -10.61 -6.43 -12.58
C ALA G 38 -9.55 -6.73 -13.65
N MET G 39 -9.96 -7.24 -14.82
CA MET G 39 -8.98 -7.52 -15.87
C MET G 39 -8.47 -6.25 -16.54
N LYS G 40 -9.18 -5.14 -16.42
CA LYS G 40 -8.81 -3.89 -17.09
C LYS G 40 -8.38 -2.82 -16.09
N ILE G 41 -7.62 -3.22 -15.07
CA ILE G 41 -7.20 -2.28 -14.03
C ILE G 41 -5.79 -1.77 -14.33
N GLY G 42 -4.84 -2.69 -14.52
CA GLY G 42 -3.49 -2.31 -14.88
C GLY G 42 -2.65 -1.76 -13.74
N ASN G 43 -3.18 -1.68 -12.53
CA ASN G 43 -2.44 -1.22 -11.36
C ASN G 43 -2.10 -2.43 -10.49
N LYS G 44 -0.80 -2.61 -10.21
CA LYS G 44 -0.37 -3.79 -9.47
C LYS G 44 -0.93 -3.80 -8.06
N GLU G 45 -1.00 -2.63 -7.42
CA GLU G 45 -1.53 -2.57 -6.06
C GLU G 45 -3.03 -2.86 -6.04
N GLY G 46 -3.78 -2.31 -6.99
CA GLY G 46 -5.22 -2.54 -7.02
C GLY G 46 -5.58 -4.00 -7.23
N LEU G 47 -4.79 -4.70 -8.05
CA LEU G 47 -5.05 -6.12 -8.28
C LEU G 47 -4.80 -6.93 -7.02
N LEU G 48 -3.72 -6.63 -6.30
CA LEU G 48 -3.40 -7.39 -5.09
C LEU G 48 -4.37 -7.06 -3.96
N LEU G 49 -4.81 -5.81 -3.86
CA LEU G 49 -5.78 -5.45 -2.84
C LEU G 49 -7.13 -6.11 -3.09
N LEU G 50 -7.58 -6.12 -4.35
CA LEU G 50 -8.84 -6.77 -4.68
C LEU G 50 -8.74 -8.28 -4.60
N ALA G 51 -7.58 -8.85 -4.90
CA ALA G 51 -7.40 -10.30 -4.76
C ALA G 51 -7.45 -10.70 -3.29
N GLU G 52 -6.91 -9.86 -2.41
CA GLU G 52 -6.97 -10.14 -0.98
C GLU G 52 -8.41 -10.07 -0.48
N ARG G 53 -9.13 -9.01 -0.84
CA ARG G 53 -10.53 -8.90 -0.43
C ARG G 53 -11.37 -10.02 -1.00
N LEU G 54 -11.03 -10.50 -2.20
CA LEU G 54 -11.74 -11.64 -2.77
C LEU G 54 -11.47 -12.91 -1.97
N GLU G 55 -10.22 -13.11 -1.55
CA GLU G 55 -9.89 -14.30 -0.76
C GLU G 55 -10.62 -14.29 0.57
N ALA G 56 -10.76 -13.12 1.20
CA ALA G 56 -11.44 -13.03 2.48
C ALA G 56 -12.93 -13.34 2.38
N LEU G 57 -13.48 -13.39 1.17
CA LEU G 57 -14.88 -13.75 0.96
C LEU G 57 -15.08 -15.22 0.69
N LYS G 58 -14.01 -16.01 0.64
CA LYS G 58 -14.15 -17.45 0.42
C LYS G 58 -14.93 -18.16 1.52
N PRO G 59 -14.78 -17.84 2.82
CA PRO G 59 -15.61 -18.50 3.83
C PRO G 59 -17.09 -18.20 3.71
N LYS G 60 -17.47 -17.07 3.11
CA LYS G 60 -18.87 -16.69 3.05
C LYS G 60 -19.56 -17.12 1.75
N VAL G 61 -18.86 -17.82 0.87
CA VAL G 61 -19.43 -18.26 -0.40
C VAL G 61 -19.54 -19.78 -0.42
N SER G 62 -20.32 -20.28 -1.37
CA SER G 62 -20.52 -21.71 -1.51
C SER G 62 -19.21 -22.41 -1.84
N PRO G 63 -19.07 -23.69 -1.48
CA PRO G 63 -17.84 -24.42 -1.83
C PRO G 63 -17.59 -24.48 -3.32
N GLU G 64 -18.64 -24.53 -4.14
CA GLU G 64 -18.45 -24.49 -5.59
C GLU G 64 -17.86 -23.15 -6.04
N ILE G 65 -18.46 -22.05 -5.61
CA ILE G 65 -17.93 -20.74 -5.94
C ILE G 65 -16.59 -20.51 -5.25
N ALA G 66 -16.36 -21.17 -4.11
CA ALA G 66 -15.10 -21.03 -3.40
C ALA G 66 -13.90 -21.39 -4.27
N VAL G 67 -14.05 -22.38 -5.15
CA VAL G 67 -12.94 -22.70 -6.05
C VAL G 67 -12.83 -21.66 -7.15
N LEU G 68 -13.94 -21.04 -7.56
CA LEU G 68 -13.86 -19.93 -8.50
C LEU G 68 -13.21 -18.72 -7.86
N VAL G 69 -13.49 -18.49 -6.58
CA VAL G 69 -12.90 -17.36 -5.86
C VAL G 69 -11.39 -17.52 -5.77
N GLU G 70 -10.92 -18.73 -5.46
CA GLU G 70 -9.48 -18.94 -5.29
C GLU G 70 -8.75 -18.82 -6.61
N LYS G 71 -9.35 -19.28 -7.70
CA LYS G 71 -8.69 -19.18 -9.00
C LYS G 71 -8.74 -17.75 -9.54
N ALA G 72 -9.82 -17.02 -9.26
CA ALA G 72 -9.89 -15.63 -9.69
C ALA G 72 -8.87 -14.77 -8.94
N ALA G 73 -8.72 -15.01 -7.64
CA ALA G 73 -7.70 -14.29 -6.88
C ALA G 73 -6.30 -14.67 -7.32
N GLU G 74 -6.11 -15.95 -7.67
CA GLU G 74 -4.79 -16.40 -8.14
C GLU G 74 -4.43 -15.72 -9.45
N MET G 75 -5.40 -15.52 -10.34
CA MET G 75 -5.11 -14.90 -11.62
C MET G 75 -4.81 -13.41 -11.46
N LEU G 76 -5.55 -12.73 -10.58
CA LEU G 76 -5.25 -11.32 -10.31
C LEU G 76 -3.85 -11.16 -9.74
N LYS G 77 -3.41 -12.13 -8.94
CA LYS G 77 -2.04 -12.11 -8.43
C LYS G 77 -1.04 -12.35 -9.56
N LEU G 78 -1.34 -13.27 -10.47
CA LEU G 78 -0.48 -13.48 -11.62
C LEU G 78 -0.51 -12.30 -12.58
N LEU G 79 -1.67 -11.64 -12.71
CA LEU G 79 -1.75 -10.47 -13.56
C LEU G 79 -0.95 -9.31 -13.00
N ALA G 80 -0.94 -9.16 -11.66
CA ALA G 80 -0.19 -8.08 -11.05
C ALA G 80 1.31 -8.26 -11.23
N LYS G 81 1.79 -9.50 -11.26
CA LYS G 81 3.20 -9.76 -11.50
C LYS G 81 3.57 -9.52 -12.96
N ALA G 82 2.67 -9.82 -13.89
CA ALA G 82 2.95 -9.60 -15.31
C ALA G 82 3.02 -8.12 -15.67
N LEU G 83 2.58 -7.24 -14.78
CA LEU G 83 2.63 -5.80 -15.05
C LEU G 83 3.94 -5.20 -14.58
N MET H 1 -27.06 -15.47 -21.94
CA MET H 1 -26.59 -15.73 -23.29
C MET H 1 -26.09 -14.45 -23.95
N SER H 2 -24.78 -14.22 -23.87
CA SER H 2 -24.13 -13.06 -24.48
C SER H 2 -23.14 -13.56 -25.53
N GLY H 3 -23.65 -13.82 -26.73
CA GLY H 3 -22.79 -14.23 -27.82
C GLY H 3 -21.94 -13.13 -28.38
N ASP H 4 -22.27 -11.86 -28.08
CA ASP H 4 -21.40 -10.76 -28.47
C ASP H 4 -20.06 -10.85 -27.76
N ASN H 5 -20.09 -11.08 -26.44
CA ASN H 5 -18.85 -11.28 -25.70
C ASN H 5 -18.03 -12.43 -26.25
N PHE H 6 -18.69 -13.46 -26.79
CA PHE H 6 -17.96 -14.55 -27.42
C PHE H 6 -17.28 -14.09 -28.70
N LEU H 7 -17.93 -13.18 -29.44
CA LEU H 7 -17.33 -12.65 -30.66
C LEU H 7 -16.09 -11.82 -30.35
N LYS H 8 -16.20 -10.92 -29.36
CA LYS H 8 -15.04 -10.11 -28.98
C LYS H 8 -13.94 -10.97 -28.35
N ALA H 9 -14.31 -12.02 -27.63
CA ALA H 9 -13.30 -12.90 -27.04
C ALA H 9 -12.64 -13.76 -28.11
N PHE H 10 -13.43 -14.26 -29.08
CA PHE H 10 -12.86 -15.03 -30.17
C PHE H 10 -11.90 -14.20 -31.00
N ALA H 11 -12.29 -12.95 -31.31
CA ALA H 11 -11.40 -12.06 -32.04
C ALA H 11 -10.15 -11.72 -31.26
N ALA H 12 -10.23 -11.77 -29.92
CA ALA H 12 -9.05 -11.52 -29.11
C ALA H 12 -8.02 -12.64 -29.28
N LEU H 13 -8.47 -13.89 -29.32
CA LEU H 13 -7.53 -15.00 -29.49
C LEU H 13 -6.92 -15.02 -30.89
N GLU H 14 -7.68 -14.56 -31.90
CA GLU H 14 -7.13 -14.50 -33.25
C GLU H 14 -6.01 -13.47 -33.35
N ALA H 15 -6.23 -12.28 -32.77
CA ALA H 15 -5.18 -11.27 -32.75
C ALA H 15 -4.01 -11.68 -31.86
N LEU H 16 -4.29 -12.41 -30.77
CA LEU H 16 -3.22 -12.91 -29.92
C LEU H 16 -2.37 -13.94 -30.65
N ALA H 17 -3.02 -14.81 -31.45
CA ALA H 17 -2.28 -15.82 -32.20
C ALA H 17 -1.36 -15.21 -33.24
N ALA H 18 -1.72 -14.05 -33.79
CA ALA H 18 -0.91 -13.43 -34.82
C ALA H 18 0.24 -12.60 -34.25
N LEU H 19 0.33 -12.47 -32.94
CA LEU H 19 1.42 -11.68 -32.37
C LEU H 19 2.68 -12.52 -32.22
N PRO H 20 3.84 -11.91 -32.40
CA PRO H 20 5.09 -12.61 -32.08
C PRO H 20 5.24 -12.77 -30.58
N ALA H 21 6.05 -13.76 -30.19
CA ALA H 21 6.23 -14.07 -28.78
C ALA H 21 7.00 -13.00 -28.02
N SER H 22 7.42 -11.92 -28.68
CA SER H 22 8.24 -10.90 -28.04
C SER H 22 7.45 -9.68 -27.57
N ALA H 23 6.33 -9.36 -28.21
CA ALA H 23 5.54 -8.18 -27.85
C ALA H 23 4.73 -8.46 -26.57
N LYS H 24 5.47 -8.71 -25.48
CA LYS H 24 4.84 -9.16 -24.23
C LYS H 24 3.77 -8.19 -23.76
N GLU H 25 4.03 -6.89 -23.86
CA GLU H 25 3.07 -5.89 -23.39
C GLU H 25 1.77 -5.96 -24.18
N LEU H 26 1.84 -6.31 -25.46
CA LEU H 26 0.63 -6.39 -26.28
C LEU H 26 -0.09 -7.72 -26.09
N GLN H 27 0.67 -8.81 -25.95
CA GLN H 27 0.06 -10.10 -25.66
C GLN H 27 -0.70 -10.06 -24.34
N LEU H 28 -0.09 -9.49 -23.31
CA LEU H 28 -0.74 -9.39 -22.00
C LEU H 28 -2.00 -8.54 -22.08
N GLU H 29 -1.98 -7.49 -22.88
CA GLU H 29 -3.18 -6.65 -23.04
C GLU H 29 -4.33 -7.43 -23.66
N LEU H 30 -4.03 -8.28 -24.65
CA LEU H 30 -5.08 -9.06 -25.29
C LEU H 30 -5.60 -10.15 -24.37
N ILE H 31 -4.77 -10.66 -23.45
CA ILE H 31 -5.26 -11.60 -22.45
C ILE H 31 -6.27 -10.91 -21.54
N LYS H 32 -5.98 -9.65 -21.15
CA LYS H 32 -6.92 -8.90 -20.33
C LYS H 32 -8.20 -8.61 -21.09
N GLN H 33 -8.08 -8.26 -22.38
CA GLN H 33 -9.26 -8.05 -23.20
C GLN H 33 -10.05 -9.34 -23.37
N PHE H 34 -9.36 -10.46 -23.62
CA PHE H 34 -10.05 -11.73 -23.80
C PHE H 34 -10.76 -12.17 -22.54
N MET H 35 -10.09 -12.06 -21.39
CA MET H 35 -10.68 -12.49 -20.13
C MET H 35 -11.91 -11.66 -19.79
N ALA H 36 -11.81 -10.33 -19.95
CA ALA H 36 -12.95 -9.47 -19.63
C ALA H 36 -14.18 -9.83 -20.45
N GLU H 37 -14.00 -10.30 -21.68
CA GLU H 37 -15.15 -10.69 -22.49
C GLU H 37 -15.59 -12.11 -22.18
N ALA H 38 -14.62 -13.02 -21.97
CA ALA H 38 -14.95 -14.42 -21.72
C ALA H 38 -15.70 -14.63 -20.40
N MET H 39 -15.57 -13.69 -19.45
CA MET H 39 -16.28 -13.84 -18.19
C MET H 39 -17.79 -13.73 -18.37
N LYS H 40 -18.25 -12.98 -19.37
CA LYS H 40 -19.66 -12.71 -19.56
C LYS H 40 -20.28 -13.50 -20.71
N ILE H 41 -19.73 -14.68 -20.99
CA ILE H 41 -20.24 -15.49 -22.11
C ILE H 41 -21.51 -16.21 -21.71
N GLY H 42 -21.43 -17.08 -20.70
CA GLY H 42 -22.59 -17.79 -20.21
C GLY H 42 -22.96 -19.04 -21.00
N ASN H 43 -22.17 -19.42 -22.00
CA ASN H 43 -22.42 -20.63 -22.78
C ASN H 43 -21.32 -21.64 -22.48
N LYS H 44 -21.72 -22.86 -22.14
CA LYS H 44 -20.76 -23.87 -21.73
C LYS H 44 -19.89 -24.33 -22.90
N GLU H 45 -20.45 -24.39 -24.10
CA GLU H 45 -19.66 -24.77 -25.27
C GLU H 45 -18.66 -23.69 -25.63
N GLY H 46 -19.04 -22.41 -25.50
CA GLY H 46 -18.14 -21.34 -25.89
C GLY H 46 -16.96 -21.19 -24.95
N LEU H 47 -17.20 -21.38 -23.65
CA LEU H 47 -16.10 -21.27 -22.68
C LEU H 47 -15.07 -22.36 -22.89
N LEU H 48 -15.52 -23.59 -23.16
CA LEU H 48 -14.58 -24.68 -23.38
C LEU H 48 -13.87 -24.55 -24.72
N LEU H 49 -14.55 -24.02 -25.74
CA LEU H 49 -13.91 -23.80 -27.04
C LEU H 49 -12.79 -22.76 -26.93
N LEU H 50 -13.07 -21.65 -26.25
CA LEU H 50 -12.05 -20.62 -26.08
C LEU H 50 -10.96 -21.08 -25.13
N ALA H 51 -11.30 -21.89 -24.12
CA ALA H 51 -10.28 -22.43 -23.23
C ALA H 51 -9.35 -23.37 -23.99
N GLU H 52 -9.91 -24.29 -24.78
CA GLU H 52 -9.09 -25.19 -25.59
C GLU H 52 -8.25 -24.40 -26.59
N ARG H 53 -8.84 -23.39 -27.22
CA ARG H 53 -8.07 -22.53 -28.12
C ARG H 53 -6.95 -21.82 -27.36
N LEU H 54 -7.28 -21.24 -26.20
CA LEU H 54 -6.29 -20.51 -25.41
C LEU H 54 -5.13 -21.41 -24.99
N GLU H 55 -5.43 -22.68 -24.69
CA GLU H 55 -4.36 -23.63 -24.37
C GLU H 55 -3.41 -23.81 -25.55
N ALA H 56 -3.95 -23.83 -26.77
CA ALA H 56 -3.10 -24.00 -27.95
C ALA H 56 -2.21 -22.80 -28.20
N LEU H 57 -2.50 -21.66 -27.57
CA LEU H 57 -1.66 -20.47 -27.69
C LEU H 57 -0.57 -20.40 -26.64
N LYS H 58 -0.68 -21.18 -25.57
CA LYS H 58 0.30 -21.09 -24.48
C LYS H 58 1.74 -21.31 -24.92
N PRO H 59 2.08 -22.30 -25.77
CA PRO H 59 3.47 -22.39 -26.24
C PRO H 59 3.91 -21.20 -27.07
N LYS H 60 2.98 -20.42 -27.64
CA LYS H 60 3.34 -19.31 -28.52
C LYS H 60 3.53 -18.00 -27.78
N VAL H 61 3.03 -17.86 -26.55
CA VAL H 61 3.12 -16.60 -25.83
C VAL H 61 4.46 -16.49 -25.11
N SER H 62 4.72 -15.33 -24.52
CA SER H 62 5.95 -15.14 -23.76
C SER H 62 5.96 -16.06 -22.55
N PRO H 63 7.15 -16.46 -22.09
CA PRO H 63 7.23 -17.39 -20.94
C PRO H 63 6.53 -16.88 -19.70
N GLU H 64 6.48 -15.56 -19.48
CA GLU H 64 5.82 -15.03 -18.30
C GLU H 64 4.30 -15.12 -18.42
N ILE H 65 3.76 -14.79 -19.60
CA ILE H 65 2.32 -14.84 -19.80
C ILE H 65 1.77 -16.25 -19.88
N ALA H 66 2.64 -17.26 -20.04
CA ALA H 66 2.17 -18.63 -20.20
C ALA H 66 1.48 -19.13 -18.93
N VAL H 67 2.01 -18.78 -17.76
CA VAL H 67 1.37 -19.17 -16.52
C VAL H 67 0.02 -18.48 -16.37
N LEU H 68 -0.11 -17.27 -16.90
CA LEU H 68 -1.42 -16.61 -16.90
C LEU H 68 -2.36 -17.22 -17.92
N VAL H 69 -1.84 -17.61 -19.09
CA VAL H 69 -2.66 -18.28 -20.10
C VAL H 69 -3.19 -19.59 -19.56
N GLU H 70 -2.34 -20.35 -18.85
CA GLU H 70 -2.77 -21.63 -18.31
C GLU H 70 -3.90 -21.46 -17.30
N LYS H 71 -3.72 -20.55 -16.33
CA LYS H 71 -4.77 -20.32 -15.33
C LYS H 71 -6.00 -19.69 -15.94
N ALA H 72 -5.85 -18.88 -16.99
CA ALA H 72 -7.01 -18.31 -17.66
C ALA H 72 -7.86 -19.40 -18.30
N ALA H 73 -7.22 -20.43 -18.88
CA ALA H 73 -7.98 -21.53 -19.46
C ALA H 73 -8.64 -22.38 -18.38
N GLU H 74 -7.97 -22.56 -17.24
CA GLU H 74 -8.57 -23.31 -16.15
C GLU H 74 -9.78 -22.59 -15.56
N MET H 75 -9.81 -21.27 -15.64
CA MET H 75 -10.95 -20.51 -15.13
C MET H 75 -12.17 -20.71 -16.01
N LEU H 76 -12.00 -20.57 -17.34
CA LEU H 76 -13.12 -20.73 -18.25
C LEU H 76 -13.72 -22.13 -18.16
N LYS H 77 -12.87 -23.14 -17.92
CA LYS H 77 -13.39 -24.49 -17.73
C LYS H 77 -14.11 -24.63 -16.39
N LEU H 78 -13.66 -23.90 -15.37
CA LEU H 78 -14.39 -23.88 -14.10
C LEU H 78 -15.67 -23.07 -14.20
N LEU H 79 -15.67 -22.02 -15.04
CA LEU H 79 -16.90 -21.28 -15.29
C LEU H 79 -17.94 -22.16 -15.97
N ALA H 80 -17.55 -22.84 -17.05
CA ALA H 80 -18.47 -23.72 -17.75
C ALA H 80 -18.92 -24.88 -16.87
N LYS H 81 -18.08 -25.30 -15.93
CA LYS H 81 -18.47 -26.36 -15.00
C LYS H 81 -19.51 -25.86 -14.01
N ALA H 82 -19.40 -24.61 -13.57
CA ALA H 82 -20.35 -24.02 -12.64
C ALA H 82 -21.64 -23.58 -13.31
N LEU H 83 -21.67 -23.53 -14.64
CA LEU H 83 -22.87 -23.12 -15.38
C LEU H 83 -23.84 -24.28 -15.56
N MET I 1 -31.04 -7.89 -22.26
CA MET I 1 -32.02 -6.86 -22.56
C MET I 1 -33.04 -7.33 -23.58
N SER I 2 -33.73 -8.45 -23.28
CA SER I 2 -34.71 -8.99 -24.21
C SER I 2 -35.93 -8.09 -24.32
N GLY I 3 -36.40 -7.54 -23.20
CA GLY I 3 -37.60 -6.72 -23.23
C GLY I 3 -37.40 -5.39 -23.92
N ASP I 4 -36.19 -4.82 -23.82
CA ASP I 4 -35.92 -3.55 -24.50
C ASP I 4 -35.90 -3.73 -26.01
N ASN I 5 -35.39 -4.87 -26.49
CA ASN I 5 -35.41 -5.14 -27.92
C ASN I 5 -36.84 -5.31 -28.44
N PHE I 6 -37.70 -5.94 -27.63
CA PHE I 6 -39.10 -6.09 -28.04
C PHE I 6 -39.81 -4.75 -28.12
N LEU I 7 -39.45 -3.81 -27.23
CA LEU I 7 -40.04 -2.48 -27.28
C LEU I 7 -39.71 -1.78 -28.59
N LYS I 8 -38.43 -1.80 -28.97
CA LYS I 8 -38.01 -1.09 -30.18
C LYS I 8 -38.48 -1.81 -31.44
N ALA I 9 -38.62 -3.12 -31.39
CA ALA I 9 -39.14 -3.85 -32.54
C ALA I 9 -40.63 -3.59 -32.71
N PHE I 10 -41.39 -3.59 -31.61
CA PHE I 10 -42.82 -3.29 -31.69
C PHE I 10 -43.05 -1.85 -32.14
N ALA I 11 -42.22 -0.92 -31.65
CA ALA I 11 -42.31 0.46 -32.11
C ALA I 11 -41.96 0.58 -33.58
N ALA I 12 -41.09 -0.30 -34.09
CA ALA I 12 -40.73 -0.25 -35.50
C ALA I 12 -41.92 -0.63 -36.38
N LEU I 13 -42.73 -1.60 -35.94
CA LEU I 13 -43.88 -2.00 -36.72
C LEU I 13 -44.96 -0.93 -36.72
N GLU I 14 -45.16 -0.26 -35.58
CA GLU I 14 -46.18 0.78 -35.51
C GLU I 14 -45.83 1.95 -36.42
N ALA I 15 -44.56 2.33 -36.48
CA ALA I 15 -44.13 3.36 -37.41
C ALA I 15 -44.22 2.88 -38.85
N LEU I 16 -43.97 1.59 -39.07
CA LEU I 16 -44.10 1.04 -40.42
C LEU I 16 -45.55 1.02 -40.89
N ALA I 17 -46.48 0.76 -39.97
CA ALA I 17 -47.89 0.73 -40.33
C ALA I 17 -48.41 2.11 -40.70
N ALA I 18 -47.81 3.17 -40.14
CA ALA I 18 -48.25 4.52 -40.42
C ALA I 18 -47.62 5.12 -41.67
N LEU I 19 -46.69 4.41 -42.31
CA LEU I 19 -46.06 4.94 -43.50
C LEU I 19 -46.96 4.71 -44.73
N PRO I 20 -46.94 5.64 -45.68
CA PRO I 20 -47.63 5.41 -46.96
C PRO I 20 -46.92 4.32 -47.75
N ALA I 21 -47.68 3.67 -48.64
CA ALA I 21 -47.14 2.57 -49.42
C ALA I 21 -46.07 3.00 -50.40
N SER I 22 -45.95 4.30 -50.68
CA SER I 22 -44.95 4.79 -51.62
C SER I 22 -43.61 5.09 -50.97
N ALA I 23 -43.51 4.98 -49.65
CA ALA I 23 -42.28 5.40 -48.97
C ALA I 23 -41.34 4.21 -48.82
N LYS I 24 -41.14 3.49 -49.93
CA LYS I 24 -40.36 2.25 -49.94
C LYS I 24 -39.03 2.41 -49.22
N GLU I 25 -38.37 3.56 -49.37
CA GLU I 25 -37.08 3.79 -48.72
C GLU I 25 -37.24 3.79 -47.20
N LEU I 26 -38.25 4.49 -46.70
CA LEU I 26 -38.51 4.50 -45.26
C LEU I 26 -38.99 3.14 -44.77
N GLN I 27 -39.85 2.49 -45.55
CA GLN I 27 -40.31 1.16 -45.17
C GLN I 27 -39.17 0.16 -45.12
N LEU I 28 -38.23 0.26 -46.08
CA LEU I 28 -37.05 -0.59 -46.06
C LEU I 28 -36.21 -0.35 -44.80
N GLU I 29 -35.89 0.92 -44.53
CA GLU I 29 -35.05 1.24 -43.39
C GLU I 29 -35.67 0.80 -42.08
N LEU I 30 -37.00 0.90 -41.97
CA LEU I 30 -37.67 0.46 -40.74
C LEU I 30 -37.66 -1.06 -40.61
N ILE I 31 -37.74 -1.78 -41.73
CA ILE I 31 -37.62 -3.24 -41.69
C ILE I 31 -36.26 -3.66 -41.14
N LYS I 32 -35.20 -3.00 -41.61
CA LYS I 32 -33.86 -3.32 -41.11
C LYS I 32 -33.72 -2.94 -39.64
N GLN I 33 -34.34 -1.83 -39.24
CA GLN I 33 -34.37 -1.47 -37.82
C GLN I 33 -35.18 -2.47 -37.01
N PHE I 34 -36.28 -2.96 -37.59
CA PHE I 34 -37.10 -3.95 -36.89
C PHE I 34 -36.36 -5.27 -36.72
N MET I 35 -35.76 -5.77 -37.80
CA MET I 35 -35.06 -7.05 -37.74
C MET I 35 -33.85 -6.99 -36.82
N ALA I 36 -33.11 -5.88 -36.86
CA ALA I 36 -31.95 -5.74 -35.97
C ALA I 36 -32.34 -5.87 -34.51
N GLU I 37 -33.51 -5.34 -34.15
CA GLU I 37 -34.00 -5.49 -32.78
C GLU I 37 -34.64 -6.85 -32.55
N ALA I 38 -35.30 -7.41 -33.58
CA ALA I 38 -35.98 -8.69 -33.41
C ALA I 38 -34.99 -9.84 -33.24
N MET I 39 -33.80 -9.74 -33.86
CA MET I 39 -32.80 -10.79 -33.69
C MET I 39 -32.30 -10.87 -32.25
N LYS I 40 -32.41 -9.77 -31.50
CA LYS I 40 -31.95 -9.74 -30.12
C LYS I 40 -33.03 -10.13 -29.11
N ILE I 41 -34.12 -10.73 -29.57
CA ILE I 41 -35.22 -11.13 -28.70
C ILE I 41 -35.13 -12.64 -28.45
N GLY I 42 -35.11 -13.02 -27.17
CA GLY I 42 -34.99 -14.41 -26.81
C GLY I 42 -36.27 -15.03 -26.32
N ASN I 43 -37.40 -14.36 -26.57
CA ASN I 43 -38.71 -14.85 -26.15
C ASN I 43 -39.45 -15.41 -27.35
N LYS I 44 -39.97 -16.63 -27.20
CA LYS I 44 -40.67 -17.29 -28.30
C LYS I 44 -41.99 -16.60 -28.61
N GLU I 45 -42.76 -16.24 -27.57
CA GLU I 45 -44.02 -15.54 -27.80
C GLU I 45 -43.79 -14.17 -28.43
N GLY I 46 -42.70 -13.51 -28.05
CA GLY I 46 -42.42 -12.20 -28.60
C GLY I 46 -42.11 -12.24 -30.09
N LEU I 47 -41.32 -13.23 -30.51
CA LEU I 47 -40.99 -13.36 -31.93
C LEU I 47 -42.23 -13.69 -32.76
N LEU I 48 -43.08 -14.60 -32.26
CA LEU I 48 -44.28 -14.97 -32.99
C LEU I 48 -45.30 -13.84 -33.01
N LEU I 49 -45.35 -13.03 -31.94
CA LEU I 49 -46.22 -11.86 -31.95
C LEU I 49 -45.80 -10.88 -33.03
N LEU I 50 -44.52 -10.54 -33.08
CA LEU I 50 -44.03 -9.58 -34.07
C LEU I 50 -44.10 -10.14 -35.48
N ALA I 51 -43.88 -11.45 -35.65
CA ALA I 51 -43.95 -12.05 -36.98
C ALA I 51 -45.36 -11.99 -37.54
N GLU I 52 -46.37 -12.21 -36.71
CA GLU I 52 -47.74 -12.15 -37.19
C GLU I 52 -48.17 -10.71 -37.43
N ARG I 53 -47.70 -9.79 -36.58
CA ARG I 53 -47.96 -8.37 -36.81
C ARG I 53 -47.25 -7.89 -38.09
N LEU I 54 -46.05 -8.39 -38.34
CA LEU I 54 -45.34 -8.03 -39.57
C LEU I 54 -46.06 -8.57 -40.79
N GLU I 55 -46.64 -9.76 -40.69
CA GLU I 55 -47.43 -10.31 -41.78
C GLU I 55 -48.65 -9.44 -42.07
N ALA I 56 -49.25 -8.84 -41.03
CA ALA I 56 -50.41 -8.00 -41.24
C ALA I 56 -50.07 -6.73 -42.01
N LEU I 57 -48.83 -6.28 -41.93
CA LEU I 57 -48.39 -5.08 -42.62
C LEU I 57 -47.94 -5.34 -44.06
N LYS I 58 -47.95 -6.59 -44.50
CA LYS I 58 -47.48 -6.90 -45.86
C LYS I 58 -48.31 -6.25 -46.96
N PRO I 59 -49.66 -6.25 -46.91
CA PRO I 59 -50.41 -5.53 -47.95
C PRO I 59 -50.24 -4.02 -47.89
N LYS I 60 -49.77 -3.48 -46.77
CA LYS I 60 -49.64 -2.04 -46.58
C LYS I 60 -48.26 -1.51 -46.96
N VAL I 61 -47.39 -2.36 -47.51
CA VAL I 61 -46.03 -1.98 -47.81
C VAL I 61 -45.86 -1.88 -49.32
N SER I 62 -44.76 -1.25 -49.74
CA SER I 62 -44.46 -1.15 -51.16
C SER I 62 -44.26 -2.55 -51.74
N PRO I 63 -44.76 -2.81 -52.96
CA PRO I 63 -44.68 -4.18 -53.52
C PRO I 63 -43.26 -4.75 -53.56
N GLU I 64 -42.27 -3.90 -53.72
CA GLU I 64 -40.89 -4.37 -53.72
C GLU I 64 -40.49 -4.99 -52.40
N ILE I 65 -41.11 -4.53 -51.30
CA ILE I 65 -40.76 -4.96 -49.97
C ILE I 65 -41.63 -6.13 -49.46
N ALA I 66 -42.83 -6.30 -49.99
CA ALA I 66 -43.74 -7.35 -49.54
C ALA I 66 -43.09 -8.74 -49.53
N VAL I 67 -42.19 -9.00 -50.47
CA VAL I 67 -41.38 -10.22 -50.42
C VAL I 67 -40.44 -10.19 -49.23
N LEU I 68 -39.80 -9.04 -48.98
CA LEU I 68 -38.87 -8.93 -47.86
C LEU I 68 -39.59 -9.03 -46.52
N VAL I 69 -40.82 -8.51 -46.44
CA VAL I 69 -41.62 -8.65 -45.23
C VAL I 69 -41.99 -10.11 -45.01
N GLU I 70 -42.29 -10.84 -46.09
CA GLU I 70 -42.69 -12.23 -45.96
C GLU I 70 -41.55 -13.08 -45.40
N LYS I 71 -40.33 -12.88 -45.91
CA LYS I 71 -39.20 -13.67 -45.45
C LYS I 71 -38.74 -13.24 -44.06
N ALA I 72 -39.01 -11.98 -43.67
CA ALA I 72 -38.67 -11.54 -42.33
C ALA I 72 -39.56 -12.20 -41.28
N ALA I 73 -40.87 -12.21 -41.53
CA ALA I 73 -41.77 -12.93 -40.64
C ALA I 73 -41.46 -14.42 -40.65
N GLU I 74 -41.05 -14.97 -41.79
CA GLU I 74 -40.61 -16.36 -41.85
C GLU I 74 -39.40 -16.58 -40.96
N MET I 75 -38.44 -15.65 -40.98
CA MET I 75 -37.22 -15.80 -40.19
C MET I 75 -37.53 -15.77 -38.70
N LEU I 76 -38.40 -14.84 -38.27
CA LEU I 76 -38.73 -14.74 -36.85
C LEU I 76 -39.45 -15.98 -36.36
N LYS I 77 -40.23 -16.64 -37.23
CA LYS I 77 -40.86 -17.90 -36.84
C LYS I 77 -39.80 -19.00 -36.68
N LEU I 78 -38.88 -19.09 -37.63
CA LEU I 78 -37.81 -20.09 -37.54
C LEU I 78 -36.93 -19.85 -36.31
N LEU I 79 -36.74 -18.58 -35.93
CA LEU I 79 -36.00 -18.29 -34.71
C LEU I 79 -36.75 -18.79 -33.47
N ALA I 80 -38.05 -18.53 -33.40
CA ALA I 80 -38.83 -18.95 -32.24
C ALA I 80 -38.85 -20.46 -32.10
N LYS I 81 -38.87 -21.18 -33.23
CA LYS I 81 -38.85 -22.64 -33.16
C LYS I 81 -37.49 -23.15 -32.71
N ALA I 82 -36.42 -22.49 -33.12
CA ALA I 82 -35.07 -22.88 -32.72
C ALA I 82 -34.75 -22.53 -31.27
N LEU I 83 -35.46 -21.58 -30.68
CA LEU I 83 -35.24 -21.19 -29.30
C LEU I 83 -35.80 -22.23 -28.33
N SER J 2 -23.01 0.50 -43.72
CA SER J 2 -22.19 0.96 -42.61
C SER J 2 -21.02 0.00 -42.38
N GLY J 3 -19.80 0.54 -42.48
CA GLY J 3 -18.62 -0.30 -42.43
C GLY J 3 -18.43 -1.00 -41.09
N ASP J 4 -18.74 -0.29 -40.01
CA ASP J 4 -18.64 -0.90 -38.68
C ASP J 4 -19.57 -2.10 -38.55
N ASN J 5 -20.73 -2.07 -39.19
CA ASN J 5 -21.64 -3.20 -39.14
C ASN J 5 -21.16 -4.36 -39.99
N PHE J 6 -20.54 -4.06 -41.14
CA PHE J 6 -19.90 -5.12 -41.92
C PHE J 6 -18.79 -5.78 -41.12
N LEU J 7 -18.01 -4.99 -40.38
CA LEU J 7 -16.93 -5.56 -39.58
C LEU J 7 -17.45 -6.50 -38.51
N LYS J 8 -18.47 -6.08 -37.76
CA LYS J 8 -19.02 -6.96 -36.73
C LYS J 8 -19.73 -8.16 -37.34
N ALA J 9 -20.37 -7.99 -38.50
CA ALA J 9 -21.01 -9.12 -39.15
C ALA J 9 -19.98 -10.09 -39.73
N PHE J 10 -18.91 -9.56 -40.32
CA PHE J 10 -17.84 -10.42 -40.82
C PHE J 10 -17.19 -11.20 -39.70
N ALA J 11 -16.96 -10.55 -38.56
CA ALA J 11 -16.39 -11.26 -37.40
C ALA J 11 -17.35 -12.32 -36.90
N ALA J 12 -18.65 -12.10 -37.02
CA ALA J 12 -19.62 -13.10 -36.59
C ALA J 12 -19.53 -14.36 -37.45
N LEU J 13 -19.30 -14.20 -38.75
CA LEU J 13 -19.16 -15.37 -39.63
C LEU J 13 -17.85 -16.10 -39.38
N GLU J 14 -16.77 -15.35 -39.09
CA GLU J 14 -15.49 -15.99 -38.82
C GLU J 14 -15.58 -16.87 -37.58
N ALA J 15 -16.24 -16.39 -36.53
CA ALA J 15 -16.42 -17.20 -35.33
C ALA J 15 -17.40 -18.34 -35.56
N LEU J 16 -18.44 -18.09 -36.36
CA LEU J 16 -19.41 -19.13 -36.66
C LEU J 16 -18.78 -20.26 -37.45
N ALA J 17 -17.86 -19.94 -38.37
CA ALA J 17 -17.21 -20.97 -39.17
C ALA J 17 -16.25 -21.82 -38.34
N ALA J 18 -15.74 -21.27 -37.24
CA ALA J 18 -14.81 -21.98 -36.38
C ALA J 18 -15.52 -22.83 -35.32
N LEU J 19 -16.84 -22.80 -35.26
CA LEU J 19 -17.55 -23.57 -34.25
C LEU J 19 -17.74 -25.02 -34.71
N PRO J 20 -17.77 -25.96 -33.76
CA PRO J 20 -18.12 -27.34 -34.11
C PRO J 20 -19.58 -27.44 -34.53
N ALA J 21 -19.86 -28.48 -35.31
CA ALA J 21 -21.22 -28.69 -35.80
C ALA J 21 -22.21 -28.99 -34.68
N SER J 22 -21.74 -29.34 -33.49
CA SER J 22 -22.61 -29.70 -32.39
C SER J 22 -23.05 -28.51 -31.54
N ALA J 23 -22.33 -27.39 -31.61
CA ALA J 23 -22.64 -26.22 -30.79
C ALA J 23 -23.84 -25.49 -31.37
N LYS J 24 -25.01 -26.12 -31.21
CA LYS J 24 -26.25 -25.57 -31.75
C LYS J 24 -26.58 -24.21 -31.13
N GLU J 25 -26.51 -24.13 -29.80
CA GLU J 25 -26.92 -22.91 -29.10
C GLU J 25 -26.03 -21.74 -29.47
N LEU J 26 -24.73 -21.97 -29.61
CA LEU J 26 -23.82 -20.89 -29.95
C LEU J 26 -23.92 -20.52 -31.43
N GLN J 27 -24.13 -21.51 -32.30
CA GLN J 27 -24.37 -21.22 -33.71
C GLN J 27 -25.62 -20.38 -33.89
N LEU J 28 -26.67 -20.68 -33.13
CA LEU J 28 -27.90 -19.90 -33.20
C LEU J 28 -27.69 -18.47 -32.70
N GLU J 29 -26.87 -18.32 -31.65
CA GLU J 29 -26.66 -16.99 -31.08
C GLU J 29 -25.80 -16.11 -31.99
N LEU J 30 -24.80 -16.70 -32.65
CA LEU J 30 -23.97 -15.92 -33.55
C LEU J 30 -24.73 -15.48 -34.79
N ILE J 31 -25.71 -16.28 -35.23
CA ILE J 31 -26.53 -15.88 -36.37
C ILE J 31 -27.39 -14.68 -36.00
N LYS J 32 -28.02 -14.72 -34.82
CA LYS J 32 -28.76 -13.56 -34.34
C LYS J 32 -27.85 -12.35 -34.23
N GLN J 33 -26.59 -12.56 -33.80
CA GLN J 33 -25.63 -11.46 -33.76
C GLN J 33 -25.24 -11.03 -35.17
N PHE J 34 -25.03 -11.99 -36.08
CA PHE J 34 -24.65 -11.67 -37.44
C PHE J 34 -25.74 -10.86 -38.15
N MET J 35 -26.99 -11.32 -38.05
CA MET J 35 -28.08 -10.64 -38.72
C MET J 35 -28.30 -9.25 -38.14
N ALA J 36 -28.25 -9.11 -36.81
CA ALA J 36 -28.45 -7.81 -36.18
C ALA J 36 -27.46 -6.77 -36.69
N GLU J 37 -26.27 -7.20 -37.10
CA GLU J 37 -25.29 -6.30 -37.71
C GLU J 37 -25.43 -6.23 -39.22
N ALA J 38 -25.74 -7.36 -39.86
CA ALA J 38 -25.91 -7.37 -41.32
C ALA J 38 -27.15 -6.58 -41.76
N MET J 39 -28.13 -6.39 -40.87
CA MET J 39 -29.30 -5.59 -41.24
C MET J 39 -28.94 -4.12 -41.43
N LYS J 40 -27.97 -3.62 -40.68
CA LYS J 40 -27.60 -2.20 -40.71
C LYS J 40 -26.51 -1.90 -41.74
N ILE J 41 -26.32 -2.77 -42.72
CA ILE J 41 -25.35 -2.57 -43.79
C ILE J 41 -26.09 -2.01 -45.00
N GLY J 42 -25.58 -0.90 -45.55
CA GLY J 42 -26.22 -0.27 -46.68
C GLY J 42 -25.45 -0.39 -47.97
N ASN J 43 -24.67 -1.45 -48.11
CA ASN J 43 -23.83 -1.68 -49.28
C ASN J 43 -24.21 -3.01 -49.91
N LYS J 44 -24.42 -3.00 -51.23
CA LYS J 44 -24.80 -4.22 -51.93
C LYS J 44 -23.68 -5.26 -51.89
N GLU J 45 -22.44 -4.84 -52.19
CA GLU J 45 -21.34 -5.79 -52.20
C GLU J 45 -21.08 -6.40 -50.84
N GLY J 46 -21.30 -5.64 -49.76
CA GLY J 46 -21.15 -6.20 -48.43
C GLY J 46 -22.18 -7.26 -48.12
N LEU J 47 -23.44 -6.99 -48.47
CA LEU J 47 -24.50 -7.96 -48.19
C LEU J 47 -24.32 -9.24 -49.01
N LEU J 48 -23.95 -9.10 -50.29
CA LEU J 48 -23.76 -10.27 -51.13
C LEU J 48 -22.48 -11.03 -50.77
N LEU J 49 -21.46 -10.31 -50.29
CA LEU J 49 -20.25 -10.99 -49.82
C LEU J 49 -20.56 -11.87 -48.62
N LEU J 50 -21.26 -11.31 -47.63
CA LEU J 50 -21.61 -12.08 -46.43
C LEU J 50 -22.59 -13.19 -46.76
N ALA J 51 -23.57 -12.92 -47.62
CA ALA J 51 -24.51 -13.96 -48.04
C ALA J 51 -23.78 -15.09 -48.75
N GLU J 52 -22.74 -14.77 -49.52
CA GLU J 52 -21.94 -15.80 -50.15
C GLU J 52 -21.15 -16.60 -49.11
N ARG J 53 -20.51 -15.92 -48.16
CA ARG J 53 -19.78 -16.62 -47.11
C ARG J 53 -20.71 -17.40 -46.21
N LEU J 54 -21.90 -16.84 -45.92
CA LEU J 54 -22.86 -17.54 -45.08
C LEU J 54 -23.29 -18.86 -45.70
N GLU J 55 -23.48 -18.89 -47.02
CA GLU J 55 -23.83 -20.12 -47.70
C GLU J 55 -22.70 -21.15 -47.63
N ALA J 56 -21.44 -20.69 -47.55
CA ALA J 56 -20.32 -21.61 -47.46
C ALA J 56 -20.21 -22.27 -46.09
N LEU J 57 -20.86 -21.72 -45.08
CA LEU J 57 -20.87 -22.28 -43.74
C LEU J 57 -22.00 -23.27 -43.51
N LYS J 58 -23.00 -23.30 -44.39
CA LYS J 58 -24.17 -24.16 -44.18
C LYS J 58 -23.82 -25.64 -44.09
N PRO J 59 -22.92 -26.20 -44.89
CA PRO J 59 -22.59 -27.63 -44.73
C PRO J 59 -21.99 -27.97 -43.38
N LYS J 60 -21.41 -27.01 -42.66
CA LYS J 60 -20.71 -27.29 -41.42
C LYS J 60 -21.56 -27.07 -40.17
N VAL J 61 -22.77 -26.54 -40.30
CA VAL J 61 -23.62 -26.25 -39.16
C VAL J 61 -24.64 -27.37 -38.98
N SER J 62 -25.36 -27.33 -37.87
CA SER J 62 -26.36 -28.34 -37.58
C SER J 62 -27.52 -28.24 -38.57
N PRO J 63 -28.21 -29.35 -38.85
CA PRO J 63 -29.33 -29.30 -39.80
C PRO J 63 -30.40 -28.29 -39.42
N GLU J 64 -30.71 -28.14 -38.14
CA GLU J 64 -31.67 -27.13 -37.73
C GLU J 64 -31.13 -25.72 -37.96
N ILE J 65 -29.83 -25.54 -37.80
CA ILE J 65 -29.21 -24.24 -38.02
C ILE J 65 -29.05 -23.96 -39.51
N ALA J 66 -28.92 -25.01 -40.32
CA ALA J 66 -28.74 -24.84 -41.76
C ALA J 66 -29.94 -24.14 -42.41
N VAL J 67 -31.14 -24.38 -41.88
CA VAL J 67 -32.33 -23.74 -42.43
C VAL J 67 -32.31 -22.24 -42.14
N LEU J 68 -31.75 -21.84 -40.99
CA LEU J 68 -31.63 -20.43 -40.66
C LEU J 68 -30.49 -19.77 -41.41
N VAL J 69 -29.37 -20.50 -41.57
CA VAL J 69 -28.26 -20.00 -42.39
C VAL J 69 -28.74 -19.74 -43.82
N GLU J 70 -29.56 -20.65 -44.35
CA GLU J 70 -30.08 -20.50 -45.71
C GLU J 70 -30.98 -19.27 -45.83
N LYS J 71 -32.00 -19.18 -44.97
CA LYS J 71 -32.94 -18.07 -45.08
C LYS J 71 -32.27 -16.74 -44.76
N ALA J 72 -31.22 -16.74 -43.94
CA ALA J 72 -30.47 -15.52 -43.70
C ALA J 72 -29.67 -15.08 -44.92
N ALA J 73 -29.14 -16.05 -45.69
CA ALA J 73 -28.46 -15.69 -46.93
C ALA J 73 -29.44 -15.14 -47.95
N GLU J 74 -30.65 -15.72 -48.01
CA GLU J 74 -31.67 -15.23 -48.92
C GLU J 74 -32.16 -13.85 -48.51
N MET J 75 -32.23 -13.58 -47.21
CA MET J 75 -32.61 -12.25 -46.73
C MET J 75 -31.63 -11.19 -47.21
N LEU J 76 -30.33 -11.47 -47.08
CA LEU J 76 -29.32 -10.49 -47.48
C LEU J 76 -29.31 -10.25 -48.98
N LYS J 77 -29.70 -11.26 -49.77
CA LYS J 77 -29.78 -11.07 -51.22
C LYS J 77 -30.97 -10.18 -51.59
N LEU J 78 -32.15 -10.48 -51.04
CA LEU J 78 -33.29 -9.59 -51.23
C LEU J 78 -33.00 -8.19 -50.68
N LEU J 79 -32.18 -8.12 -49.62
CA LEU J 79 -31.83 -6.82 -49.05
C LEU J 79 -30.98 -6.01 -50.01
N ALA J 80 -29.98 -6.65 -50.64
CA ALA J 80 -29.15 -5.94 -51.60
C ALA J 80 -29.94 -5.55 -52.85
N LYS J 81 -30.89 -6.39 -53.25
CA LYS J 81 -31.74 -6.04 -54.38
C LYS J 81 -32.59 -4.81 -54.07
N ALA J 82 -33.06 -4.70 -52.82
CA ALA J 82 -33.94 -3.61 -52.43
C ALA J 82 -33.23 -2.26 -52.34
N LEU J 83 -31.95 -2.26 -52.00
CA LEU J 83 -31.21 -1.01 -51.85
C LEU J 83 -31.01 -0.29 -53.18
N MET K 1 -2.90 9.31 -20.65
CA MET K 1 -2.91 10.11 -21.87
C MET K 1 -4.30 10.10 -22.51
N SER K 2 -5.15 11.03 -22.07
CA SER K 2 -6.51 11.12 -22.58
C SER K 2 -6.54 11.60 -24.03
N GLY K 3 -6.37 12.91 -24.23
CA GLY K 3 -6.43 13.47 -25.56
C GLY K 3 -7.81 13.98 -25.92
N ASP K 4 -8.80 13.08 -25.90
CA ASP K 4 -10.17 13.49 -26.15
C ASP K 4 -10.71 14.34 -25.01
N ASN K 5 -10.32 14.03 -23.76
CA ASN K 5 -10.72 14.88 -22.64
C ASN K 5 -10.09 16.26 -22.74
N PHE K 6 -8.89 16.36 -23.31
CA PHE K 6 -8.30 17.67 -23.54
C PHE K 6 -9.08 18.48 -24.57
N LEU K 7 -9.66 17.80 -25.57
CA LEU K 7 -10.44 18.50 -26.59
C LEU K 7 -11.72 19.09 -26.00
N LYS K 8 -12.45 18.29 -25.21
CA LYS K 8 -13.68 18.78 -24.61
C LYS K 8 -13.40 19.87 -23.59
N ALA K 9 -12.31 19.75 -22.83
CA ALA K 9 -11.94 20.77 -21.87
C ALA K 9 -11.53 22.07 -22.56
N PHE K 10 -10.72 21.95 -23.62
CA PHE K 10 -10.32 23.14 -24.38
C PHE K 10 -11.53 23.80 -25.03
N ALA K 11 -12.45 23.00 -25.56
CA ALA K 11 -13.68 23.56 -26.13
C ALA K 11 -14.54 24.21 -25.05
N ALA K 12 -14.45 23.74 -23.81
CA ALA K 12 -15.24 24.34 -22.73
C ALA K 12 -14.70 25.73 -22.38
N LEU K 13 -13.39 25.92 -22.45
CA LEU K 13 -12.82 27.24 -22.19
C LEU K 13 -13.13 28.21 -23.32
N GLU K 14 -13.19 27.72 -24.56
CA GLU K 14 -13.53 28.58 -25.68
C GLU K 14 -14.98 29.06 -25.59
N ALA K 15 -15.90 28.15 -25.24
CA ALA K 15 -17.28 28.55 -25.03
C ALA K 15 -17.42 29.44 -23.80
N LEU K 16 -16.56 29.23 -22.79
CA LEU K 16 -16.60 30.07 -21.60
C LEU K 16 -16.12 31.48 -21.90
N ALA K 17 -15.11 31.62 -22.76
CA ALA K 17 -14.58 32.93 -23.10
C ALA K 17 -15.55 33.76 -23.94
N ALA K 18 -16.47 33.11 -24.65
CA ALA K 18 -17.42 33.82 -25.50
C ALA K 18 -18.68 34.26 -24.76
N LEU K 19 -18.88 33.79 -23.54
CA LEU K 19 -20.06 34.17 -22.78
C LEU K 19 -19.91 35.58 -22.22
N PRO K 20 -21.02 36.31 -22.07
CA PRO K 20 -20.96 37.59 -21.36
C PRO K 20 -20.74 37.36 -19.87
N ALA K 21 -20.21 38.40 -19.21
CA ALA K 21 -19.95 38.31 -17.78
C ALA K 21 -21.22 38.16 -16.95
N SER K 22 -22.38 38.48 -17.52
CA SER K 22 -23.64 38.40 -16.80
C SER K 22 -24.22 36.99 -16.77
N ALA K 23 -23.67 36.05 -17.53
CA ALA K 23 -24.17 34.68 -17.59
C ALA K 23 -23.38 33.79 -16.65
N LYS K 24 -23.38 34.17 -15.37
CA LYS K 24 -22.70 33.38 -14.34
C LYS K 24 -23.24 31.96 -14.28
N GLU K 25 -24.48 31.77 -14.74
CA GLU K 25 -25.15 30.48 -14.67
C GLU K 25 -24.62 29.52 -15.73
N LEU K 26 -24.47 30.00 -16.97
CA LEU K 26 -23.78 29.22 -17.99
C LEU K 26 -22.30 29.11 -17.68
N GLN K 27 -21.72 30.17 -17.11
CA GLN K 27 -20.31 30.12 -16.73
C GLN K 27 -20.06 29.03 -15.69
N LEU K 28 -20.92 28.96 -14.67
CA LEU K 28 -20.80 27.91 -13.67
C LEU K 28 -20.99 26.54 -14.30
N GLU K 29 -21.91 26.43 -15.26
CA GLU K 29 -22.18 25.13 -15.87
C GLU K 29 -21.03 24.69 -16.77
N LEU K 30 -20.44 25.62 -17.52
CA LEU K 30 -19.31 25.26 -18.38
C LEU K 30 -18.07 24.93 -17.57
N ILE K 31 -17.89 25.60 -16.43
CA ILE K 31 -16.76 25.28 -15.55
C ILE K 31 -16.91 23.86 -15.01
N LYS K 32 -18.12 23.49 -14.60
CA LYS K 32 -18.37 22.12 -14.16
C LYS K 32 -18.11 21.13 -15.30
N GLN K 33 -18.47 21.50 -16.52
CA GLN K 33 -18.14 20.67 -17.68
C GLN K 33 -16.64 20.62 -17.92
N PHE K 34 -15.98 21.79 -17.83
CA PHE K 34 -14.53 21.84 -18.05
C PHE K 34 -13.78 21.04 -17.01
N MET K 35 -14.18 21.16 -15.73
CA MET K 35 -13.48 20.44 -14.68
C MET K 35 -13.72 18.93 -14.79
N ALA K 36 -14.91 18.52 -15.22
CA ALA K 36 -15.18 17.10 -15.38
C ALA K 36 -14.29 16.47 -16.46
N GLU K 37 -13.93 17.24 -17.47
CA GLU K 37 -13.06 16.75 -18.53
C GLU K 37 -11.58 16.97 -18.21
N ALA K 38 -11.24 18.11 -17.61
CA ALA K 38 -9.86 18.36 -17.24
C ALA K 38 -9.37 17.39 -16.18
N MET K 39 -10.28 16.86 -15.37
CA MET K 39 -9.90 15.91 -14.33
C MET K 39 -9.51 14.55 -14.89
N LYS K 40 -9.85 14.27 -16.15
CA LYS K 40 -9.51 12.99 -16.77
C LYS K 40 -8.29 13.10 -17.67
N ILE K 41 -7.47 14.13 -17.51
CA ILE K 41 -6.31 14.36 -18.36
C ILE K 41 -5.07 13.92 -17.61
N GLY K 42 -4.30 13.03 -18.22
CA GLY K 42 -3.08 12.52 -17.61
C GLY K 42 -1.84 13.13 -18.22
N ASN K 43 -1.98 14.30 -18.83
CA ASN K 43 -0.88 15.01 -19.46
C ASN K 43 -0.60 16.28 -18.68
N LYS K 44 0.62 16.40 -18.16
CA LYS K 44 0.95 17.54 -17.31
C LYS K 44 0.94 18.85 -18.09
N GLU K 45 1.53 18.86 -19.29
CA GLU K 45 1.57 20.09 -20.07
C GLU K 45 0.17 20.55 -20.47
N GLY K 46 -0.74 19.60 -20.70
CA GLY K 46 -2.11 19.97 -21.02
C GLY K 46 -2.83 20.61 -19.84
N LEU K 47 -2.64 20.03 -18.64
CA LEU K 47 -3.26 20.60 -17.45
C LEU K 47 -2.75 22.01 -17.19
N LEU K 48 -1.47 22.24 -17.43
CA LEU K 48 -0.91 23.59 -17.24
C LEU K 48 -1.37 24.54 -18.35
N LEU K 49 -1.58 24.02 -19.57
CA LEU K 49 -2.08 24.87 -20.65
C LEU K 49 -3.50 25.32 -20.37
N LEU K 50 -4.36 24.40 -19.93
CA LEU K 50 -5.74 24.76 -19.64
C LEU K 50 -5.81 25.65 -18.40
N ALA K 51 -4.97 25.38 -17.39
CA ALA K 51 -4.96 26.21 -16.20
C ALA K 51 -4.57 27.64 -16.52
N GLU K 52 -3.53 27.82 -17.33
CA GLU K 52 -3.13 29.17 -17.73
C GLU K 52 -4.22 29.83 -18.57
N ARG K 53 -4.79 29.09 -19.52
CA ARG K 53 -5.87 29.63 -20.34
C ARG K 53 -7.11 29.91 -19.50
N LEU K 54 -7.29 29.18 -18.41
CA LEU K 54 -8.43 29.43 -17.52
C LEU K 54 -8.21 30.67 -16.68
N GLU K 55 -6.97 30.88 -16.21
CA GLU K 55 -6.66 32.08 -15.44
C GLU K 55 -6.87 33.35 -16.25
N ALA K 56 -6.60 33.29 -17.56
CA ALA K 56 -6.78 34.45 -18.41
C ALA K 56 -8.24 34.87 -18.54
N LEU K 57 -9.18 33.96 -18.28
CA LEU K 57 -10.59 34.26 -18.38
C LEU K 57 -11.20 34.76 -17.08
N LYS K 58 -10.39 34.91 -16.03
CA LYS K 58 -10.90 35.42 -14.76
C LYS K 58 -11.47 36.83 -14.86
N PRO K 59 -10.82 37.80 -15.52
CA PRO K 59 -11.43 39.13 -15.61
C PRO K 59 -12.74 39.18 -16.39
N LYS K 60 -13.00 38.20 -17.25
CA LYS K 60 -14.18 38.21 -18.11
C LYS K 60 -15.37 37.48 -17.52
N VAL K 61 -15.27 36.98 -16.29
CA VAL K 61 -16.37 36.29 -15.65
C VAL K 61 -16.86 37.10 -14.46
N SER K 62 -18.02 36.73 -13.94
CA SER K 62 -18.58 37.42 -12.78
C SER K 62 -17.69 37.22 -11.56
N PRO K 63 -17.59 38.22 -10.68
CA PRO K 63 -16.73 38.08 -9.51
C PRO K 63 -17.10 36.92 -8.61
N GLU K 64 -18.37 36.51 -8.61
CA GLU K 64 -18.77 35.32 -7.84
C GLU K 64 -18.17 34.05 -8.43
N ILE K 65 -18.02 34.02 -9.76
CA ILE K 65 -17.44 32.85 -10.41
C ILE K 65 -15.92 32.89 -10.40
N ALA K 66 -15.33 34.08 -10.29
CA ALA K 66 -13.88 34.22 -10.39
C ALA K 66 -13.15 33.37 -9.36
N VAL K 67 -13.71 33.23 -8.15
CA VAL K 67 -13.07 32.41 -7.14
C VAL K 67 -13.14 30.94 -7.51
N LEU K 68 -14.15 30.55 -8.30
CA LEU K 68 -14.20 29.20 -8.83
C LEU K 68 -13.17 29.01 -9.91
N VAL K 69 -12.96 30.03 -10.75
CA VAL K 69 -11.92 29.96 -11.77
C VAL K 69 -10.55 29.87 -11.14
N GLU K 70 -10.34 30.58 -10.02
CA GLU K 70 -9.05 30.53 -9.34
C GLU K 70 -8.78 29.15 -8.76
N LYS K 71 -9.79 28.57 -8.08
CA LYS K 71 -9.61 27.26 -7.49
C LYS K 71 -9.50 26.17 -8.55
N ALA K 72 -10.22 26.31 -9.66
CA ALA K 72 -10.15 25.32 -10.72
C ALA K 72 -8.75 25.26 -11.32
N ALA K 73 -8.21 26.41 -11.71
CA ALA K 73 -6.86 26.45 -12.27
C ALA K 73 -5.83 26.02 -11.25
N GLU K 74 -6.00 26.43 -9.99
CA GLU K 74 -5.08 26.04 -8.93
C GLU K 74 -5.07 24.53 -8.73
N MET K 75 -6.23 23.89 -8.91
CA MET K 75 -6.30 22.44 -8.75
C MET K 75 -5.68 21.71 -9.94
N LEU K 76 -5.84 22.26 -11.16
CA LEU K 76 -5.22 21.64 -12.32
C LEU K 76 -3.71 21.63 -12.19
N LYS K 77 -3.13 22.69 -11.60
CA LYS K 77 -1.69 22.70 -11.38
C LYS K 77 -1.28 21.69 -10.31
N LEU K 78 -2.08 21.57 -9.26
CA LEU K 78 -1.81 20.54 -8.25
C LEU K 78 -1.94 19.15 -8.84
N LEU K 79 -2.93 18.94 -9.72
CA LEU K 79 -3.06 17.65 -10.38
C LEU K 79 -1.88 17.39 -11.31
N ALA K 80 -1.45 18.42 -12.05
CA ALA K 80 -0.29 18.28 -12.92
C ALA K 80 0.97 17.95 -12.12
N LYS K 81 1.11 18.55 -10.94
CA LYS K 81 2.28 18.26 -10.11
C LYS K 81 2.23 16.86 -9.52
N ALA K 82 1.02 16.33 -9.29
CA ALA K 82 0.88 14.99 -8.75
C ALA K 82 1.14 13.90 -9.79
N LEU K 83 1.09 14.23 -11.07
CA LEU K 83 1.35 13.25 -12.13
C LEU K 83 2.84 13.05 -12.33
N MET L 1 -30.00 17.89 -11.32
CA MET L 1 -30.26 16.81 -10.39
C MET L 1 -30.02 15.45 -11.06
N SER L 2 -28.84 14.88 -10.82
CA SER L 2 -28.44 13.60 -11.42
C SER L 2 -27.82 12.74 -10.31
N GLY L 3 -28.67 11.93 -9.67
CA GLY L 3 -28.19 11.04 -8.63
C GLY L 3 -27.23 9.98 -9.12
N ASP L 4 -27.21 9.73 -10.44
CA ASP L 4 -26.26 8.76 -10.98
C ASP L 4 -24.82 9.22 -10.78
N ASN L 5 -24.55 10.51 -10.99
CA ASN L 5 -23.22 11.03 -10.71
C ASN L 5 -22.92 11.00 -9.21
N PHE L 6 -23.94 11.14 -8.37
CA PHE L 6 -23.72 11.04 -6.93
C PHE L 6 -23.38 9.61 -6.52
N LEU L 7 -23.95 8.61 -7.20
CA LEU L 7 -23.64 7.22 -6.87
C LEU L 7 -22.19 6.89 -7.19
N LYS L 8 -21.72 7.26 -8.38
CA LYS L 8 -20.33 7.00 -8.74
C LYS L 8 -19.38 7.76 -7.82
N ALA L 9 -19.70 9.02 -7.51
CA ALA L 9 -18.83 9.81 -6.65
C ALA L 9 -18.81 9.27 -5.23
N PHE L 10 -19.96 8.85 -4.72
CA PHE L 10 -20.00 8.22 -3.39
C PHE L 10 -19.25 6.90 -3.40
N ALA L 11 -19.36 6.13 -4.48
CA ALA L 11 -18.63 4.87 -4.58
C ALA L 11 -17.13 5.11 -4.69
N ALA L 12 -16.72 6.25 -5.25
CA ALA L 12 -15.30 6.56 -5.34
C ALA L 12 -14.71 6.81 -3.96
N LEU L 13 -15.44 7.50 -3.09
CA LEU L 13 -14.94 7.77 -1.74
C LEU L 13 -14.86 6.50 -0.92
N GLU L 14 -15.79 5.57 -1.11
CA GLU L 14 -15.77 4.33 -0.34
C GLU L 14 -14.56 3.47 -0.73
N ALA L 15 -14.27 3.38 -2.02
CA ALA L 15 -13.07 2.67 -2.45
C ALA L 15 -11.80 3.42 -2.05
N LEU L 16 -11.85 4.76 -2.07
CA LEU L 16 -10.71 5.55 -1.61
C LEU L 16 -10.46 5.33 -0.12
N ALA L 17 -11.52 5.14 0.67
CA ALA L 17 -11.36 4.91 2.10
C ALA L 17 -10.70 3.58 2.40
N ALA L 18 -10.90 2.58 1.53
CA ALA L 18 -10.34 1.25 1.77
C ALA L 18 -8.90 1.12 1.28
N LEU L 19 -8.36 2.13 0.62
CA LEU L 19 -7.00 2.03 0.12
C LEU L 19 -5.99 2.31 1.24
N PRO L 20 -4.82 1.69 1.18
CA PRO L 20 -3.75 2.05 2.12
C PRO L 20 -3.19 3.43 1.78
N ALA L 21 -2.63 4.07 2.80
CA ALA L 21 -2.09 5.42 2.64
C ALA L 21 -0.89 5.46 1.69
N SER L 22 -0.34 4.32 1.30
CA SER L 22 0.80 4.27 0.41
C SER L 22 0.42 4.18 -1.06
N ALA L 23 -0.79 3.69 -1.38
CA ALA L 23 -1.23 3.56 -2.75
C ALA L 23 -1.47 4.93 -3.38
N LYS L 24 -0.40 5.66 -3.67
CA LYS L 24 -0.54 7.05 -4.12
C LYS L 24 -1.23 7.13 -5.48
N GLU L 25 -0.84 6.28 -6.43
CA GLU L 25 -1.41 6.37 -7.77
C GLU L 25 -2.85 5.88 -7.81
N LEU L 26 -3.19 4.89 -6.98
CA LEU L 26 -4.58 4.45 -6.89
C LEU L 26 -5.47 5.53 -6.31
N GLN L 27 -5.01 6.19 -5.24
CA GLN L 27 -5.78 7.28 -4.65
C GLN L 27 -5.96 8.42 -5.63
N LEU L 28 -4.88 8.82 -6.30
CA LEU L 28 -4.95 9.90 -7.26
C LEU L 28 -5.93 9.59 -8.39
N GLU L 29 -6.00 8.32 -8.81
CA GLU L 29 -6.88 7.96 -9.90
C GLU L 29 -8.33 7.96 -9.47
N LEU L 30 -8.61 7.51 -8.24
CA LEU L 30 -9.98 7.54 -7.74
C LEU L 30 -10.46 8.96 -7.51
N ILE L 31 -9.55 9.88 -7.17
CA ILE L 31 -9.95 11.26 -6.94
C ILE L 31 -10.26 11.96 -8.26
N LYS L 32 -9.46 11.68 -9.29
CA LYS L 32 -9.80 12.17 -10.63
C LYS L 32 -11.16 11.62 -11.07
N GLN L 33 -11.47 10.36 -10.71
CA GLN L 33 -12.78 9.80 -10.99
C GLN L 33 -13.85 10.46 -10.13
N PHE L 34 -13.56 10.66 -8.84
CA PHE L 34 -14.53 11.27 -7.94
C PHE L 34 -14.89 12.69 -8.38
N MET L 35 -13.88 13.50 -8.66
CA MET L 35 -14.15 14.89 -9.05
C MET L 35 -14.93 14.97 -10.35
N ALA L 36 -14.56 14.14 -11.34
CA ALA L 36 -15.25 14.17 -12.62
C ALA L 36 -16.73 13.85 -12.47
N GLU L 37 -17.08 12.99 -11.50
CA GLU L 37 -18.49 12.72 -11.24
C GLU L 37 -19.11 13.78 -10.33
N ALA L 38 -18.33 14.34 -9.40
CA ALA L 38 -18.86 15.32 -8.48
C ALA L 38 -19.17 16.64 -9.17
N MET L 39 -18.41 17.01 -10.20
CA MET L 39 -18.68 18.25 -10.92
C MET L 39 -20.00 18.19 -11.67
N LYS L 40 -20.56 17.01 -11.90
CA LYS L 40 -21.83 16.86 -12.60
C LYS L 40 -23.00 16.67 -11.64
N ILE L 41 -22.82 17.03 -10.37
CA ILE L 41 -23.89 16.99 -9.37
C ILE L 41 -24.48 18.39 -9.25
N GLY L 42 -25.79 18.48 -9.43
CA GLY L 42 -26.46 19.77 -9.35
C GLY L 42 -27.28 19.93 -8.08
N ASN L 43 -26.92 19.19 -7.04
CA ASN L 43 -27.59 19.25 -5.75
C ASN L 43 -26.64 19.81 -4.71
N LYS L 44 -27.12 20.77 -3.92
CA LYS L 44 -26.27 21.44 -2.93
C LYS L 44 -25.85 20.48 -1.83
N GLU L 45 -26.77 19.64 -1.35
CA GLU L 45 -26.44 18.75 -0.24
C GLU L 45 -25.48 17.65 -0.69
N GLY L 46 -25.66 17.13 -1.90
CA GLY L 46 -24.76 16.10 -2.39
C GLY L 46 -23.32 16.57 -2.47
N LEU L 47 -23.11 17.79 -2.97
CA LEU L 47 -21.76 18.33 -3.04
C LEU L 47 -21.17 18.54 -1.65
N LEU L 48 -21.96 19.14 -0.74
CA LEU L 48 -21.45 19.39 0.60
C LEU L 48 -21.23 18.09 1.37
N LEU L 49 -22.08 17.09 1.13
CA LEU L 49 -21.88 15.81 1.81
C LEU L 49 -20.60 15.14 1.34
N LEU L 50 -20.40 15.06 0.03
CA LEU L 50 -19.19 14.43 -0.50
C LEU L 50 -17.93 15.22 -0.14
N ALA L 51 -18.04 16.55 -0.09
CA ALA L 51 -16.90 17.36 0.35
C ALA L 51 -16.55 17.08 1.79
N GLU L 52 -17.56 16.91 2.65
CA GLU L 52 -17.30 16.56 4.05
C GLU L 52 -16.70 15.17 4.16
N ARG L 53 -17.18 14.22 3.35
CA ARG L 53 -16.60 12.87 3.36
C ARG L 53 -15.20 12.87 2.77
N LEU L 54 -14.92 13.76 1.81
CA LEU L 54 -13.60 13.83 1.22
C LEU L 54 -12.57 14.35 2.22
N GLU L 55 -12.96 15.33 3.04
CA GLU L 55 -12.04 15.85 4.05
C GLU L 55 -11.77 14.83 5.14
N ALA L 56 -12.73 13.95 5.42
CA ALA L 56 -12.51 12.91 6.42
C ALA L 56 -11.51 11.86 5.96
N LEU L 57 -11.29 11.74 4.65
CA LEU L 57 -10.34 10.78 4.11
C LEU L 57 -8.94 11.35 3.94
N LYS L 58 -8.75 12.65 4.13
CA LYS L 58 -7.43 13.24 3.95
C LYS L 58 -6.37 12.64 4.88
N PRO L 59 -6.65 12.24 6.12
CA PRO L 59 -5.64 11.50 6.89
C PRO L 59 -5.27 10.16 6.28
N LYS L 60 -6.09 9.60 5.41
CA LYS L 60 -5.86 8.28 4.83
C LYS L 60 -5.18 8.34 3.47
N VAL L 61 -5.06 9.51 2.86
CA VAL L 61 -4.46 9.64 1.54
C VAL L 61 -2.97 9.92 1.68
N SER L 62 -2.24 9.79 0.58
CA SER L 62 -0.82 10.04 0.58
C SER L 62 -0.54 11.52 0.86
N PRO L 63 0.65 11.83 1.40
CA PRO L 63 0.97 13.24 1.64
C PRO L 63 1.02 14.08 0.37
N GLU L 64 1.39 13.48 -0.77
CA GLU L 64 1.45 14.25 -2.00
C GLU L 64 0.05 14.63 -2.48
N ILE L 65 -0.94 13.75 -2.26
CA ILE L 65 -2.30 14.01 -2.71
C ILE L 65 -3.13 14.73 -1.65
N ALA L 66 -2.58 14.94 -0.45
CA ALA L 66 -3.35 15.56 0.63
C ALA L 66 -3.79 16.98 0.26
N VAL L 67 -2.90 17.76 -0.35
CA VAL L 67 -3.26 19.11 -0.75
C VAL L 67 -4.31 19.08 -1.85
N LEU L 68 -4.21 18.11 -2.77
CA LEU L 68 -5.21 17.99 -3.82
C LEU L 68 -6.58 17.63 -3.24
N VAL L 69 -6.61 16.71 -2.28
CA VAL L 69 -7.85 16.39 -1.57
C VAL L 69 -8.38 17.64 -0.87
N GLU L 70 -7.46 18.43 -0.29
CA GLU L 70 -7.86 19.65 0.41
C GLU L 70 -8.56 20.62 -0.53
N LYS L 71 -7.98 20.85 -1.71
CA LYS L 71 -8.55 21.80 -2.66
C LYS L 71 -9.75 21.21 -3.39
N ALA L 72 -9.79 19.89 -3.55
CA ALA L 72 -10.95 19.26 -4.18
C ALA L 72 -12.20 19.44 -3.32
N ALA L 73 -12.07 19.27 -2.00
CA ALA L 73 -13.20 19.49 -1.11
C ALA L 73 -13.60 20.95 -1.08
N GLU L 74 -12.62 21.85 -1.11
CA GLU L 74 -12.93 23.28 -1.16
C GLU L 74 -13.62 23.64 -2.47
N MET L 75 -13.28 22.94 -3.55
CA MET L 75 -13.96 23.19 -4.83
C MET L 75 -15.43 22.81 -4.76
N LEU L 76 -15.73 21.65 -4.18
CA LEU L 76 -17.12 21.20 -4.10
C LEU L 76 -17.96 22.12 -3.22
N LYS L 77 -17.35 22.69 -2.17
CA LYS L 77 -18.08 23.64 -1.33
C LYS L 77 -18.32 24.95 -2.08
N LEU L 78 -17.25 25.53 -2.66
CA LEU L 78 -17.40 26.73 -3.47
C LEU L 78 -18.40 26.52 -4.60
N LEU L 79 -18.51 25.29 -5.11
CA LEU L 79 -19.56 24.94 -6.05
C LEU L 79 -20.94 25.16 -5.42
N ALA L 80 -21.28 24.30 -4.45
CA ALA L 80 -22.61 24.31 -3.84
C ALA L 80 -23.04 25.69 -3.39
N LYS L 81 -22.09 26.54 -3.00
CA LYS L 81 -22.43 27.91 -2.61
C LYS L 81 -22.79 28.77 -3.82
N ALA L 82 -22.27 28.43 -4.99
CA ALA L 82 -22.62 29.14 -6.23
C ALA L 82 -23.84 28.54 -6.93
N LEU L 83 -24.21 27.31 -6.60
CA LEU L 83 -25.37 26.65 -7.19
C LEU L 83 -26.66 27.33 -6.78
N SER M 2 8.88 2.36 32.79
CA SER M 2 8.51 3.38 31.82
C SER M 2 7.50 2.86 30.81
N GLY M 3 7.37 3.55 29.68
CA GLY M 3 6.40 3.13 28.69
C GLY M 3 6.77 1.84 27.98
N ASP M 4 8.06 1.67 27.65
CA ASP M 4 8.50 0.49 26.93
C ASP M 4 8.18 -0.78 27.71
N ASN M 5 8.17 -0.72 29.04
CA ASN M 5 7.77 -1.86 29.84
C ASN M 5 6.27 -2.11 29.74
N PHE M 6 5.48 -1.05 29.58
CA PHE M 6 4.05 -1.23 29.34
C PHE M 6 3.80 -1.83 27.96
N LEU M 7 4.62 -1.47 26.97
CA LEU M 7 4.48 -2.03 25.64
C LEU M 7 4.64 -3.54 25.66
N LYS M 8 5.75 -4.03 26.22
CA LYS M 8 5.99 -5.46 26.22
C LYS M 8 5.01 -6.20 27.12
N ALA M 9 4.66 -5.61 28.27
CA ALA M 9 3.70 -6.26 29.14
C ALA M 9 2.33 -6.37 28.48
N PHE M 10 1.92 -5.33 27.76
CA PHE M 10 0.67 -5.40 27.02
C PHE M 10 0.74 -6.45 25.91
N ALA M 11 1.90 -6.57 25.26
CA ALA M 11 2.07 -7.57 24.20
C ALA M 11 2.08 -8.98 24.78
N ALA M 12 2.61 -9.16 25.98
CA ALA M 12 2.60 -10.47 26.61
C ALA M 12 1.18 -10.95 26.90
N LEU M 13 0.28 -10.02 27.25
CA LEU M 13 -1.11 -10.40 27.48
C LEU M 13 -1.81 -10.74 26.17
N GLU M 14 -1.51 -10.02 25.10
CA GLU M 14 -2.10 -10.33 23.79
C GLU M 14 -1.70 -11.73 23.34
N ALA M 15 -0.43 -12.07 23.48
CA ALA M 15 0.02 -13.43 23.12
C ALA M 15 -0.53 -14.47 24.09
N LEU M 16 -0.75 -14.09 25.36
CA LEU M 16 -1.33 -15.02 26.31
C LEU M 16 -2.78 -15.32 25.98
N ALA M 17 -3.52 -14.32 25.49
CA ALA M 17 -4.93 -14.52 25.17
C ALA M 17 -5.11 -15.45 23.97
N ALA M 18 -4.16 -15.47 23.05
CA ALA M 18 -4.26 -16.31 21.85
C ALA M 18 -3.80 -17.74 22.09
N LEU M 19 -3.30 -18.05 23.28
CA LEU M 19 -2.86 -19.41 23.57
C LEU M 19 -4.03 -20.29 23.96
N PRO M 20 -3.99 -21.57 23.57
CA PRO M 20 -4.99 -22.52 24.08
C PRO M 20 -4.80 -22.73 25.58
N ALA M 21 -5.89 -23.09 26.25
CA ALA M 21 -5.85 -23.28 27.70
C ALA M 21 -4.94 -24.42 28.11
N SER M 22 -4.57 -25.29 27.18
CA SER M 22 -3.74 -26.44 27.50
C SER M 22 -2.25 -26.12 27.53
N ALA M 23 -1.82 -25.03 26.90
CA ALA M 23 -0.41 -24.67 26.83
C ALA M 23 0.02 -23.97 28.12
N LYS M 24 -0.08 -24.72 29.23
CA LYS M 24 0.27 -24.19 30.54
C LYS M 24 1.72 -23.73 30.59
N GLU M 25 2.61 -24.46 29.93
CA GLU M 25 4.04 -24.16 29.99
C GLU M 25 4.34 -22.82 29.33
N LEU M 26 3.78 -22.57 28.15
CA LEU M 26 3.99 -21.28 27.50
C LEU M 26 3.20 -20.18 28.19
N GLN M 27 2.02 -20.50 28.72
CA GLN M 27 1.27 -19.52 29.50
C GLN M 27 2.06 -19.06 30.72
N LEU M 28 2.69 -20.01 31.42
CA LEU M 28 3.47 -19.66 32.60
C LEU M 28 4.66 -18.78 32.22
N GLU M 29 5.33 -19.10 31.11
CA GLU M 29 6.50 -18.32 30.70
C GLU M 29 6.10 -16.90 30.29
N LEU M 30 4.96 -16.76 29.59
CA LEU M 30 4.50 -15.43 29.23
C LEU M 30 4.10 -14.61 30.45
N ILE M 31 3.53 -15.26 31.47
CA ILE M 31 3.14 -14.53 32.67
C ILE M 31 4.38 -14.11 33.46
N LYS M 32 5.41 -14.96 33.49
CA LYS M 32 6.67 -14.54 34.08
C LYS M 32 7.30 -13.41 33.28
N GLN M 33 7.12 -13.39 31.96
CA GLN M 33 7.55 -12.26 31.15
C GLN M 33 6.69 -11.04 31.41
N PHE M 34 5.37 -11.22 31.53
CA PHE M 34 4.47 -10.11 31.77
C PHE M 34 4.74 -9.47 33.12
N MET M 35 4.90 -10.27 34.16
CA MET M 35 5.16 -9.74 35.49
C MET M 35 6.52 -9.06 35.56
N ALA M 36 7.51 -9.58 34.84
CA ALA M 36 8.83 -8.95 34.81
C ALA M 36 8.74 -7.53 34.26
N GLU M 37 7.94 -7.33 33.21
CA GLU M 37 7.84 -6.01 32.59
C GLU M 37 6.86 -5.10 33.34
N ALA M 38 5.78 -5.68 33.89
CA ALA M 38 4.79 -4.87 34.60
C ALA M 38 5.34 -4.28 35.88
N MET M 39 6.45 -4.82 36.41
CA MET M 39 7.03 -4.26 37.62
C MET M 39 7.58 -2.87 37.39
N LYS M 40 8.26 -2.65 36.26
CA LYS M 40 8.98 -1.43 35.99
C LYS M 40 8.17 -0.43 35.18
N ILE M 41 6.84 -0.45 35.33
CA ILE M 41 5.97 0.44 34.56
C ILE M 41 6.01 1.84 35.15
N GLY M 42 5.49 1.99 36.35
CA GLY M 42 5.49 3.28 37.02
C GLY M 42 4.28 4.16 36.77
N ASN M 43 3.24 3.63 36.13
CA ASN M 43 2.02 4.38 35.86
C ASN M 43 0.84 3.63 36.46
N LYS M 44 0.00 4.35 37.22
CA LYS M 44 -1.12 3.71 37.90
C LYS M 44 -2.17 3.23 36.91
N GLU M 45 -2.51 4.07 35.91
CA GLU M 45 -3.51 3.67 34.93
C GLU M 45 -3.05 2.46 34.13
N GLY M 46 -1.75 2.38 33.83
CA GLY M 46 -1.25 1.23 33.10
C GLY M 46 -1.28 -0.04 33.91
N LEU M 47 -0.94 0.05 35.21
CA LEU M 47 -1.00 -1.12 36.07
C LEU M 47 -2.42 -1.61 36.26
N LEU M 48 -3.38 -0.69 36.39
CA LEU M 48 -4.77 -1.09 36.53
C LEU M 48 -5.36 -1.60 35.22
N LEU M 49 -4.91 -1.05 34.09
CA LEU M 49 -5.35 -1.54 32.80
C LEU M 49 -4.90 -2.99 32.59
N LEU M 50 -3.60 -3.25 32.75
CA LEU M 50 -3.08 -4.59 32.59
C LEU M 50 -3.63 -5.54 33.64
N ALA M 51 -3.86 -5.06 34.86
CA ALA M 51 -4.48 -5.90 35.88
C ALA M 51 -5.87 -6.34 35.44
N GLU M 52 -6.69 -5.39 34.98
CA GLU M 52 -8.05 -5.73 34.57
C GLU M 52 -8.04 -6.72 33.41
N ARG M 53 -7.19 -6.47 32.41
CA ARG M 53 -7.05 -7.41 31.30
C ARG M 53 -6.55 -8.77 31.79
N LEU M 54 -5.72 -8.78 32.84
CA LEU M 54 -5.22 -10.04 33.35
C LEU M 54 -6.33 -10.87 33.97
N GLU M 55 -7.24 -10.22 34.71
CA GLU M 55 -8.35 -10.96 35.33
C GLU M 55 -9.29 -11.53 34.28
N ALA M 56 -9.43 -10.84 33.14
CA ALA M 56 -10.27 -11.36 32.06
C ALA M 56 -9.72 -12.65 31.46
N LEU M 57 -8.41 -12.88 31.58
CA LEU M 57 -7.79 -14.10 31.07
C LEU M 57 -7.88 -15.28 32.03
N LYS M 58 -8.44 -15.07 33.22
CA LYS M 58 -8.53 -16.16 34.20
C LYS M 58 -9.31 -17.37 33.69
N PRO M 59 -10.42 -17.25 32.97
CA PRO M 59 -11.07 -18.46 32.44
C PRO M 59 -10.28 -19.13 31.33
N LYS M 60 -9.55 -18.36 30.52
CA LYS M 60 -8.87 -18.90 29.35
C LYS M 60 -7.48 -19.46 29.67
N VAL M 61 -7.12 -19.59 30.95
CA VAL M 61 -5.83 -20.12 31.33
C VAL M 61 -6.00 -21.43 32.09
N SER M 62 -4.89 -22.17 32.18
CA SER M 62 -4.87 -23.43 32.90
C SER M 62 -5.15 -23.21 34.39
N PRO M 63 -5.85 -24.16 35.03
CA PRO M 63 -6.16 -23.98 36.46
C PRO M 63 -4.93 -23.87 37.33
N GLU M 64 -3.85 -24.58 36.98
CA GLU M 64 -2.61 -24.49 37.74
C GLU M 64 -1.97 -23.11 37.60
N ILE M 65 -2.21 -22.42 36.49
CA ILE M 65 -1.73 -21.05 36.33
C ILE M 65 -2.75 -20.01 36.79
N ALA M 66 -4.02 -20.42 36.98
CA ALA M 66 -5.05 -19.43 37.27
C ALA M 66 -4.79 -18.69 38.59
N VAL M 67 -4.31 -19.40 39.61
CA VAL M 67 -4.09 -18.76 40.90
C VAL M 67 -2.93 -17.77 40.81
N LEU M 68 -2.01 -17.99 39.88
CA LEU M 68 -0.98 -16.99 39.59
C LEU M 68 -1.60 -15.75 38.95
N VAL M 69 -2.47 -15.96 37.97
CA VAL M 69 -3.15 -14.83 37.32
C VAL M 69 -3.90 -14.00 38.35
N GLU M 70 -4.45 -14.66 39.37
CA GLU M 70 -5.16 -13.93 40.42
C GLU M 70 -4.20 -13.15 41.30
N LYS M 71 -3.14 -13.81 41.78
CA LYS M 71 -2.18 -13.13 42.63
C LYS M 71 -1.38 -12.08 41.88
N ALA M 72 -1.23 -12.25 40.56
CA ALA M 72 -0.51 -11.25 39.76
C ALA M 72 -1.34 -9.98 39.60
N ALA M 73 -2.64 -10.13 39.34
CA ALA M 73 -3.50 -8.96 39.20
C ALA M 73 -3.59 -8.19 40.52
N GLU M 74 -3.74 -8.90 41.63
CA GLU M 74 -3.70 -8.25 42.93
C GLU M 74 -2.35 -7.61 43.19
N MET M 75 -1.27 -8.19 42.66
CA MET M 75 0.05 -7.60 42.81
C MET M 75 0.15 -6.27 42.07
N LEU M 76 -0.43 -6.20 40.87
CA LEU M 76 -0.36 -4.97 40.09
C LEU M 76 -1.24 -3.88 40.68
N LYS M 77 -2.41 -4.25 41.20
CA LYS M 77 -3.29 -3.25 41.83
C LYS M 77 -2.64 -2.67 43.07
N LEU M 78 -2.06 -3.53 43.91
CA LEU M 78 -1.35 -3.05 45.09
C LEU M 78 -0.15 -2.19 44.70
N LEU M 79 0.45 -2.45 43.54
CA LEU M 79 1.50 -1.59 43.03
C LEU M 79 0.95 -0.20 42.71
N ALA M 80 -0.14 -0.14 41.95
CA ALA M 80 -0.72 1.15 41.59
C ALA M 80 -1.16 1.93 42.82
N LYS M 81 -1.59 1.25 43.87
CA LYS M 81 -1.93 1.94 45.12
C LYS M 81 -0.70 2.61 45.73
N ALA M 82 0.41 1.88 45.80
CA ALA M 82 1.62 2.41 46.41
C ALA M 82 2.20 3.59 45.64
N LEU M 83 1.90 3.70 44.35
CA LEU M 83 2.37 4.82 43.54
C LEU M 83 1.40 5.99 43.63
N MET N 1 15.96 -22.11 33.96
CA MET N 1 17.10 -22.12 34.88
C MET N 1 18.01 -20.92 34.60
N SER N 2 17.75 -19.82 35.29
CA SER N 2 18.48 -18.57 35.11
C SER N 2 19.10 -18.18 36.45
N GLY N 3 20.34 -18.62 36.68
CA GLY N 3 21.06 -18.22 37.87
C GLY N 3 21.45 -16.76 37.89
N ASP N 4 21.53 -16.13 36.72
CA ASP N 4 21.84 -14.70 36.66
C ASP N 4 20.74 -13.88 37.34
N ASN N 5 19.48 -14.19 37.05
CA ASN N 5 18.38 -13.48 37.68
C ASN N 5 18.33 -13.74 39.19
N PHE N 6 18.83 -14.90 39.62
CA PHE N 6 18.89 -15.18 41.05
C PHE N 6 19.91 -14.29 41.75
N LEU N 7 21.02 -13.98 41.08
CA LEU N 7 22.04 -13.11 41.67
C LEU N 7 21.49 -11.71 41.90
N LYS N 8 20.82 -11.15 40.89
CA LYS N 8 20.28 -9.80 41.03
C LYS N 8 19.13 -9.77 42.02
N ALA N 9 18.27 -10.79 42.01
CA ALA N 9 17.18 -10.86 42.97
C ALA N 9 17.71 -10.99 44.39
N PHE N 10 18.73 -11.82 44.58
CA PHE N 10 19.35 -11.94 45.90
C PHE N 10 20.00 -10.63 46.32
N ALA N 11 20.69 -9.96 45.38
CA ALA N 11 21.31 -8.68 45.70
C ALA N 11 20.26 -7.61 46.02
N ALA N 12 19.10 -7.69 45.37
CA ALA N 12 18.03 -6.72 45.66
C ALA N 12 17.50 -6.88 47.08
N LEU N 13 17.49 -8.11 47.60
CA LEU N 13 17.05 -8.33 48.98
C LEU N 13 18.10 -7.83 49.97
N GLU N 14 19.38 -8.02 49.66
CA GLU N 14 20.44 -7.51 50.52
C GLU N 14 20.42 -5.99 50.56
N ALA N 15 20.14 -5.35 49.42
CA ALA N 15 20.05 -3.90 49.40
C ALA N 15 18.78 -3.40 50.07
N LEU N 16 17.70 -4.19 50.00
CA LEU N 16 16.46 -3.79 50.67
C LEU N 16 16.57 -3.93 52.18
N ALA N 17 17.33 -4.92 52.66
CA ALA N 17 17.50 -5.10 54.10
C ALA N 17 18.22 -3.92 54.73
N ALA N 18 19.22 -3.39 54.03
CA ALA N 18 20.03 -2.29 54.56
C ALA N 18 19.31 -0.94 54.51
N LEU N 19 18.07 -0.91 54.04
CA LEU N 19 17.31 0.33 53.91
C LEU N 19 16.64 0.69 55.24
N PRO N 20 16.58 1.97 55.56
CA PRO N 20 15.74 2.39 56.69
C PRO N 20 14.28 2.25 56.35
N ALA N 21 13.47 2.03 57.39
CA ALA N 21 12.04 1.82 57.21
C ALA N 21 11.33 3.05 56.62
N SER N 22 11.97 4.21 56.62
CA SER N 22 11.35 5.42 56.10
C SER N 22 11.58 5.62 54.61
N ALA N 23 12.63 5.03 54.04
CA ALA N 23 12.94 5.21 52.63
C ALA N 23 11.97 4.42 51.76
N LYS N 24 10.67 4.73 51.88
CA LYS N 24 9.64 3.92 51.23
C LYS N 24 9.78 3.93 49.72
N GLU N 25 10.12 5.09 49.13
CA GLU N 25 10.24 5.18 47.69
C GLU N 25 11.36 4.29 47.16
N LEU N 26 12.47 4.23 47.89
CA LEU N 26 13.56 3.35 47.48
C LEU N 26 13.22 1.89 47.76
N GLN N 27 12.53 1.62 48.86
CA GLN N 27 12.08 0.28 49.15
C GLN N 27 11.12 -0.23 48.07
N LEU N 28 10.19 0.62 47.64
CA LEU N 28 9.29 0.24 46.55
C LEU N 28 10.05 -0.06 45.27
N GLU N 29 11.05 0.76 44.95
CA GLU N 29 11.80 0.56 43.73
C GLU N 29 12.59 -0.75 43.77
N LEU N 30 13.22 -1.05 44.91
CA LEU N 30 13.99 -2.29 45.01
C LEU N 30 13.09 -3.53 44.93
N ILE N 31 11.85 -3.43 45.43
CA ILE N 31 10.92 -4.55 45.30
C ILE N 31 10.58 -4.77 43.83
N LYS N 32 10.36 -3.69 43.08
CA LYS N 32 10.09 -3.83 41.65
C LYS N 32 11.32 -4.35 40.91
N GLN N 33 12.52 -3.98 41.33
CA GLN N 33 13.72 -4.58 40.77
C GLN N 33 13.82 -6.05 41.14
N PHE N 34 13.54 -6.39 42.40
CA PHE N 34 13.63 -7.77 42.85
C PHE N 34 12.63 -8.65 42.09
N MET N 35 11.37 -8.24 42.06
CA MET N 35 10.34 -9.05 41.41
C MET N 35 10.62 -9.21 39.93
N ALA N 36 11.10 -8.15 39.28
CA ALA N 36 11.45 -8.25 37.86
C ALA N 36 12.46 -9.36 37.62
N GLU N 37 13.44 -9.49 38.51
CA GLU N 37 14.44 -10.55 38.37
C GLU N 37 13.92 -11.88 38.90
N ALA N 38 13.16 -11.85 40.00
CA ALA N 38 12.69 -13.09 40.61
C ALA N 38 11.69 -13.82 39.73
N MET N 39 10.93 -13.08 38.92
CA MET N 39 9.99 -13.73 38.01
C MET N 39 10.70 -14.62 37.00
N LYS N 40 11.85 -14.18 36.49
CA LYS N 40 12.59 -14.90 35.46
C LYS N 40 13.50 -15.98 36.03
N ILE N 41 13.11 -16.62 37.13
CA ILE N 41 13.89 -17.67 37.77
C ILE N 41 13.15 -18.99 37.63
N GLY N 42 13.82 -19.99 37.07
CA GLY N 42 13.19 -21.27 36.84
C GLY N 42 13.65 -22.36 37.79
N ASN N 43 14.15 -21.98 38.96
CA ASN N 43 14.60 -22.91 39.97
C ASN N 43 13.66 -22.87 41.16
N LYS N 44 13.19 -24.04 41.58
CA LYS N 44 12.22 -24.10 42.68
C LYS N 44 12.86 -23.73 44.01
N GLU N 45 14.07 -24.23 44.27
CA GLU N 45 14.75 -23.92 45.53
C GLU N 45 15.09 -22.45 45.64
N GLY N 46 15.38 -21.79 44.51
CA GLY N 46 15.68 -20.36 44.55
C GLY N 46 14.46 -19.51 44.86
N LEU N 47 13.33 -19.83 44.23
CA LEU N 47 12.11 -19.07 44.50
C LEU N 47 11.69 -19.22 45.96
N LEU N 48 11.84 -20.42 46.52
CA LEU N 48 11.49 -20.62 47.92
C LEU N 48 12.51 -19.97 48.85
N LEU N 49 13.79 -19.92 48.46
CA LEU N 49 14.77 -19.16 49.23
C LEU N 49 14.40 -17.69 49.27
N LEU N 50 14.27 -17.07 48.09
CA LEU N 50 13.98 -15.65 48.02
C LEU N 50 12.67 -15.30 48.69
N ALA N 51 11.68 -16.20 48.64
CA ALA N 51 10.42 -15.95 49.33
C ALA N 51 10.61 -15.94 50.83
N GLU N 52 11.44 -16.86 51.36
CA GLU N 52 11.65 -16.91 52.80
C GLU N 52 12.46 -15.72 53.30
N ARG N 53 13.50 -15.33 52.55
CA ARG N 53 14.28 -14.16 52.91
C ARG N 53 13.45 -12.88 52.76
N LEU N 54 12.54 -12.86 51.79
CA LEU N 54 11.69 -11.68 51.60
C LEU N 54 10.72 -11.50 52.77
N GLU N 55 10.17 -12.61 53.27
CA GLU N 55 9.30 -12.53 54.43
C GLU N 55 10.04 -12.06 55.67
N ALA N 56 11.35 -12.36 55.75
CA ALA N 56 12.15 -11.88 56.88
C ALA N 56 12.34 -10.37 56.83
N LEU N 57 12.27 -9.75 55.65
CA LEU N 57 12.39 -8.30 55.53
C LEU N 57 11.08 -7.57 55.72
N LYS N 58 9.97 -8.29 55.90
CA LYS N 58 8.68 -7.61 56.08
C LYS N 58 8.66 -6.68 57.29
N PRO N 59 9.21 -7.02 58.46
CA PRO N 59 9.22 -6.06 59.57
C PRO N 59 10.15 -4.88 59.35
N LYS N 60 11.04 -4.94 58.36
CA LYS N 60 12.03 -3.89 58.13
C LYS N 60 11.59 -2.87 57.09
N VAL N 61 10.41 -3.02 56.49
CA VAL N 61 9.96 -2.15 55.42
C VAL N 61 8.74 -1.38 55.87
N SER N 62 8.41 -0.33 55.10
CA SER N 62 7.22 0.46 55.37
C SER N 62 5.97 -0.41 55.27
N PRO N 63 4.90 -0.06 55.98
CA PRO N 63 3.68 -0.88 55.96
C PRO N 63 3.12 -1.14 54.57
N GLU N 64 3.17 -0.15 53.67
CA GLU N 64 2.66 -0.37 52.33
C GLU N 64 3.57 -1.29 51.53
N ILE N 65 4.88 -1.23 51.77
CA ILE N 65 5.79 -2.18 51.15
C ILE N 65 5.63 -3.56 51.78
N ALA N 66 5.15 -3.62 53.03
CA ALA N 66 5.01 -4.90 53.71
C ALA N 66 3.90 -5.75 53.09
N VAL N 67 2.77 -5.13 52.73
CA VAL N 67 1.75 -5.87 52.02
C VAL N 67 2.23 -6.24 50.62
N LEU N 68 3.16 -5.46 50.07
CA LEU N 68 3.77 -5.79 48.79
C LEU N 68 4.80 -6.90 48.94
N VAL N 69 5.58 -6.85 50.02
CA VAL N 69 6.53 -7.92 50.31
C VAL N 69 5.79 -9.24 50.56
N GLU N 70 4.64 -9.17 51.25
CA GLU N 70 3.89 -10.39 51.53
C GLU N 70 3.33 -11.01 50.27
N LYS N 71 2.73 -10.18 49.39
CA LYS N 71 2.19 -10.69 48.15
C LYS N 71 3.29 -11.22 47.24
N ALA N 72 4.45 -10.55 47.23
CA ALA N 72 5.56 -11.01 46.41
C ALA N 72 6.03 -12.40 46.82
N ALA N 73 6.11 -12.65 48.13
CA ALA N 73 6.46 -13.97 48.60
C ALA N 73 5.40 -15.00 48.23
N GLU N 74 4.13 -14.59 48.22
CA GLU N 74 3.06 -15.50 47.82
C GLU N 74 3.24 -15.94 46.37
N MET N 75 3.58 -15.01 45.48
CA MET N 75 3.73 -15.36 44.08
C MET N 75 4.91 -16.29 43.85
N LEU N 76 6.05 -16.00 44.50
CA LEU N 76 7.23 -16.84 44.34
C LEU N 76 6.97 -18.26 44.80
N LYS N 77 6.16 -18.45 45.85
CA LYS N 77 5.79 -19.79 46.27
C LYS N 77 4.84 -20.43 45.27
N LEU N 78 3.86 -19.67 44.77
CA LEU N 78 2.99 -20.17 43.72
C LEU N 78 3.76 -20.40 42.44
N LEU N 79 4.77 -19.58 42.17
CA LEU N 79 5.58 -19.75 40.96
C LEU N 79 6.43 -21.02 41.05
N ALA N 80 7.01 -21.29 42.22
CA ALA N 80 7.82 -22.49 42.39
C ALA N 80 6.96 -23.76 42.34
N LYS N 81 5.71 -23.67 42.80
CA LYS N 81 4.82 -24.82 42.75
C LYS N 81 4.39 -25.12 41.31
N ALA N 82 4.22 -24.08 40.49
CA ALA N 82 3.82 -24.28 39.11
C ALA N 82 4.95 -24.82 38.24
N LEU N 83 6.19 -24.78 38.73
CA LEU N 83 7.33 -25.28 37.97
C LEU N 83 7.51 -26.79 38.15
N SER O 2 38.87 -6.45 25.03
CA SER O 2 39.95 -6.59 24.07
C SER O 2 39.86 -7.91 23.32
N GLY O 3 39.73 -9.01 24.06
CA GLY O 3 39.72 -10.33 23.45
C GLY O 3 38.46 -10.61 22.65
N ASP O 4 37.31 -10.12 23.13
CA ASP O 4 36.06 -10.35 22.42
C ASP O 4 36.09 -9.69 21.04
N ASN O 5 36.70 -8.52 20.93
CA ASN O 5 36.85 -7.87 19.62
C ASN O 5 37.77 -8.66 18.72
N PHE O 6 38.82 -9.27 19.28
CA PHE O 6 39.70 -10.12 18.48
C PHE O 6 38.94 -11.33 17.92
N LEU O 7 38.00 -11.87 18.69
CA LEU O 7 37.23 -13.02 18.22
C LEU O 7 36.34 -12.64 17.06
N LYS O 8 35.62 -11.53 17.17
CA LYS O 8 34.74 -11.10 16.07
C LYS O 8 35.54 -10.73 14.83
N ALA O 9 36.66 -10.03 15.00
CA ALA O 9 37.49 -9.70 13.86
C ALA O 9 38.09 -10.94 13.22
N PHE O 10 38.48 -11.93 14.03
CA PHE O 10 38.98 -13.18 13.48
C PHE O 10 37.88 -13.94 12.75
N ALA O 11 36.66 -13.96 13.31
CA ALA O 11 35.55 -14.63 12.65
C ALA O 11 35.18 -13.95 11.34
N ALA O 12 35.38 -12.63 11.25
CA ALA O 12 35.11 -11.93 10.00
C ALA O 12 36.06 -12.38 8.91
N LEU O 13 37.33 -12.60 9.25
CA LEU O 13 38.29 -13.07 8.26
C LEU O 13 38.01 -14.51 7.85
N GLU O 14 37.53 -15.35 8.77
CA GLU O 14 37.18 -16.72 8.42
C GLU O 14 36.02 -16.75 7.42
N ALA O 15 35.02 -15.91 7.65
CA ALA O 15 33.89 -15.84 6.72
C ALA O 15 34.28 -15.17 5.40
N LEU O 16 35.22 -14.22 5.45
CA LEU O 16 35.64 -13.53 4.23
C LEU O 16 36.34 -14.49 3.27
N ALA O 17 37.23 -15.34 3.80
CA ALA O 17 37.96 -16.28 2.96
C ALA O 17 37.03 -17.25 2.24
N ALA O 18 35.92 -17.63 2.88
CA ALA O 18 34.99 -18.57 2.27
C ALA O 18 34.15 -17.95 1.18
N LEU O 19 34.09 -16.62 1.11
CA LEU O 19 33.25 -15.96 0.14
C LEU O 19 33.85 -16.06 -1.27
N PRO O 20 33.01 -16.13 -2.30
CA PRO O 20 33.53 -16.08 -3.66
C PRO O 20 34.05 -14.70 -4.00
N ALA O 21 34.93 -14.63 -4.99
CA ALA O 21 35.54 -13.35 -5.33
C ALA O 21 34.55 -12.38 -5.96
N SER O 22 33.37 -12.86 -6.36
CA SER O 22 32.36 -12.02 -6.99
C SER O 22 31.43 -11.34 -5.99
N ALA O 23 31.37 -11.82 -4.74
CA ALA O 23 30.51 -11.23 -3.72
C ALA O 23 31.18 -9.97 -3.15
N LYS O 24 31.28 -8.95 -4.01
CA LYS O 24 31.97 -7.72 -3.63
C LYS O 24 31.29 -7.03 -2.46
N GLU O 25 29.96 -6.94 -2.49
CA GLU O 25 29.25 -6.20 -1.44
C GLU O 25 29.38 -6.90 -0.09
N LEU O 26 29.21 -8.23 -0.06
CA LEU O 26 29.32 -8.93 1.21
C LEU O 26 30.74 -8.90 1.75
N GLN O 27 31.73 -9.11 0.87
CA GLN O 27 33.13 -8.96 1.28
C GLN O 27 33.35 -7.60 1.91
N LEU O 28 32.83 -6.56 1.26
CA LEU O 28 33.03 -5.20 1.76
C LEU O 28 32.37 -5.01 3.12
N GLU O 29 31.20 -5.64 3.34
CA GLU O 29 30.56 -5.56 4.64
C GLU O 29 31.36 -6.29 5.71
N LEU O 30 31.99 -7.41 5.36
CA LEU O 30 32.79 -8.13 6.34
C LEU O 30 34.05 -7.36 6.70
N ILE O 31 34.60 -6.59 5.76
CA ILE O 31 35.78 -5.79 6.07
C ILE O 31 35.43 -4.63 6.98
N LYS O 32 34.24 -4.04 6.78
CA LYS O 32 33.77 -3.01 7.71
C LYS O 32 33.55 -3.58 9.10
N GLN O 33 32.98 -4.78 9.17
CA GLN O 33 32.83 -5.45 10.46
C GLN O 33 34.18 -5.80 11.05
N PHE O 34 35.12 -6.26 10.21
CA PHE O 34 36.43 -6.65 10.69
C PHE O 34 37.20 -5.46 11.24
N MET O 35 37.27 -4.37 10.46
CA MET O 35 37.99 -3.19 10.92
C MET O 35 37.36 -2.62 12.18
N ALA O 36 36.02 -2.57 12.23
CA ALA O 36 35.34 -2.03 13.41
C ALA O 36 35.74 -2.79 14.68
N GLU O 37 35.85 -4.12 14.58
CA GLU O 37 36.27 -4.90 15.74
C GLU O 37 37.77 -4.85 15.96
N ALA O 38 38.56 -4.72 14.87
CA ALA O 38 40.00 -4.60 15.02
C ALA O 38 40.41 -3.28 15.67
N MET O 39 39.65 -2.21 15.44
CA MET O 39 40.03 -0.91 16.01
C MET O 39 39.85 -0.86 17.51
N LYS O 40 39.36 -1.92 18.13
CA LYS O 40 39.09 -1.98 19.56
C LYS O 40 39.82 -3.15 20.21
N ILE O 41 40.90 -3.61 19.59
CA ILE O 41 41.66 -4.72 20.15
C ILE O 41 42.62 -4.23 21.21
N GLY O 42 43.52 -3.33 20.84
CA GLY O 42 44.50 -2.78 21.74
C GLY O 42 45.78 -3.56 21.84
N ASN O 43 45.74 -4.88 21.60
CA ASN O 43 46.97 -5.67 21.62
C ASN O 43 47.72 -5.52 20.31
N LYS O 44 49.06 -5.58 20.42
CA LYS O 44 49.95 -5.41 19.27
C LYS O 44 50.00 -6.68 18.42
N GLU O 45 50.24 -7.82 19.07
CA GLU O 45 50.29 -9.10 18.38
C GLU O 45 48.98 -9.41 17.68
N GLY O 46 47.85 -9.09 18.32
CA GLY O 46 46.56 -9.31 17.71
C GLY O 46 46.35 -8.47 16.46
N LEU O 47 46.69 -7.19 16.54
CA LEU O 47 46.54 -6.30 15.38
C LEU O 47 47.44 -6.75 14.23
N LEU O 48 48.65 -7.21 14.54
CA LEU O 48 49.56 -7.64 13.48
C LEU O 48 49.16 -9.01 12.93
N LEU O 49 48.68 -9.90 13.79
CA LEU O 49 48.24 -11.22 13.32
C LEU O 49 47.06 -11.09 12.36
N LEU O 50 46.07 -10.27 12.73
CA LEU O 50 44.91 -10.09 11.87
C LEU O 50 45.24 -9.30 10.62
N ALA O 51 46.23 -8.41 10.69
CA ALA O 51 46.67 -7.70 9.49
C ALA O 51 47.33 -8.66 8.51
N GLU O 52 48.11 -9.62 9.01
CA GLU O 52 48.70 -10.63 8.13
C GLU O 52 47.62 -11.52 7.51
N ARG O 53 46.67 -11.96 8.32
CA ARG O 53 45.61 -12.84 7.81
C ARG O 53 44.73 -12.10 6.80
N LEU O 54 44.55 -10.79 6.98
CA LEU O 54 43.81 -10.00 6.01
C LEU O 54 44.59 -9.85 4.72
N GLU O 55 45.91 -9.71 4.82
CA GLU O 55 46.75 -9.62 3.62
C GLU O 55 46.72 -10.94 2.84
N ALA O 56 46.74 -12.07 3.54
CA ALA O 56 46.69 -13.37 2.89
C ALA O 56 45.36 -13.65 2.22
N LEU O 57 44.32 -12.87 2.51
CA LEU O 57 43.02 -13.04 1.88
C LEU O 57 42.81 -12.12 0.69
N LYS O 58 43.71 -11.17 0.45
CA LYS O 58 43.62 -10.32 -0.74
C LYS O 58 43.54 -11.10 -2.04
N PRO O 59 44.28 -12.20 -2.24
CA PRO O 59 44.08 -13.00 -3.47
C PRO O 59 42.69 -13.60 -3.59
N LYS O 60 41.85 -13.52 -2.56
CA LYS O 60 40.52 -14.11 -2.58
C LYS O 60 39.40 -13.07 -2.58
N VAL O 61 39.73 -11.79 -2.59
CA VAL O 61 38.72 -10.74 -2.61
C VAL O 61 38.63 -10.18 -4.01
N SER O 62 37.59 -9.38 -4.26
CA SER O 62 37.45 -8.72 -5.54
C SER O 62 38.59 -7.78 -5.78
N PRO O 63 39.10 -7.65 -7.01
CA PRO O 63 40.17 -6.70 -7.30
C PRO O 63 39.79 -5.25 -7.02
N GLU O 64 38.50 -4.94 -7.04
CA GLU O 64 38.02 -3.59 -6.74
C GLU O 64 38.04 -3.29 -5.24
N ILE O 65 38.30 -4.26 -4.41
CA ILE O 65 38.49 -4.01 -2.96
C ILE O 65 39.83 -4.46 -2.45
N ALA O 66 40.75 -4.98 -3.29
CA ALA O 66 41.99 -5.52 -2.77
C ALA O 66 42.90 -4.42 -2.23
N VAL O 67 42.89 -3.26 -2.89
CA VAL O 67 43.63 -2.11 -2.38
C VAL O 67 43.06 -1.68 -1.04
N LEU O 68 41.73 -1.67 -0.92
CA LEU O 68 41.10 -1.43 0.37
C LEU O 68 41.62 -2.40 1.42
N VAL O 69 41.68 -3.68 1.08
CA VAL O 69 42.24 -4.68 1.99
C VAL O 69 43.70 -4.38 2.28
N GLU O 70 44.44 -3.91 1.26
CA GLU O 70 45.86 -3.61 1.44
C GLU O 70 46.04 -2.46 2.43
N LYS O 71 45.28 -1.38 2.27
CA LYS O 71 45.41 -0.24 3.17
C LYS O 71 44.84 -0.54 4.55
N ALA O 72 43.86 -1.45 4.63
CA ALA O 72 43.30 -1.81 5.93
C ALA O 72 44.33 -2.55 6.78
N ALA O 73 45.11 -3.45 6.16
CA ALA O 73 46.15 -4.16 6.91
C ALA O 73 47.30 -3.22 7.26
N GLU O 74 47.63 -2.29 6.36
CA GLU O 74 48.65 -1.30 6.69
C GLU O 74 48.21 -0.38 7.81
N MET O 75 46.90 -0.18 7.97
CA MET O 75 46.41 0.58 9.12
C MET O 75 46.63 -0.18 10.41
N LEU O 76 46.24 -1.46 10.44
CA LEU O 76 46.42 -2.26 11.64
C LEU O 76 47.89 -2.36 12.02
N LYS O 77 48.78 -2.44 11.03
CA LYS O 77 50.20 -2.41 11.31
C LYS O 77 50.61 -1.09 11.96
N LEU O 78 50.27 0.02 11.31
CA LEU O 78 50.55 1.33 11.89
C LEU O 78 49.83 1.55 13.21
N LEU O 79 48.76 0.80 13.48
CA LEU O 79 48.09 0.90 14.77
C LEU O 79 48.92 0.24 15.86
N ALA O 80 49.40 -0.98 15.62
CA ALA O 80 50.18 -1.68 16.64
C ALA O 80 51.53 -1.02 16.85
N LYS O 81 52.06 -0.32 15.84
CA LYS O 81 53.33 0.37 16.00
C LYS O 81 53.19 1.58 16.91
N ALA O 82 52.05 2.28 16.84
CA ALA O 82 51.83 3.48 17.62
C ALA O 82 51.40 3.20 19.06
N LEU O 83 50.98 1.97 19.36
CA LEU O 83 50.55 1.63 20.72
C LEU O 83 51.75 1.38 21.64
N MET P 1 21.86 5.25 5.78
CA MET P 1 22.13 3.96 6.41
C MET P 1 22.38 4.12 7.90
N SER P 2 23.54 4.68 8.24
CA SER P 2 23.99 4.79 9.63
C SER P 2 24.12 6.26 9.98
N GLY P 3 23.15 6.78 10.72
CA GLY P 3 23.22 8.15 11.20
C GLY P 3 23.90 8.24 12.55
N ASP P 4 23.68 7.22 13.37
CA ASP P 4 24.35 7.18 14.67
C ASP P 4 25.85 6.97 14.50
N ASN P 5 26.24 6.11 13.56
CA ASN P 5 27.67 5.88 13.31
C ASN P 5 28.34 7.14 12.77
N PHE P 6 27.65 7.86 11.88
CA PHE P 6 28.18 9.15 11.43
C PHE P 6 28.19 10.16 12.56
N LEU P 7 27.21 10.09 13.47
CA LEU P 7 27.17 11.02 14.59
C LEU P 7 28.33 10.79 15.55
N LYS P 8 28.55 9.53 15.95
CA LYS P 8 29.64 9.23 16.86
C LYS P 8 30.99 9.44 16.21
N ALA P 9 31.10 9.21 14.90
CA ALA P 9 32.35 9.46 14.21
C ALA P 9 32.64 10.95 14.11
N PHE P 10 31.60 11.77 13.87
CA PHE P 10 31.78 13.21 13.85
C PHE P 10 32.16 13.72 15.24
N ALA P 11 31.49 13.22 16.29
CA ALA P 11 31.83 13.62 17.64
C ALA P 11 33.25 13.21 18.01
N ALA P 12 33.74 12.13 17.42
CA ALA P 12 35.11 11.70 17.68
C ALA P 12 36.12 12.68 17.08
N LEU P 13 35.82 13.20 15.88
CA LEU P 13 36.73 14.16 15.25
C LEU P 13 36.75 15.48 15.99
N GLU P 14 35.59 15.93 16.47
CA GLU P 14 35.56 17.19 17.21
C GLU P 14 36.29 17.08 18.54
N ALA P 15 36.10 15.97 19.25
CA ALA P 15 36.87 15.73 20.45
C ALA P 15 38.35 15.55 20.13
N LEU P 16 38.66 15.01 18.95
CA LEU P 16 40.05 14.90 18.51
C LEU P 16 40.65 16.27 18.22
N ALA P 17 39.84 17.19 17.68
CA ALA P 17 40.34 18.52 17.36
C ALA P 17 40.56 19.37 18.60
N ALA P 18 39.99 18.98 19.74
CA ALA P 18 40.10 19.76 20.97
C ALA P 18 41.26 19.32 21.86
N LEU P 19 41.95 18.23 21.51
CA LEU P 19 43.05 17.76 22.31
C LEU P 19 44.34 18.50 21.95
N PRO P 20 45.26 18.64 22.90
CA PRO P 20 46.58 19.20 22.58
C PRO P 20 47.36 18.23 21.69
N ALA P 21 48.31 18.80 20.95
CA ALA P 21 49.12 17.99 20.03
C ALA P 21 49.95 16.96 20.77
N SER P 22 50.32 17.24 22.03
CA SER P 22 51.13 16.32 22.80
C SER P 22 50.34 15.11 23.28
N ALA P 23 49.01 15.20 23.30
CA ALA P 23 48.18 14.08 23.74
C ALA P 23 48.21 12.94 22.73
N LYS P 24 49.32 12.21 22.68
CA LYS P 24 49.46 11.14 21.71
C LYS P 24 48.52 9.97 22.01
N GLU P 25 48.47 9.56 23.28
CA GLU P 25 47.65 8.40 23.65
C GLU P 25 46.16 8.70 23.45
N LEU P 26 45.70 9.87 23.88
CA LEU P 26 44.29 10.21 23.71
C LEU P 26 43.94 10.37 22.24
N GLN P 27 44.82 10.99 21.46
CA GLN P 27 44.57 11.14 20.02
C GLN P 27 44.49 9.77 19.36
N LEU P 28 45.46 8.89 19.63
CA LEU P 28 45.46 7.56 19.02
C LEU P 28 44.19 6.80 19.37
N GLU P 29 43.71 6.94 20.61
CA GLU P 29 42.50 6.23 21.01
C GLU P 29 41.25 6.80 20.33
N LEU P 30 41.23 8.11 20.08
CA LEU P 30 40.06 8.71 19.43
C LEU P 30 40.00 8.32 17.95
N ILE P 31 41.14 8.16 17.29
CA ILE P 31 41.11 7.70 15.91
C ILE P 31 40.63 6.27 15.83
N LYS P 32 41.04 5.43 16.79
CA LYS P 32 40.49 4.08 16.88
C LYS P 32 38.97 4.12 17.09
N GLN P 33 38.50 5.05 17.93
CA GLN P 33 37.06 5.22 18.11
C GLN P 33 36.41 5.75 16.84
N PHE P 34 37.08 6.67 16.14
CA PHE P 34 36.50 7.24 14.93
C PHE P 34 36.46 6.23 13.79
N MET P 35 37.53 5.45 13.63
CA MET P 35 37.56 4.46 12.56
C MET P 35 36.50 3.39 12.77
N ALA P 36 36.32 2.94 14.03
CA ALA P 36 35.32 1.93 14.32
C ALA P 36 33.92 2.40 13.98
N GLU P 37 33.66 3.71 14.07
CA GLU P 37 32.35 4.24 13.70
C GLU P 37 32.26 4.61 12.22
N ALA P 38 33.33 5.19 11.66
CA ALA P 38 33.31 5.59 10.25
C ALA P 38 33.20 4.39 9.32
N MET P 39 33.61 3.21 9.77
CA MET P 39 33.56 2.04 8.89
C MET P 39 32.13 1.59 8.65
N LYS P 40 31.27 1.67 9.67
CA LYS P 40 29.88 1.22 9.56
C LYS P 40 28.95 2.28 8.98
N ILE P 41 29.47 3.29 8.29
CA ILE P 41 28.63 4.36 7.77
C ILE P 41 27.90 3.92 6.50
N GLY P 42 28.66 3.59 5.46
CA GLY P 42 28.07 3.15 4.22
C GLY P 42 27.51 4.24 3.33
N ASN P 43 27.77 5.50 3.65
CA ASN P 43 27.30 6.63 2.85
C ASN P 43 28.51 7.34 2.24
N LYS P 44 28.50 7.49 0.92
CA LYS P 44 29.65 8.06 0.21
C LYS P 44 29.93 9.48 0.67
N GLU P 45 28.91 10.34 0.70
CA GLU P 45 29.13 11.73 1.05
C GLU P 45 29.51 11.89 2.52
N GLY P 46 29.10 10.96 3.38
CA GLY P 46 29.49 11.02 4.77
C GLY P 46 30.93 10.62 5.00
N LEU P 47 31.41 9.61 4.26
CA LEU P 47 32.79 9.18 4.38
C LEU P 47 33.76 10.25 3.89
N LEU P 48 33.48 10.81 2.72
CA LEU P 48 34.33 11.87 2.18
C LEU P 48 34.27 13.13 3.04
N LEU P 49 33.13 13.38 3.70
CA LEU P 49 33.02 14.55 4.57
C LEU P 49 33.91 14.40 5.80
N LEU P 50 33.88 13.23 6.43
CA LEU P 50 34.75 12.99 7.58
C LEU P 50 36.21 12.84 7.14
N ALA P 51 36.46 12.28 5.95
CA ALA P 51 37.82 12.15 5.46
C ALA P 51 38.42 13.52 5.16
N GLU P 52 37.65 14.41 4.53
CA GLU P 52 38.11 15.77 4.31
C GLU P 52 38.33 16.50 5.63
N ARG P 53 37.45 16.27 6.61
CA ARG P 53 37.61 16.90 7.91
C ARG P 53 38.82 16.34 8.64
N LEU P 54 39.01 15.01 8.58
CA LEU P 54 40.15 14.39 9.25
C LEU P 54 41.47 14.88 8.66
N GLU P 55 41.51 15.11 7.34
CA GLU P 55 42.71 15.64 6.71
C GLU P 55 43.02 17.05 7.18
N ALA P 56 41.98 17.83 7.52
CA ALA P 56 42.20 19.19 7.99
C ALA P 56 42.91 19.22 9.34
N LEU P 57 42.78 18.15 10.12
CA LEU P 57 43.45 18.09 11.42
C LEU P 57 44.92 17.72 11.29
N LYS P 58 45.25 16.91 10.28
CA LYS P 58 46.57 16.33 10.07
C LYS P 58 47.72 17.32 10.28
N PRO P 59 47.64 18.57 9.79
CA PRO P 59 48.71 19.52 10.13
C PRO P 59 48.85 19.78 11.62
N LYS P 60 47.75 20.08 12.32
CA LYS P 60 47.86 20.36 13.75
C LYS P 60 48.17 19.10 14.55
N VAL P 61 47.77 17.93 14.03
CA VAL P 61 48.00 16.68 14.75
C VAL P 61 49.50 16.37 14.78
N SER P 62 49.96 15.83 15.92
CA SER P 62 51.36 15.48 16.13
C SER P 62 51.89 14.61 14.99
N PRO P 63 53.18 14.70 14.67
CA PRO P 63 53.68 14.01 13.46
C PRO P 63 53.72 12.50 13.59
N GLU P 64 53.92 11.96 14.79
CA GLU P 64 54.09 10.52 14.93
C GLU P 64 52.81 9.77 14.58
N ILE P 65 51.66 10.41 14.72
CA ILE P 65 50.38 9.83 14.31
C ILE P 65 49.74 10.59 13.17
N ALA P 66 50.39 11.62 12.62
CA ALA P 66 49.87 12.26 11.43
C ALA P 66 49.84 11.29 10.24
N VAL P 67 50.73 10.31 10.25
CA VAL P 67 50.67 9.24 9.24
C VAL P 67 49.38 8.43 9.43
N LEU P 68 48.99 8.17 10.67
CA LEU P 68 47.73 7.49 10.93
C LEU P 68 46.55 8.31 10.42
N VAL P 69 46.58 9.63 10.65
CA VAL P 69 45.52 10.49 10.17
C VAL P 69 45.47 10.48 8.64
N GLU P 70 46.64 10.41 8.00
CA GLU P 70 46.68 10.42 6.54
C GLU P 70 46.18 9.10 5.97
N LYS P 71 46.60 7.97 6.55
CA LYS P 71 46.14 6.68 6.07
C LYS P 71 44.68 6.43 6.40
N ALA P 72 44.19 6.99 7.51
CA ALA P 72 42.79 6.82 7.87
C ALA P 72 41.87 7.50 6.86
N ALA P 73 42.13 8.78 6.56
CA ALA P 73 41.32 9.48 5.57
C ALA P 73 41.48 8.87 4.19
N GLU P 74 42.67 8.34 3.88
CA GLU P 74 42.88 7.67 2.60
C GLU P 74 42.02 6.41 2.49
N MET P 75 41.89 5.67 3.60
CA MET P 75 41.06 4.48 3.59
C MET P 75 39.57 4.82 3.52
N LEU P 76 39.17 5.95 4.11
CA LEU P 76 37.77 6.37 4.01
C LEU P 76 37.39 6.73 2.58
N LYS P 77 38.32 7.32 1.83
CA LYS P 77 38.06 7.62 0.43
C LYS P 77 37.98 6.34 -0.40
N LEU P 78 38.85 5.37 -0.11
CA LEU P 78 38.75 4.08 -0.79
C LEU P 78 37.48 3.34 -0.41
N LEU P 79 37.03 3.50 0.84
CA LEU P 79 35.77 2.90 1.25
C LEU P 79 34.59 3.51 0.51
N ALA P 80 34.56 4.85 0.42
CA ALA P 80 33.48 5.52 -0.28
C ALA P 80 33.53 5.26 -1.78
N LYS P 81 34.72 5.00 -2.33
CA LYS P 81 34.82 4.69 -3.74
C LYS P 81 34.26 3.31 -4.05
N ALA P 82 34.49 2.34 -3.16
CA ALA P 82 34.07 0.97 -3.39
C ALA P 82 32.59 0.74 -3.11
N LEU P 83 31.91 1.71 -2.52
CA LEU P 83 30.48 1.61 -2.23
C LEU P 83 29.64 1.84 -3.49
N MET Q 1 16.79 -1.58 6.22
CA MET Q 1 15.44 -1.81 6.73
C MET Q 1 15.45 -2.07 8.23
N SER Q 2 14.48 -1.50 8.93
CA SER Q 2 14.32 -1.69 10.36
C SER Q 2 12.91 -2.19 10.63
N GLY Q 3 12.65 -3.44 10.25
CA GLY Q 3 11.35 -4.05 10.52
C GLY Q 3 11.08 -4.23 12.00
N ASP Q 4 12.15 -4.39 12.81
CA ASP Q 4 11.97 -4.49 14.25
C ASP Q 4 11.46 -3.18 14.83
N ASN Q 5 11.95 -2.05 14.32
CA ASN Q 5 11.43 -0.76 14.76
C ASN Q 5 9.98 -0.56 14.32
N PHE Q 6 9.61 -1.10 13.15
CA PHE Q 6 8.21 -1.08 12.75
C PHE Q 6 7.35 -1.91 13.71
N LEU Q 7 7.91 -3.00 14.23
CA LEU Q 7 7.16 -3.84 15.16
C LEU Q 7 6.89 -3.10 16.47
N LYS Q 8 7.91 -2.45 17.03
CA LYS Q 8 7.73 -1.71 18.27
C LYS Q 8 6.73 -0.57 18.10
N ALA Q 9 6.86 0.20 17.01
CA ALA Q 9 5.95 1.31 16.77
C ALA Q 9 4.53 0.82 16.52
N PHE Q 10 4.38 -0.31 15.81
CA PHE Q 10 3.05 -0.88 15.62
C PHE Q 10 2.46 -1.35 16.94
N ALA Q 11 3.28 -1.99 17.78
CA ALA Q 11 2.80 -2.43 19.08
C ALA Q 11 2.49 -1.25 19.99
N ALA Q 12 3.15 -0.11 19.79
CA ALA Q 12 2.85 1.07 20.57
C ALA Q 12 1.44 1.59 20.27
N LEU Q 13 1.05 1.59 18.99
CA LEU Q 13 -0.28 2.07 18.63
C LEU Q 13 -1.37 1.13 19.12
N GLU Q 14 -1.10 -0.18 19.11
CA GLU Q 14 -2.11 -1.12 19.61
C GLU Q 14 -2.30 -0.97 21.12
N ALA Q 15 -1.22 -0.79 21.86
CA ALA Q 15 -1.34 -0.52 23.29
C ALA Q 15 -1.95 0.84 23.55
N LEU Q 16 -1.67 1.82 22.69
CA LEU Q 16 -2.28 3.14 22.83
C LEU Q 16 -3.77 3.10 22.52
N ALA Q 17 -4.18 2.22 21.62
CA ALA Q 17 -5.60 2.12 21.27
C ALA Q 17 -6.42 1.54 22.42
N ALA Q 18 -5.80 0.72 23.27
CA ALA Q 18 -6.47 0.09 24.39
C ALA Q 18 -6.51 0.98 25.63
N LEU Q 19 -5.91 2.16 25.57
CA LEU Q 19 -5.88 3.02 26.74
C LEU Q 19 -7.17 3.84 26.85
N PRO Q 20 -7.62 4.12 28.08
CA PRO Q 20 -8.74 5.05 28.24
C PRO Q 20 -8.32 6.47 27.95
N ALA Q 21 -9.30 7.30 27.58
CA ALA Q 21 -9.00 8.67 27.21
C ALA Q 21 -8.46 9.51 28.35
N SER Q 22 -8.59 9.04 29.60
CA SER Q 22 -8.14 9.80 30.76
C SER Q 22 -6.68 9.52 31.13
N ALA Q 23 -6.09 8.45 30.60
CA ALA Q 23 -4.70 8.09 30.93
C ALA Q 23 -3.75 8.97 30.11
N LYS Q 24 -3.80 10.27 30.41
CA LYS Q 24 -3.04 11.25 29.64
C LYS Q 24 -1.54 10.98 29.72
N GLU Q 25 -1.04 10.61 30.90
CA GLU Q 25 0.39 10.42 31.07
C GLU Q 25 0.88 9.21 30.28
N LEU Q 26 0.19 8.07 30.41
CA LEU Q 26 0.64 6.87 29.72
C LEU Q 26 0.48 7.00 28.21
N GLN Q 27 -0.61 7.63 27.75
CA GLN Q 27 -0.77 7.87 26.32
C GLN Q 27 0.38 8.69 25.77
N LEU Q 28 0.77 9.76 26.46
CA LEU Q 28 1.88 10.58 26.02
C LEU Q 28 3.18 9.78 25.99
N GLU Q 29 3.37 8.89 26.97
CA GLU Q 29 4.60 8.10 27.01
C GLU Q 29 4.67 7.11 25.85
N LEU Q 30 3.53 6.50 25.50
CA LEU Q 30 3.51 5.60 24.35
C LEU Q 30 3.73 6.35 23.05
N ILE Q 31 3.22 7.58 22.94
CA ILE Q 31 3.49 8.41 21.78
C ILE Q 31 5.00 8.69 21.67
N LYS Q 32 5.63 9.00 22.80
CA LYS Q 32 7.08 9.20 22.80
C LYS Q 32 7.80 7.91 22.41
N GLN Q 33 7.32 6.77 22.90
CA GLN Q 33 7.90 5.50 22.50
C GLN Q 33 7.63 5.21 21.03
N PHE Q 34 6.45 5.59 20.55
CA PHE Q 34 6.10 5.33 19.15
C PHE Q 34 6.97 6.14 18.20
N MET Q 35 7.02 7.46 18.37
CA MET Q 35 7.82 8.29 17.48
C MET Q 35 9.30 7.95 17.56
N ALA Q 36 9.77 7.48 18.72
CA ALA Q 36 11.15 7.07 18.84
C ALA Q 36 11.47 5.90 17.93
N GLU Q 37 10.56 4.92 17.85
CA GLU Q 37 10.77 3.79 16.97
C GLU Q 37 10.35 4.09 15.53
N ALA Q 38 9.32 4.90 15.34
CA ALA Q 38 8.89 5.23 13.99
C ALA Q 38 9.92 6.08 13.26
N MET Q 39 10.76 6.80 14.00
CA MET Q 39 11.77 7.64 13.37
C MET Q 39 12.91 6.83 12.78
N LYS Q 40 13.10 5.59 13.25
CA LYS Q 40 14.15 4.73 12.73
C LYS Q 40 13.65 3.82 11.61
N ILE Q 41 12.51 4.14 11.01
CA ILE Q 41 11.95 3.35 9.91
C ILE Q 41 12.33 4.02 8.59
N GLY Q 42 12.99 3.28 7.72
CA GLY Q 42 13.39 3.79 6.44
C GLY Q 42 12.50 3.34 5.31
N ASN Q 43 11.30 2.88 5.65
CA ASN Q 43 10.33 2.41 4.68
C ASN Q 43 9.24 3.47 4.51
N LYS Q 44 9.06 3.95 3.28
CA LYS Q 44 8.05 4.97 3.02
C LYS Q 44 6.66 4.47 3.36
N GLU Q 45 6.33 3.25 2.95
CA GLU Q 45 5.00 2.71 3.19
C GLU Q 45 4.72 2.55 4.68
N GLY Q 46 5.67 1.93 5.40
CA GLY Q 46 5.47 1.67 6.81
C GLY Q 46 5.29 2.93 7.62
N LEU Q 47 5.94 4.03 7.21
CA LEU Q 47 5.70 5.31 7.84
C LEU Q 47 4.28 5.78 7.59
N LEU Q 48 3.82 5.73 6.33
CA LEU Q 48 2.47 6.18 6.02
C LEU Q 48 1.41 5.28 6.64
N LEU Q 49 1.69 3.97 6.72
CA LEU Q 49 0.77 3.06 7.39
C LEU Q 49 0.61 3.44 8.86
N LEU Q 50 1.74 3.62 9.56
CA LEU Q 50 1.68 3.93 10.98
C LEU Q 50 1.11 5.33 11.21
N ALA Q 51 1.43 6.27 10.33
CA ALA Q 51 0.91 7.62 10.48
C ALA Q 51 -0.60 7.64 10.36
N GLU Q 52 -1.16 6.83 9.45
CA GLU Q 52 -2.61 6.76 9.31
C GLU Q 52 -3.25 6.12 10.54
N ARG Q 53 -2.61 5.09 11.09
CA ARG Q 53 -3.15 4.47 12.30
C ARG Q 53 -3.09 5.41 13.49
N LEU Q 54 -2.07 6.29 13.53
CA LEU Q 54 -1.99 7.27 14.60
C LEU Q 54 -3.09 8.32 14.47
N GLU Q 55 -3.38 8.75 13.24
CA GLU Q 55 -4.48 9.69 13.02
C GLU Q 55 -5.81 9.12 13.53
N ALA Q 56 -6.04 7.83 13.30
CA ALA Q 56 -7.29 7.20 13.74
C ALA Q 56 -7.40 7.14 15.26
N LEU Q 57 -6.29 7.29 15.98
CA LEU Q 57 -6.30 7.25 17.43
C LEU Q 57 -6.54 8.62 18.07
N LYS Q 58 -6.60 9.69 17.28
CA LYS Q 58 -6.82 11.01 17.85
C LYS Q 58 -8.13 11.13 18.62
N PRO Q 59 -9.27 10.60 18.16
CA PRO Q 59 -10.48 10.65 18.99
C PRO Q 59 -10.35 9.91 20.31
N LYS Q 60 -9.41 8.97 20.43
CA LYS Q 60 -9.30 8.16 21.64
C LYS Q 60 -8.39 8.78 22.69
N VAL Q 61 -7.49 9.69 22.33
CA VAL Q 61 -6.52 10.22 23.28
C VAL Q 61 -7.11 11.42 24.01
N SER Q 62 -6.39 11.92 25.00
CA SER Q 62 -6.81 13.12 25.71
C SER Q 62 -6.75 14.33 24.77
N PRO Q 63 -7.67 15.28 24.92
CA PRO Q 63 -7.62 16.49 24.07
C PRO Q 63 -6.32 17.26 24.22
N GLU Q 64 -5.58 17.07 25.31
CA GLU Q 64 -4.37 17.85 25.51
C GLU Q 64 -3.22 17.35 24.66
N ILE Q 65 -3.26 16.08 24.27
CA ILE Q 65 -2.26 15.49 23.37
C ILE Q 65 -2.82 15.24 21.99
N ALA Q 66 -4.08 15.56 21.72
CA ALA Q 66 -4.63 15.32 20.39
C ALA Q 66 -3.90 16.14 19.34
N VAL Q 67 -3.38 17.31 19.71
CA VAL Q 67 -2.59 18.09 18.78
C VAL Q 67 -1.24 17.44 18.54
N LEU Q 68 -0.64 16.88 19.60
CA LEU Q 68 0.62 16.18 19.44
C LEU Q 68 0.47 14.95 18.56
N VAL Q 69 -0.65 14.25 18.67
CA VAL Q 69 -0.91 13.10 17.80
C VAL Q 69 -0.97 13.54 16.35
N GLU Q 70 -1.71 14.63 16.08
CA GLU Q 70 -1.85 15.08 14.70
C GLU Q 70 -0.51 15.53 14.13
N LYS Q 71 0.31 16.20 14.94
CA LYS Q 71 1.62 16.63 14.47
C LYS Q 71 2.60 15.48 14.36
N ALA Q 72 2.50 14.49 15.25
CA ALA Q 72 3.35 13.31 15.14
C ALA Q 72 3.05 12.55 13.85
N ALA Q 73 1.76 12.41 13.51
CA ALA Q 73 1.41 11.78 12.24
C ALA Q 73 1.91 12.61 11.07
N GLU Q 74 1.69 13.93 11.12
CA GLU Q 74 2.19 14.81 10.08
C GLU Q 74 3.71 14.73 9.97
N MET Q 75 4.39 14.52 11.09
CA MET Q 75 5.84 14.34 11.06
C MET Q 75 6.22 13.12 10.22
N LEU Q 76 5.51 12.00 10.43
CA LEU Q 76 5.83 10.78 9.70
C LEU Q 76 5.52 10.92 8.23
N LYS Q 77 4.43 11.61 7.88
CA LYS Q 77 4.09 11.81 6.48
C LYS Q 77 5.19 12.60 5.77
N LEU Q 78 5.72 13.64 6.42
CA LEU Q 78 6.81 14.40 5.83
C LEU Q 78 8.11 13.59 5.81
N LEU Q 79 8.26 12.64 6.73
CA LEU Q 79 9.41 11.75 6.71
C LEU Q 79 9.37 10.84 5.49
N ALA Q 80 8.23 10.20 5.25
CA ALA Q 80 8.09 9.32 4.08
C ALA Q 80 8.20 10.10 2.79
N LYS Q 81 7.77 11.36 2.77
CA LYS Q 81 7.85 12.16 1.56
C LYS Q 81 9.30 12.49 1.21
N ALA Q 82 10.13 12.69 2.23
CA ALA Q 82 11.54 13.01 2.01
C ALA Q 82 12.39 11.79 1.68
N LEU Q 83 11.89 10.59 1.96
CA LEU Q 83 12.63 9.36 1.68
C LEU Q 83 12.55 9.00 0.20
N MET R 1 14.68 11.26 34.30
CA MET R 1 14.84 12.57 33.70
C MET R 1 15.80 12.51 32.50
N SER R 2 16.06 11.29 32.04
CA SER R 2 16.89 11.04 30.87
C SER R 2 18.29 11.63 30.98
N GLY R 3 18.54 12.71 30.26
CA GLY R 3 19.85 13.33 30.24
C GLY R 3 20.80 12.80 29.18
N ASP R 4 20.96 11.47 29.13
CA ASP R 4 21.77 10.88 28.08
C ASP R 4 21.15 11.11 26.70
N ASN R 5 19.81 11.05 26.62
CA ASN R 5 19.15 11.33 25.37
C ASN R 5 19.35 12.79 24.95
N PHE R 6 19.45 13.70 25.91
CA PHE R 6 19.74 15.08 25.57
C PHE R 6 21.14 15.24 25.01
N LEU R 7 22.08 14.38 25.41
CA LEU R 7 23.43 14.45 24.88
C LEU R 7 23.47 14.03 23.42
N LYS R 8 22.86 12.89 23.10
CA LYS R 8 22.87 12.40 21.73
C LYS R 8 22.07 13.30 20.81
N ALA R 9 20.97 13.89 21.32
CA ALA R 9 20.20 14.82 20.52
C ALA R 9 20.97 16.10 20.27
N PHE R 10 21.67 16.61 21.29
CA PHE R 10 22.49 17.80 21.10
C PHE R 10 23.64 17.51 20.14
N ALA R 11 24.26 16.34 20.26
CA ALA R 11 25.32 15.96 19.33
C ALA R 11 24.81 15.74 17.92
N ALA R 12 23.52 15.46 17.76
CA ALA R 12 22.96 15.33 16.42
C ALA R 12 22.81 16.68 15.74
N LEU R 13 22.45 17.71 16.51
CA LEU R 13 22.36 19.06 15.94
C LEU R 13 23.73 19.62 15.61
N GLU R 14 24.75 19.28 16.39
CA GLU R 14 26.10 19.75 16.10
C GLU R 14 26.63 19.12 14.81
N ALA R 15 26.38 17.83 14.61
CA ALA R 15 26.74 17.19 13.35
C ALA R 15 25.87 17.68 12.21
N LEU R 16 24.62 18.02 12.50
CA LEU R 16 23.74 18.58 11.47
C LEU R 16 24.20 19.97 11.04
N ALA R 17 24.74 20.76 11.98
CA ALA R 17 25.19 22.11 11.64
C ALA R 17 26.39 22.10 10.72
N ALA R 18 27.25 21.09 10.84
CA ALA R 18 28.47 21.02 10.05
C ALA R 18 28.23 20.46 8.65
N LEU R 19 27.02 19.98 8.35
CA LEU R 19 26.79 19.39 7.04
C LEU R 19 26.52 20.49 6.00
N PRO R 20 26.97 20.31 4.76
CA PRO R 20 26.58 21.25 3.71
C PRO R 20 25.10 21.13 3.39
N ALA R 21 24.56 22.20 2.82
CA ALA R 21 23.14 22.21 2.48
C ALA R 21 22.78 21.20 1.40
N SER R 22 23.78 20.68 0.68
CA SER R 22 23.52 19.73 -0.38
C SER R 22 23.33 18.31 0.14
N ALA R 23 23.95 17.97 1.27
CA ALA R 23 23.84 16.62 1.82
C ALA R 23 22.44 16.38 2.39
N LYS R 24 21.46 16.22 1.51
CA LYS R 24 20.08 16.07 1.96
C LYS R 24 19.86 14.75 2.68
N GLU R 25 20.46 13.66 2.17
CA GLU R 25 20.27 12.35 2.80
C GLU R 25 20.93 12.29 4.17
N LEU R 26 22.14 12.85 4.29
CA LEU R 26 22.80 12.90 5.59
C LEU R 26 22.04 13.77 6.58
N GLN R 27 21.57 14.93 6.12
CA GLN R 27 20.74 15.77 6.99
C GLN R 27 19.50 15.01 7.44
N LEU R 28 18.72 14.47 6.49
CA LEU R 28 17.50 13.74 6.83
C LEU R 28 17.77 12.61 7.82
N GLU R 29 18.90 11.92 7.66
CA GLU R 29 19.20 10.79 8.54
C GLU R 29 19.55 11.27 9.94
N LEU R 30 20.21 12.42 10.06
CA LEU R 30 20.57 12.94 11.38
C LEU R 30 19.35 13.44 12.14
N ILE R 31 18.38 14.03 11.43
CA ILE R 31 17.20 14.53 12.13
C ILE R 31 16.37 13.38 12.65
N LYS R 32 16.35 12.26 11.92
CA LYS R 32 15.72 11.05 12.46
C LYS R 32 16.45 10.56 13.69
N GLN R 33 17.77 10.66 13.70
CA GLN R 33 18.54 10.34 14.90
C GLN R 33 18.27 11.35 16.01
N PHE R 34 18.17 12.64 15.65
CA PHE R 34 17.92 13.67 16.66
C PHE R 34 16.53 13.50 17.27
N MET R 35 15.50 13.38 16.43
CA MET R 35 14.14 13.27 16.94
C MET R 35 13.92 12.00 17.74
N ALA R 36 14.61 10.91 17.37
CA ALA R 36 14.48 9.68 18.14
C ALA R 36 15.04 9.83 19.55
N GLU R 37 16.07 10.65 19.72
CA GLU R 37 16.61 10.89 21.05
C GLU R 37 15.87 12.00 21.78
N ALA R 38 15.48 13.05 21.05
CA ALA R 38 14.71 14.13 21.66
C ALA R 38 13.34 13.67 22.13
N MET R 39 12.83 12.55 21.59
CA MET R 39 11.54 12.01 21.98
C MET R 39 11.60 11.27 23.32
N LYS R 40 12.74 11.26 24.00
CA LYS R 40 12.91 10.55 25.26
C LYS R 40 13.48 11.46 26.35
N ILE R 41 13.47 12.77 26.12
CA ILE R 41 14.11 13.69 27.06
C ILE R 41 13.27 13.85 28.32
N GLY R 42 12.05 14.36 28.18
CA GLY R 42 11.19 14.58 29.32
C GLY R 42 11.48 15.83 30.11
N ASN R 43 12.42 16.67 29.66
CA ASN R 43 12.76 17.93 30.32
C ASN R 43 12.31 19.07 29.44
N LYS R 44 11.54 20.00 30.01
CA LYS R 44 10.99 21.10 29.23
C LYS R 44 12.09 22.06 28.76
N GLU R 45 13.04 22.39 29.65
CA GLU R 45 14.15 23.26 29.25
C GLU R 45 14.96 22.63 28.13
N GLY R 46 15.19 21.31 28.20
CA GLY R 46 15.97 20.65 27.17
C GLY R 46 15.25 20.61 25.83
N LEU R 47 13.95 20.34 25.85
CA LEU R 47 13.18 20.29 24.60
C LEU R 47 13.10 21.65 23.95
N LEU R 48 12.93 22.71 24.75
CA LEU R 48 12.83 24.05 24.18
C LEU R 48 14.17 24.56 23.70
N LEU R 49 15.26 24.21 24.37
CA LEU R 49 16.58 24.62 23.90
C LEU R 49 16.93 23.94 22.58
N LEU R 50 16.66 22.65 22.47
CA LEU R 50 16.92 21.95 21.21
C LEU R 50 15.98 22.43 20.12
N ALA R 51 14.73 22.75 20.48
CA ALA R 51 13.81 23.32 19.50
C ALA R 51 14.27 24.70 19.04
N GLU R 52 14.84 25.50 19.94
CA GLU R 52 15.39 26.79 19.56
C GLU R 52 16.58 26.61 18.62
N ARG R 53 17.54 25.76 19.00
CA ARG R 53 18.69 25.49 18.15
C ARG R 53 18.25 24.97 16.79
N LEU R 54 17.45 23.90 16.79
CA LEU R 54 16.94 23.32 15.54
C LEU R 54 16.34 24.38 14.62
N GLU R 55 15.67 25.38 15.20
CA GLU R 55 15.08 26.43 14.37
C GLU R 55 16.16 27.31 13.74
N ALA R 56 17.18 27.68 14.51
CA ALA R 56 18.32 28.38 13.94
C ALA R 56 19.03 27.55 12.86
N LEU R 57 18.85 26.23 12.87
CA LEU R 57 19.47 25.39 11.84
C LEU R 57 18.66 25.34 10.56
N LYS R 58 17.40 25.79 10.59
CA LYS R 58 16.54 25.71 9.41
C LYS R 58 17.09 26.45 8.19
N PRO R 59 17.54 27.70 8.27
CA PRO R 59 18.03 28.38 7.06
C PRO R 59 19.25 27.73 6.43
N LYS R 60 19.93 26.82 7.14
CA LYS R 60 21.17 26.23 6.67
C LYS R 60 21.00 24.80 6.19
N VAL R 61 19.76 24.35 5.97
CA VAL R 61 19.53 23.00 5.45
C VAL R 61 18.84 23.09 4.09
N SER R 62 18.57 21.94 3.49
CA SER R 62 17.86 21.89 2.21
C SER R 62 16.43 22.44 2.38
N PRO R 63 15.89 23.08 1.36
CA PRO R 63 14.49 23.54 1.44
C PRO R 63 13.50 22.41 1.66
N GLU R 64 13.73 21.26 1.03
CA GLU R 64 12.88 20.09 1.32
C GLU R 64 12.99 19.67 2.78
N ILE R 65 14.13 19.96 3.41
CA ILE R 65 14.35 19.57 4.79
C ILE R 65 13.91 20.66 5.77
N ALA R 66 13.91 21.93 5.34
CA ALA R 66 13.49 23.03 6.21
C ALA R 66 12.09 22.81 6.76
N VAL R 67 11.23 22.14 6.00
CA VAL R 67 9.90 21.80 6.51
C VAL R 67 10.00 20.69 7.56
N LEU R 68 10.84 19.69 7.30
CA LEU R 68 11.14 18.68 8.32
C LEU R 68 11.66 19.34 9.59
N VAL R 69 12.56 20.31 9.43
CA VAL R 69 13.13 20.99 10.58
C VAL R 69 12.07 21.81 11.32
N GLU R 70 11.15 22.43 10.57
CA GLU R 70 10.14 23.27 11.20
C GLU R 70 9.15 22.44 12.02
N LYS R 71 8.64 21.35 11.44
CA LYS R 71 7.69 20.52 12.17
C LYS R 71 8.37 19.77 13.31
N ALA R 72 9.65 19.46 13.19
CA ALA R 72 10.36 18.77 14.26
C ALA R 72 10.50 19.67 15.48
N ALA R 73 10.97 20.91 15.28
CA ALA R 73 11.08 21.84 16.39
C ALA R 73 9.73 22.18 16.97
N GLU R 74 8.69 22.23 16.12
CA GLU R 74 7.36 22.53 16.60
C GLU R 74 6.80 21.41 17.47
N MET R 75 7.19 20.16 17.19
CA MET R 75 6.72 19.05 18.01
C MET R 75 7.42 19.03 19.37
N LEU R 76 8.71 19.35 19.39
CA LEU R 76 9.42 19.42 20.67
C LEU R 76 8.80 20.46 21.59
N LYS R 77 8.27 21.55 21.03
CA LYS R 77 7.58 22.53 21.85
C LYS R 77 6.24 21.99 22.34
N LEU R 78 5.52 21.27 21.47
CA LEU R 78 4.31 20.59 21.93
C LEU R 78 4.64 19.49 22.93
N LEU R 79 5.78 18.83 22.77
CA LEU R 79 6.20 17.83 23.75
C LEU R 79 6.49 18.47 25.10
N ALA R 80 7.24 19.57 25.11
CA ALA R 80 7.55 20.25 26.36
C ALA R 80 6.29 20.83 27.01
N LYS R 81 5.33 21.27 26.20
CA LYS R 81 4.09 21.82 26.75
C LYS R 81 3.22 20.73 27.36
N ALA R 82 3.23 19.53 26.79
CA ALA R 82 2.42 18.44 27.31
C ALA R 82 3.00 17.80 28.57
N LEU R 83 4.26 18.08 28.90
CA LEU R 83 4.89 17.50 30.07
C LEU R 83 4.55 18.29 31.34
N SER S 2 36.29 -5.83 34.06
CA SER S 2 37.18 -6.06 35.20
C SER S 2 36.47 -5.70 36.51
N GLY S 3 36.18 -4.42 36.69
CA GLY S 3 35.47 -4.00 37.90
C GLY S 3 34.05 -4.50 37.95
N ASP S 4 33.33 -4.39 36.83
CA ASP S 4 31.97 -4.90 36.77
C ASP S 4 31.94 -6.41 36.93
N ASN S 5 32.91 -7.11 36.34
CA ASN S 5 32.94 -8.57 36.46
C ASN S 5 33.26 -9.01 37.88
N PHE S 6 34.06 -8.24 38.61
CA PHE S 6 34.35 -8.58 40.00
C PHE S 6 33.11 -8.41 40.89
N LEU S 7 32.25 -7.45 40.56
CA LEU S 7 31.02 -7.28 41.32
C LEU S 7 30.11 -8.50 41.22
N LYS S 8 29.80 -8.92 39.99
CA LYS S 8 28.92 -10.07 39.81
C LYS S 8 29.57 -11.35 40.30
N ALA S 9 30.88 -11.50 40.10
CA ALA S 9 31.57 -12.69 40.60
C ALA S 9 31.54 -12.75 42.12
N PHE S 10 31.77 -11.62 42.78
CA PHE S 10 31.65 -11.58 44.24
C PHE S 10 30.20 -11.77 44.66
N ALA S 11 29.25 -11.17 43.95
CA ALA S 11 27.84 -11.35 44.28
C ALA S 11 27.40 -12.78 44.04
N ALA S 12 28.02 -13.48 43.10
CA ALA S 12 27.69 -14.88 42.87
C ALA S 12 28.15 -15.75 44.02
N LEU S 13 29.29 -15.42 44.62
CA LEU S 13 29.75 -16.17 45.78
C LEU S 13 28.93 -15.86 47.03
N GLU S 14 28.48 -14.60 47.16
CA GLU S 14 27.61 -14.25 48.28
C GLU S 14 26.29 -15.00 48.20
N ALA S 15 25.70 -15.08 47.00
CA ALA S 15 24.48 -15.86 46.85
C ALA S 15 24.75 -17.35 47.04
N LEU S 16 25.88 -17.83 46.53
CA LEU S 16 26.21 -19.25 46.69
C LEU S 16 26.36 -19.63 48.15
N ALA S 17 26.90 -18.72 48.98
CA ALA S 17 27.08 -19.02 50.39
C ALA S 17 25.76 -19.10 51.15
N ALA S 18 24.70 -18.51 50.61
CA ALA S 18 23.38 -18.53 51.26
C ALA S 18 22.54 -19.71 50.83
N LEU S 19 23.05 -20.58 49.97
CA LEU S 19 22.34 -21.74 49.46
C LEU S 19 22.50 -22.93 50.40
N PRO S 20 21.46 -23.72 50.58
CA PRO S 20 21.60 -24.98 51.31
C PRO S 20 22.43 -25.97 50.53
N ALA S 21 23.05 -26.90 51.26
CA ALA S 21 23.91 -27.90 50.64
C ALA S 21 23.17 -28.83 49.70
N SER S 22 21.84 -28.81 49.69
CA SER S 22 21.05 -29.69 48.85
C SER S 22 20.68 -29.07 47.51
N ALA S 23 20.58 -27.74 47.43
CA ALA S 23 20.22 -27.08 46.19
C ALA S 23 21.32 -27.25 45.16
N LYS S 24 21.46 -28.48 44.64
CA LYS S 24 22.58 -28.80 43.76
C LYS S 24 22.47 -28.04 42.44
N GLU S 25 21.29 -28.03 41.84
CA GLU S 25 21.11 -27.36 40.55
C GLU S 25 21.40 -25.87 40.66
N LEU S 26 21.00 -25.24 41.77
CA LEU S 26 21.24 -23.82 41.94
C LEU S 26 22.73 -23.55 42.20
N GLN S 27 23.37 -24.37 43.03
CA GLN S 27 24.79 -24.20 43.30
C GLN S 27 25.61 -24.34 42.02
N LEU S 28 25.22 -25.28 41.14
CA LEU S 28 25.96 -25.47 39.89
C LEU S 28 25.80 -24.28 38.96
N GLU S 29 24.62 -23.68 38.95
CA GLU S 29 24.38 -22.56 38.03
C GLU S 29 25.07 -21.29 38.49
N LEU S 30 25.10 -21.04 39.81
CA LEU S 30 25.81 -19.87 40.31
C LEU S 30 27.31 -19.99 40.08
N ILE S 31 27.85 -21.20 40.10
CA ILE S 31 29.26 -21.39 39.79
C ILE S 31 29.52 -21.15 38.30
N LYS S 32 28.59 -21.60 37.44
CA LYS S 32 28.68 -21.24 36.03
C LYS S 32 28.63 -19.73 35.85
N GLN S 33 27.76 -19.06 36.61
CA GLN S 33 27.71 -17.60 36.56
C GLN S 33 28.98 -16.98 37.13
N PHE S 34 29.45 -17.50 38.27
CA PHE S 34 30.64 -16.94 38.88
C PHE S 34 31.87 -17.11 37.99
N MET S 35 32.04 -18.29 37.41
CA MET S 35 33.23 -18.56 36.60
C MET S 35 33.25 -17.72 35.33
N ALA S 36 32.09 -17.53 34.71
CA ALA S 36 32.04 -16.72 33.50
C ALA S 36 32.36 -15.26 33.79
N GLU S 37 32.01 -14.77 34.98
CA GLU S 37 32.40 -13.41 35.36
C GLU S 37 33.86 -13.37 35.82
N ALA S 38 34.31 -14.42 36.52
CA ALA S 38 35.71 -14.48 36.94
C ALA S 38 36.66 -14.62 35.76
N MET S 39 36.19 -15.13 34.63
CA MET S 39 37.03 -15.22 33.44
C MET S 39 37.31 -13.87 32.81
N LYS S 40 36.63 -12.81 33.25
CA LYS S 40 36.82 -11.48 32.69
C LYS S 40 37.36 -10.50 33.72
N ILE S 41 38.05 -10.99 34.74
CA ILE S 41 38.59 -10.11 35.77
C ILE S 41 39.82 -9.38 35.26
N GLY S 42 40.88 -10.13 34.95
CA GLY S 42 42.12 -9.51 34.53
C GLY S 42 42.96 -8.94 35.65
N ASN S 43 42.57 -9.17 36.90
CA ASN S 43 43.32 -8.71 38.06
C ASN S 43 43.76 -9.92 38.87
N LYS S 44 45.06 -9.96 39.21
CA LYS S 44 45.58 -11.10 39.95
C LYS S 44 45.01 -11.16 41.36
N GLU S 45 44.99 -10.03 42.06
CA GLU S 45 44.44 -9.99 43.41
C GLU S 45 42.95 -10.30 43.42
N GLY S 46 42.24 -9.84 42.38
CA GLY S 46 40.82 -10.15 42.29
C GLY S 46 40.57 -11.63 42.06
N LEU S 47 41.31 -12.25 41.15
CA LEU S 47 41.16 -13.68 40.89
C LEU S 47 41.51 -14.50 42.12
N LEU S 48 42.61 -14.15 42.79
CA LEU S 48 43.01 -14.90 43.98
C LEU S 48 41.97 -14.75 45.10
N LEU S 49 41.53 -13.51 45.36
CA LEU S 49 40.54 -13.30 46.41
C LEU S 49 39.28 -14.10 46.15
N LEU S 50 38.82 -14.12 44.90
CA LEU S 50 37.64 -14.92 44.56
C LEU S 50 37.94 -16.42 44.58
N ALA S 51 39.20 -16.80 44.30
CA ALA S 51 39.55 -18.21 44.33
C ALA S 51 39.55 -18.76 45.75
N GLU S 52 40.14 -18.02 46.70
CA GLU S 52 40.10 -18.47 48.09
C GLU S 52 38.67 -18.51 48.62
N ARG S 53 37.87 -17.49 48.29
CA ARG S 53 36.49 -17.46 48.75
C ARG S 53 35.69 -18.64 48.21
N LEU S 54 35.95 -19.03 46.96
CA LEU S 54 35.28 -20.19 46.38
C LEU S 54 35.73 -21.49 47.04
N GLU S 55 37.03 -21.60 47.30
CA GLU S 55 37.54 -22.82 47.92
C GLU S 55 37.02 -22.98 49.35
N ALA S 56 36.75 -21.87 50.03
CA ALA S 56 36.19 -21.93 51.37
C ALA S 56 34.71 -22.33 51.38
N LEU S 57 34.07 -22.36 50.21
CA LEU S 57 32.68 -22.78 50.09
C LEU S 57 32.53 -24.23 49.68
N LYS S 58 33.64 -24.92 49.42
CA LYS S 58 33.60 -26.34 49.08
C LYS S 58 32.85 -27.20 50.09
N PRO S 59 32.94 -26.98 51.41
CA PRO S 59 32.11 -27.76 52.33
C PRO S 59 30.62 -27.45 52.22
N LYS S 60 30.24 -26.21 51.95
CA LYS S 60 28.81 -25.87 51.92
C LYS S 60 28.10 -26.38 50.68
N VAL S 61 28.83 -26.74 49.63
CA VAL S 61 28.20 -27.19 48.40
C VAL S 61 28.04 -28.71 48.44
N SER S 62 27.21 -29.22 47.54
CA SER S 62 26.99 -30.65 47.46
C SER S 62 28.29 -31.36 47.09
N PRO S 63 28.54 -32.58 47.58
CA PRO S 63 29.81 -33.25 47.28
C PRO S 63 30.03 -33.49 45.79
N GLU S 64 28.95 -33.71 45.03
CA GLU S 64 29.04 -33.88 43.58
C GLU S 64 29.55 -32.62 42.88
N ILE S 65 29.55 -31.48 43.56
CA ILE S 65 30.05 -30.23 43.01
C ILE S 65 31.37 -29.79 43.65
N ALA S 66 31.67 -30.26 44.87
CA ALA S 66 32.87 -29.82 45.57
C ALA S 66 34.13 -30.05 44.74
N VAL S 67 34.20 -31.17 44.02
CA VAL S 67 35.36 -31.42 43.17
C VAL S 67 35.40 -30.45 41.99
N LEU S 68 34.25 -29.92 41.58
CA LEU S 68 34.25 -28.85 40.58
C LEU S 68 34.62 -27.52 41.21
N VAL S 69 34.23 -27.31 42.47
CA VAL S 69 34.61 -26.09 43.18
C VAL S 69 36.12 -26.02 43.36
N GLU S 70 36.71 -27.09 43.90
CA GLU S 70 38.16 -27.16 44.02
C GLU S 70 38.83 -26.97 42.67
N LYS S 71 38.24 -27.54 41.62
CA LYS S 71 38.82 -27.39 40.28
C LYS S 71 38.64 -25.99 39.74
N ALA S 72 37.49 -25.37 40.00
CA ALA S 72 37.27 -23.99 39.56
C ALA S 72 38.21 -23.02 40.27
N ALA S 73 38.51 -23.29 41.55
CA ALA S 73 39.46 -22.45 42.27
C ALA S 73 40.86 -22.60 41.71
N GLU S 74 41.27 -23.85 41.43
CA GLU S 74 42.60 -24.09 40.86
C GLU S 74 42.78 -23.38 39.53
N MET S 75 41.72 -23.31 38.72
CA MET S 75 41.80 -22.60 37.44
C MET S 75 42.08 -21.12 37.66
N LEU S 76 41.35 -20.49 38.57
CA LEU S 76 41.52 -19.06 38.80
C LEU S 76 42.90 -18.73 39.34
N LYS S 77 43.48 -19.60 40.17
CA LYS S 77 44.84 -19.37 40.65
C LYS S 77 45.84 -19.52 39.52
N LEU S 78 45.67 -20.55 38.68
CA LEU S 78 46.57 -20.74 37.55
C LEU S 78 46.48 -19.59 36.56
N LEU S 79 45.32 -18.95 36.44
CA LEU S 79 45.21 -17.77 35.60
C LEU S 79 45.93 -16.58 36.24
N ALA S 80 45.65 -16.34 37.53
CA ALA S 80 46.26 -15.19 38.22
C ALA S 80 47.78 -15.25 38.17
N LYS S 81 48.36 -16.45 38.24
CA LYS S 81 49.80 -16.58 38.13
C LYS S 81 50.30 -16.44 36.70
N ALA S 82 49.43 -16.65 35.71
CA ALA S 82 49.82 -16.43 34.32
C ALA S 82 49.77 -14.97 33.93
N LEU S 83 49.12 -14.13 34.72
CA LEU S 83 49.06 -12.69 34.47
C LEU S 83 50.33 -11.99 34.95
N SER T 2 21.92 -24.24 25.49
CA SER T 2 22.37 -22.92 25.04
C SER T 2 23.37 -23.04 23.89
N GLY T 3 22.85 -23.20 22.67
CA GLY T 3 23.70 -23.32 21.50
C GLY T 3 24.51 -22.09 21.18
N ASP T 4 24.05 -20.91 21.64
CA ASP T 4 24.81 -19.69 21.37
C ASP T 4 26.14 -19.69 22.10
N ASN T 5 26.17 -20.22 23.32
CA ASN T 5 27.43 -20.31 24.05
C ASN T 5 28.36 -21.35 23.44
N PHE T 6 27.80 -22.35 22.76
CA PHE T 6 28.65 -23.38 22.14
C PHE T 6 29.38 -22.82 20.93
N LEU T 7 28.67 -22.12 20.05
CA LEU T 7 29.31 -21.61 18.84
C LEU T 7 30.32 -20.52 19.14
N LYS T 8 30.10 -19.73 20.20
CA LYS T 8 31.11 -18.77 20.63
C LYS T 8 32.32 -19.46 21.22
N ALA T 9 32.10 -20.48 22.04
CA ALA T 9 33.22 -21.25 22.58
C ALA T 9 33.93 -22.02 21.48
N PHE T 10 33.18 -22.56 20.53
CA PHE T 10 33.79 -23.24 19.39
C PHE T 10 34.63 -22.27 18.57
N ALA T 11 34.11 -21.06 18.33
CA ALA T 11 34.88 -20.06 17.61
C ALA T 11 36.12 -19.64 18.40
N ALA T 12 36.06 -19.71 19.73
CA ALA T 12 37.21 -19.34 20.54
C ALA T 12 38.35 -20.34 20.38
N LEU T 13 38.02 -21.63 20.22
CA LEU T 13 39.06 -22.63 20.04
C LEU T 13 39.74 -22.49 18.68
N GLU T 14 38.96 -22.24 17.63
CA GLU T 14 39.54 -22.13 16.29
C GLU T 14 40.42 -20.89 16.18
N ALA T 15 40.05 -19.80 16.85
CA ALA T 15 40.94 -18.64 16.93
C ALA T 15 42.15 -18.95 17.80
N LEU T 16 41.98 -19.78 18.82
CA LEU T 16 43.09 -20.14 19.69
C LEU T 16 44.07 -21.07 18.97
N ALA T 17 43.56 -21.98 18.14
CA ALA T 17 44.42 -22.88 17.41
C ALA T 17 45.20 -22.18 16.30
N ALA T 18 44.73 -21.01 15.85
CA ALA T 18 45.43 -20.27 14.81
C ALA T 18 46.52 -19.36 15.36
N LEU T 19 46.59 -19.18 16.68
CA LEU T 19 47.61 -18.35 17.30
C LEU T 19 48.96 -19.06 17.29
N PRO T 20 50.05 -18.30 17.11
CA PRO T 20 51.37 -18.88 17.26
C PRO T 20 51.67 -19.21 18.72
N ALA T 21 52.56 -20.20 18.92
CA ALA T 21 52.88 -20.64 20.27
C ALA T 21 53.56 -19.55 21.10
N SER T 22 53.96 -18.43 20.49
CA SER T 22 54.61 -17.35 21.21
C SER T 22 53.63 -16.32 21.76
N ALA T 23 52.42 -16.24 21.22
CA ALA T 23 51.43 -15.26 21.65
C ALA T 23 50.75 -15.78 22.90
N LYS T 24 51.46 -15.67 24.04
CA LYS T 24 50.94 -16.16 25.30
C LYS T 24 49.76 -15.32 25.78
N GLU T 25 49.90 -13.99 25.72
CA GLU T 25 48.86 -13.12 26.24
C GLU T 25 47.57 -13.26 25.44
N LEU T 26 47.67 -13.47 24.13
CA LEU T 26 46.49 -13.75 23.33
C LEU T 26 45.91 -15.13 23.66
N GLN T 27 46.79 -16.13 23.81
CA GLN T 27 46.32 -17.46 24.16
C GLN T 27 45.60 -17.46 25.51
N LEU T 28 46.15 -16.72 26.48
CA LEU T 28 45.49 -16.61 27.79
C LEU T 28 44.15 -15.90 27.67
N GLU T 29 44.07 -14.85 26.86
CA GLU T 29 42.82 -14.11 26.73
C GLU T 29 41.75 -14.93 26.04
N LEU T 30 42.12 -15.72 25.03
CA LEU T 30 41.14 -16.53 24.33
C LEU T 30 40.66 -17.70 25.20
N ILE T 31 41.54 -18.25 26.04
CA ILE T 31 41.11 -19.28 26.98
C ILE T 31 40.12 -18.71 27.98
N LYS T 32 40.37 -17.49 28.46
CA LYS T 32 39.41 -16.81 29.33
C LYS T 32 38.12 -16.53 28.59
N GLN T 33 38.19 -16.22 27.30
CA GLN T 33 36.98 -16.05 26.49
C GLN T 33 36.29 -17.40 26.25
N PHE T 34 37.08 -18.45 26.01
CA PHE T 34 36.51 -19.77 25.78
C PHE T 34 35.82 -20.29 27.03
N MET T 35 36.49 -20.18 28.19
CA MET T 35 35.92 -20.69 29.43
C MET T 35 34.67 -19.93 29.82
N ALA T 36 34.64 -18.62 29.57
CA ALA T 36 33.47 -17.83 29.92
C ALA T 36 32.23 -18.30 29.17
N GLU T 37 32.41 -18.76 27.93
CA GLU T 37 31.29 -19.28 27.14
C GLU T 37 31.03 -20.75 27.42
N ALA T 38 32.09 -21.55 27.59
CA ALA T 38 31.93 -22.98 27.80
C ALA T 38 31.28 -23.30 29.13
N MET T 39 31.33 -22.39 30.10
CA MET T 39 30.66 -22.61 31.38
C MET T 39 29.15 -22.65 31.24
N LYS T 40 28.58 -22.05 30.19
CA LYS T 40 27.14 -21.91 30.05
C LYS T 40 26.55 -22.80 28.97
N ILE T 41 27.27 -23.85 28.57
CA ILE T 41 26.80 -24.69 27.47
C ILE T 41 25.63 -25.55 27.92
N GLY T 42 25.85 -26.41 28.90
CA GLY T 42 24.80 -27.27 29.41
C GLY T 42 24.50 -28.49 28.57
N ASN T 43 25.16 -28.66 27.42
CA ASN T 43 25.02 -29.86 26.61
C ASN T 43 26.19 -30.78 26.88
N LYS T 44 25.89 -32.00 27.34
CA LYS T 44 26.94 -32.91 27.79
C LYS T 44 27.90 -33.26 26.66
N GLU T 45 27.42 -33.37 25.42
CA GLU T 45 28.28 -33.76 24.32
C GLU T 45 28.96 -32.57 23.66
N GLY T 46 28.45 -31.35 23.86
CA GLY T 46 29.17 -30.18 23.39
C GLY T 46 30.35 -29.85 24.29
N LEU T 47 30.21 -30.11 25.59
CA LEU T 47 31.33 -29.90 26.50
C LEU T 47 32.47 -30.88 26.22
N LEU T 48 32.14 -32.15 26.02
CA LEU T 48 33.17 -33.15 25.76
C LEU T 48 33.85 -32.93 24.42
N LEU T 49 33.11 -32.45 23.42
CA LEU T 49 33.72 -32.16 22.12
C LEU T 49 34.75 -31.04 22.23
N LEU T 50 34.40 -29.96 22.93
CA LEU T 50 35.34 -28.85 23.09
C LEU T 50 36.50 -29.23 23.99
N ALA T 51 36.24 -30.04 25.03
CA ALA T 51 37.32 -30.50 25.88
C ALA T 51 38.28 -31.40 25.12
N GLU T 52 37.74 -32.31 24.29
CA GLU T 52 38.58 -33.17 23.47
C GLU T 52 39.35 -32.34 22.44
N ARG T 53 38.68 -31.34 21.85
CA ARG T 53 39.36 -30.45 20.91
C ARG T 53 40.37 -29.57 21.62
N LEU T 54 40.14 -29.25 22.89
CA LEU T 54 41.08 -28.43 23.65
C LEU T 54 42.32 -29.22 24.00
N GLU T 55 42.16 -30.50 24.33
CA GLU T 55 43.32 -31.33 24.68
C GLU T 55 44.27 -31.48 23.50
N ALA T 56 43.73 -31.60 22.29
CA ALA T 56 44.57 -31.74 21.10
C ALA T 56 45.44 -30.53 20.86
N LEU T 57 45.10 -29.38 21.45
CA LEU T 57 45.87 -28.15 21.27
C LEU T 57 47.00 -28.01 22.28
N LYS T 58 47.01 -28.83 23.33
CA LYS T 58 48.02 -28.73 24.37
C LYS T 58 49.48 -28.91 23.87
N PRO T 59 49.79 -29.94 23.08
CA PRO T 59 51.21 -30.11 22.69
C PRO T 59 51.75 -29.03 21.78
N LYS T 60 50.96 -28.01 21.45
CA LYS T 60 51.36 -27.00 20.48
C LYS T 60 51.42 -25.59 21.08
N VAL T 61 51.37 -25.47 22.40
CA VAL T 61 51.31 -24.17 23.06
C VAL T 61 52.45 -24.07 24.07
N SER T 62 52.69 -22.84 24.54
CA SER T 62 53.69 -22.60 25.57
C SER T 62 53.38 -23.43 26.80
N PRO T 63 54.40 -23.88 27.54
CA PRO T 63 54.13 -24.72 28.72
C PRO T 63 53.30 -24.04 29.79
N GLU T 64 53.42 -22.72 29.93
CA GLU T 64 52.55 -22.01 30.86
C GLU T 64 51.09 -22.14 30.44
N ILE T 65 50.82 -22.07 29.13
CA ILE T 65 49.46 -22.23 28.63
C ILE T 65 49.01 -23.68 28.70
N ALA T 66 49.94 -24.63 28.62
CA ALA T 66 49.57 -26.04 28.52
C ALA T 66 48.83 -26.50 29.77
N VAL T 67 49.28 -26.09 30.95
CA VAL T 67 48.60 -26.48 32.18
C VAL T 67 47.23 -25.84 32.26
N LEU T 68 47.10 -24.59 31.80
CA LEU T 68 45.78 -23.97 31.71
C LEU T 68 44.86 -24.75 30.77
N VAL T 69 45.40 -25.19 29.64
CA VAL T 69 44.62 -26.00 28.70
C VAL T 69 44.23 -27.32 29.33
N GLU T 70 45.14 -27.92 30.11
CA GLU T 70 44.86 -29.19 30.76
C GLU T 70 43.70 -29.07 31.74
N LYS T 71 43.78 -28.09 32.65
CA LYS T 71 42.75 -27.95 33.68
C LYS T 71 41.44 -27.45 33.10
N ALA T 72 41.49 -26.71 31.99
CA ALA T 72 40.27 -26.24 31.34
C ALA T 72 39.49 -27.40 30.73
N ALA T 73 40.19 -28.28 30.02
CA ALA T 73 39.53 -29.45 29.43
C ALA T 73 39.01 -30.38 30.52
N GLU T 74 39.79 -30.55 31.60
CA GLU T 74 39.34 -31.31 32.76
C GLU T 74 38.14 -30.66 33.42
N MET T 75 38.06 -29.32 33.37
CA MET T 75 36.91 -28.61 33.93
C MET T 75 35.63 -28.97 33.19
N LEU T 76 35.68 -28.96 31.85
CA LEU T 76 34.47 -29.22 31.06
C LEU T 76 33.98 -30.65 31.22
N LYS T 77 34.89 -31.61 31.42
CA LYS T 77 34.47 -32.98 31.66
C LYS T 77 33.72 -33.10 32.99
N LEU T 78 34.20 -32.39 34.03
CA LEU T 78 33.50 -32.39 35.31
C LEU T 78 32.14 -31.71 35.19
N LEU T 79 32.02 -30.68 34.33
CA LEU T 79 30.73 -30.07 34.08
C LEU T 79 29.78 -31.05 33.41
N ALA T 80 30.24 -31.74 32.36
CA ALA T 80 29.40 -32.71 31.68
C ALA T 80 28.95 -33.81 32.63
N LYS T 81 29.84 -34.23 33.54
CA LYS T 81 29.45 -35.21 34.55
C LYS T 81 28.45 -34.62 35.53
N ALA T 82 28.59 -33.33 35.85
CA ALA T 82 27.69 -32.69 36.82
C ALA T 82 26.28 -32.52 36.25
N LEU T 83 26.11 -32.55 34.94
CA LEU T 83 24.80 -32.40 34.33
C LEU T 83 24.00 -33.70 34.43
N SER U 2 12.52 -18.37 24.15
CA SER U 2 11.47 -18.86 25.03
C SER U 2 10.21 -18.01 24.91
N GLY U 3 9.76 -17.46 26.04
CA GLY U 3 8.52 -16.69 26.03
C GLY U 3 8.67 -15.32 25.40
N ASP U 4 9.81 -14.66 25.65
CA ASP U 4 10.03 -13.36 25.03
C ASP U 4 10.16 -13.48 23.52
N ASN U 5 10.72 -14.59 23.04
CA ASN U 5 10.78 -14.81 21.59
C ASN U 5 9.42 -15.13 21.02
N PHE U 6 8.52 -15.71 21.83
CA PHE U 6 7.18 -16.01 21.34
C PHE U 6 6.33 -14.75 21.21
N LEU U 7 6.39 -13.87 22.21
CA LEU U 7 5.58 -12.65 22.14
C LEU U 7 6.09 -11.69 21.07
N LYS U 8 7.39 -11.71 20.79
CA LYS U 8 7.92 -10.89 19.71
C LYS U 8 7.61 -11.48 18.34
N ALA U 9 7.55 -12.81 18.24
CA ALA U 9 7.13 -13.44 17.00
C ALA U 9 5.62 -13.28 16.81
N PHE U 10 4.85 -13.42 17.88
CA PHE U 10 3.41 -13.25 17.80
C PHE U 10 3.05 -11.83 17.39
N ALA U 11 3.76 -10.84 17.94
CA ALA U 11 3.52 -9.45 17.54
C ALA U 11 3.91 -9.22 16.08
N ALA U 12 4.87 -9.99 15.57
CA ALA U 12 5.25 -9.85 14.17
C ALA U 12 4.13 -10.30 13.24
N LEU U 13 3.42 -11.37 13.61
CA LEU U 13 2.31 -11.84 12.79
C LEU U 13 1.13 -10.87 12.85
N GLU U 14 0.93 -10.18 13.97
CA GLU U 14 -0.17 -9.24 14.07
C GLU U 14 0.09 -8.01 13.20
N ALA U 15 1.30 -7.48 13.22
CA ALA U 15 1.64 -6.37 12.32
C ALA U 15 1.63 -6.81 10.87
N LEU U 16 2.04 -8.06 10.60
CA LEU U 16 1.95 -8.59 9.25
C LEU U 16 0.51 -8.69 8.78
N ALA U 17 -0.41 -9.05 9.68
CA ALA U 17 -1.81 -9.17 9.34
C ALA U 17 -2.50 -7.83 9.14
N ALA U 18 -1.83 -6.72 9.43
CA ALA U 18 -2.39 -5.39 9.24
C ALA U 18 -1.83 -4.69 8.01
N LEU U 19 -0.90 -5.32 7.29
CA LEU U 19 -0.30 -4.68 6.14
C LEU U 19 -1.14 -4.92 4.89
N PRO U 20 -1.14 -3.96 3.96
CA PRO U 20 -1.78 -4.20 2.66
C PRO U 20 -1.04 -5.28 1.90
N ALA U 21 -1.77 -5.94 1.00
CA ALA U 21 -1.17 -7.03 0.22
C ALA U 21 -0.09 -6.53 -0.73
N SER U 22 -0.03 -5.23 -1.01
CA SER U 22 0.95 -4.67 -1.92
C SER U 22 2.25 -4.27 -1.25
N ALA U 23 2.33 -4.35 0.08
CA ALA U 23 3.52 -3.94 0.81
C ALA U 23 4.50 -5.11 0.93
N LYS U 24 5.06 -5.49 -0.22
CA LYS U 24 5.97 -6.63 -0.28
C LYS U 24 7.17 -6.44 0.63
N GLU U 25 7.86 -5.31 0.48
CA GLU U 25 9.10 -5.08 1.22
C GLU U 25 8.88 -5.09 2.72
N LEU U 26 7.77 -4.49 3.17
CA LEU U 26 7.47 -4.48 4.60
C LEU U 26 7.07 -5.87 5.09
N GLN U 27 6.28 -6.59 4.29
CA GLN U 27 5.92 -7.96 4.64
C GLN U 27 7.16 -8.85 4.73
N LEU U 28 8.07 -8.71 3.76
CA LEU U 28 9.28 -9.53 3.76
C LEU U 28 10.12 -9.28 5.01
N GLU U 29 10.20 -8.02 5.44
CA GLU U 29 11.03 -7.71 6.60
C GLU U 29 10.41 -8.24 7.89
N LEU U 30 9.09 -8.11 8.04
CA LEU U 30 8.43 -8.63 9.24
C LEU U 30 8.55 -10.15 9.33
N ILE U 31 8.58 -10.84 8.19
CA ILE U 31 8.75 -12.29 8.21
C ILE U 31 10.19 -12.64 8.56
N LYS U 32 11.16 -11.86 8.07
CA LYS U 32 12.53 -12.04 8.52
C LYS U 32 12.66 -11.80 10.02
N GLN U 33 11.89 -10.84 10.55
CA GLN U 33 11.87 -10.62 12.00
C GLN U 33 11.13 -11.75 12.71
N PHE U 34 9.99 -12.19 12.16
CA PHE U 34 9.23 -13.26 12.79
C PHE U 34 10.03 -14.54 12.85
N MET U 35 10.75 -14.86 11.78
CA MET U 35 11.48 -16.11 11.72
C MET U 35 12.71 -16.10 12.62
N ALA U 36 13.35 -14.94 12.78
CA ALA U 36 14.48 -14.85 13.71
C ALA U 36 14.04 -15.11 15.14
N GLU U 37 12.83 -14.65 15.49
CA GLU U 37 12.32 -14.88 16.85
C GLU U 37 11.74 -16.29 16.99
N ALA U 38 11.02 -16.77 15.98
CA ALA U 38 10.37 -18.07 16.08
C ALA U 38 11.40 -19.20 16.18
N MET U 39 12.61 -18.98 15.68
CA MET U 39 13.64 -20.00 15.77
C MET U 39 14.10 -20.21 17.21
N LYS U 40 14.07 -19.16 18.02
CA LYS U 40 14.50 -19.24 19.41
C LYS U 40 13.43 -19.80 20.33
N ILE U 41 12.30 -20.24 19.78
CA ILE U 41 11.20 -20.76 20.58
C ILE U 41 11.40 -22.27 20.74
N GLY U 42 11.44 -22.73 21.99
CA GLY U 42 11.63 -24.13 22.27
C GLY U 42 10.37 -24.82 22.76
N ASN U 43 9.22 -24.18 22.56
CA ASN U 43 7.93 -24.71 22.98
C ASN U 43 7.19 -25.25 21.77
N LYS U 44 6.75 -26.50 21.86
CA LYS U 44 6.08 -27.14 20.75
C LYS U 44 4.73 -26.48 20.45
N GLU U 45 4.00 -26.07 21.50
CA GLU U 45 2.69 -25.48 21.31
C GLU U 45 2.78 -24.07 20.73
N GLY U 46 3.84 -23.33 21.06
CA GLY U 46 4.00 -21.99 20.51
C GLY U 46 4.38 -22.01 19.04
N LEU U 47 5.19 -23.00 18.64
CA LEU U 47 5.59 -23.11 17.24
C LEU U 47 4.40 -23.49 16.36
N LEU U 48 3.58 -24.45 16.80
CA LEU U 48 2.43 -24.85 16.00
C LEU U 48 1.35 -23.77 15.98
N LEU U 49 1.24 -22.99 17.06
CA LEU U 49 0.36 -21.82 17.05
C LEU U 49 0.76 -20.86 15.94
N LEU U 50 2.00 -20.34 16.02
CA LEU U 50 2.48 -19.37 15.02
C LEU U 50 2.47 -19.94 13.62
N ALA U 51 2.75 -21.24 13.46
CA ALA U 51 2.69 -21.85 12.13
C ALA U 51 1.29 -21.79 11.56
N GLU U 52 0.28 -22.02 12.40
CA GLU U 52 -1.10 -21.97 11.92
C GLU U 52 -1.54 -20.53 11.66
N ARG U 53 -1.14 -19.61 12.53
CA ARG U 53 -1.43 -18.19 12.28
C ARG U 53 -0.72 -17.71 11.03
N LEU U 54 0.46 -18.26 10.73
CA LEU U 54 1.22 -17.85 9.55
C LEU U 54 0.55 -18.35 8.27
N GLU U 55 0.06 -19.60 8.28
CA GLU U 55 -0.65 -20.12 7.12
C GLU U 55 -1.92 -19.34 6.85
N ALA U 56 -2.58 -18.84 7.89
CA ALA U 56 -3.78 -18.04 7.70
C ALA U 56 -3.50 -16.67 7.12
N LEU U 57 -2.23 -16.24 7.08
CA LEU U 57 -1.86 -14.95 6.52
C LEU U 57 -1.33 -15.05 5.10
N LYS U 58 -1.30 -16.26 4.52
CA LYS U 58 -0.82 -16.40 3.15
C LYS U 58 -1.67 -15.65 2.12
N PRO U 59 -3.00 -15.61 2.22
CA PRO U 59 -3.77 -14.78 1.26
C PRO U 59 -3.51 -13.29 1.40
N LYS U 60 -2.98 -12.83 2.53
CA LYS U 60 -2.82 -11.41 2.77
C LYS U 60 -1.44 -10.87 2.41
N VAL U 61 -0.48 -11.73 2.10
CA VAL U 61 0.87 -11.30 1.76
C VAL U 61 1.00 -11.22 0.24
N SER U 62 2.04 -10.54 -0.22
CA SER U 62 2.29 -10.45 -1.65
C SER U 62 2.57 -11.83 -2.23
N PRO U 63 2.21 -12.07 -3.49
CA PRO U 63 2.45 -13.41 -4.08
C PRO U 63 3.91 -13.81 -4.11
N GLU U 64 4.85 -12.86 -4.14
CA GLU U 64 6.26 -13.18 -4.04
C GLU U 64 6.66 -13.69 -2.65
N ILE U 65 5.76 -13.60 -1.68
CA ILE U 65 6.04 -14.03 -0.32
C ILE U 65 5.27 -15.28 0.07
N ALA U 66 4.11 -15.55 -0.56
CA ALA U 66 3.28 -16.68 -0.18
C ALA U 66 4.06 -17.98 -0.12
N VAL U 67 5.02 -18.17 -1.05
CA VAL U 67 5.85 -19.36 -1.02
C VAL U 67 6.78 -19.33 0.19
N LEU U 68 7.32 -18.16 0.52
CA LEU U 68 8.17 -18.05 1.70
C LEU U 68 7.38 -18.26 2.98
N VAL U 69 6.13 -17.77 3.02
CA VAL U 69 5.27 -17.99 4.18
C VAL U 69 4.92 -19.47 4.28
N GLU U 70 4.63 -20.12 3.16
CA GLU U 70 4.27 -21.53 3.18
C GLU U 70 5.44 -22.39 3.66
N LYS U 71 6.65 -22.06 3.23
CA LYS U 71 7.82 -22.80 3.69
C LYS U 71 8.18 -22.47 5.13
N ALA U 72 7.94 -21.21 5.56
CA ALA U 72 8.23 -20.84 6.93
C ALA U 72 7.32 -21.57 7.91
N ALA U 73 6.04 -21.72 7.58
CA ALA U 73 5.13 -22.45 8.45
C ALA U 73 5.47 -23.94 8.47
N GLU U 74 6.00 -24.47 7.35
CA GLU U 74 6.40 -25.87 7.32
C GLU U 74 7.61 -26.11 8.22
N MET U 75 8.53 -25.15 8.26
CA MET U 75 9.71 -25.30 9.13
C MET U 75 9.31 -25.30 10.60
N LEU U 76 8.41 -24.39 11.00
CA LEU U 76 7.98 -24.34 12.39
C LEU U 76 7.29 -25.64 12.80
N LYS U 77 6.57 -26.28 11.89
CA LYS U 77 6.00 -27.59 12.19
C LYS U 77 7.10 -28.64 12.29
N LEU U 78 8.03 -28.64 11.34
CA LEU U 78 9.16 -29.58 11.38
C LEU U 78 10.00 -29.37 12.63
N LEU U 79 10.23 -28.10 13.01
CA LEU U 79 10.91 -27.82 14.28
C LEU U 79 10.16 -28.46 15.43
N ALA U 80 8.91 -28.04 15.65
CA ALA U 80 8.09 -28.58 16.74
C ALA U 80 8.09 -30.09 16.77
N LYS U 81 8.18 -30.74 15.61
CA LYS U 81 8.30 -32.19 15.57
C LYS U 81 9.64 -32.64 16.14
N ALA U 82 10.72 -31.92 15.83
CA ALA U 82 12.03 -32.30 16.32
C ALA U 82 12.19 -32.04 17.82
N LEU U 83 11.48 -31.05 18.35
CA LEU U 83 11.54 -30.75 19.78
C LEU U 83 10.98 -31.89 20.62
N SER V 2 23.76 -6.37 8.30
CA SER V 2 23.70 -7.51 7.39
C SER V 2 24.95 -8.36 7.47
N GLY V 3 26.11 -7.70 7.53
CA GLY V 3 27.37 -8.44 7.61
C GLY V 3 27.55 -9.16 8.92
N ASP V 4 27.09 -8.55 10.02
CA ASP V 4 27.20 -9.19 11.33
C ASP V 4 26.31 -10.42 11.43
N ASN V 5 25.14 -10.39 10.78
CA ASN V 5 24.28 -11.56 10.77
C ASN V 5 24.89 -12.69 9.95
N PHE V 6 25.55 -12.35 8.84
CA PHE V 6 26.25 -13.36 8.06
C PHE V 6 27.41 -13.96 8.84
N LEU V 7 28.07 -13.17 9.69
CA LEU V 7 29.16 -13.69 10.50
C LEU V 7 28.67 -14.76 11.48
N LYS V 8 27.66 -14.43 12.27
CA LYS V 8 27.17 -15.37 13.27
C LYS V 8 26.51 -16.58 12.63
N ALA V 9 25.90 -16.42 11.46
CA ALA V 9 25.33 -17.55 10.75
C ALA V 9 26.42 -18.45 10.18
N PHE V 10 27.46 -17.85 9.60
CA PHE V 10 28.58 -18.63 9.08
C PHE V 10 29.30 -19.37 10.21
N ALA V 11 29.44 -18.72 11.37
CA ALA V 11 30.05 -19.38 12.51
C ALA V 11 29.20 -20.55 13.02
N ALA V 12 27.88 -20.45 12.88
CA ALA V 12 27.02 -21.55 13.29
C ALA V 12 27.18 -22.76 12.38
N LEU V 13 27.37 -22.53 11.08
CA LEU V 13 27.56 -23.65 10.15
C LEU V 13 28.90 -24.34 10.37
N GLU V 14 29.94 -23.57 10.71
CA GLU V 14 31.24 -24.18 10.98
C GLU V 14 31.17 -25.06 12.22
N ALA V 15 30.48 -24.61 13.27
CA ALA V 15 30.32 -25.42 14.46
C ALA V 15 29.41 -26.62 14.18
N LEU V 16 28.39 -26.42 13.35
CA LEU V 16 27.48 -27.51 13.02
C LEU V 16 28.18 -28.59 12.20
N ALA V 17 29.07 -28.19 11.30
CA ALA V 17 29.78 -29.16 10.46
C ALA V 17 30.77 -30.01 11.26
N ALA V 18 31.23 -29.52 12.40
CA ALA V 18 32.17 -30.26 13.23
C ALA V 18 31.48 -31.15 14.26
N LEU V 19 30.15 -31.19 14.25
CA LEU V 19 29.45 -32.01 15.23
C LEU V 19 29.34 -33.46 14.75
N PRO V 20 29.42 -34.43 15.66
CA PRO V 20 29.14 -35.81 15.29
C PRO V 20 27.67 -35.99 14.93
N ALA V 21 27.40 -37.04 14.16
CA ALA V 21 26.03 -37.29 13.69
C ALA V 21 25.07 -37.60 14.83
N SER V 22 25.60 -38.00 16.00
CA SER V 22 24.75 -38.39 17.11
C SER V 22 24.29 -37.21 17.96
N ALA V 23 25.00 -36.08 17.92
CA ALA V 23 24.66 -34.91 18.73
C ALA V 23 23.46 -34.19 18.12
N LYS V 24 22.32 -34.89 18.16
CA LYS V 24 21.11 -34.38 17.52
C LYS V 24 20.61 -33.10 18.19
N GLU V 25 20.64 -33.06 19.53
CA GLU V 25 20.16 -31.87 20.24
C GLU V 25 21.05 -30.67 19.98
N LEU V 26 22.36 -30.87 19.90
CA LEU V 26 23.27 -29.75 19.64
C LEU V 26 23.18 -29.31 18.19
N GLN V 27 23.00 -30.26 17.26
CA GLN V 27 22.74 -29.90 15.87
C GLN V 27 21.46 -29.09 15.75
N LEU V 28 20.43 -29.49 16.49
CA LEU V 28 19.14 -28.80 16.42
C LEU V 28 19.25 -27.38 16.94
N GLU V 29 20.06 -27.17 17.98
CA GLU V 29 20.20 -25.83 18.54
C GLU V 29 20.99 -24.90 17.61
N LEU V 30 22.04 -25.42 16.96
CA LEU V 30 22.85 -24.59 16.09
C LEU V 30 22.09 -24.18 14.83
N ILE V 31 21.09 -24.94 14.42
CA ILE V 31 20.30 -24.56 13.25
C ILE V 31 19.29 -23.48 13.62
N LYS V 32 18.72 -23.56 14.83
CA LYS V 32 17.92 -22.45 15.34
C LYS V 32 18.75 -21.18 15.45
N GLN V 33 20.02 -21.32 15.86
CA GLN V 33 20.91 -20.17 15.88
C GLN V 33 21.27 -19.71 14.47
N PHE V 34 21.50 -20.66 13.56
CA PHE V 34 21.86 -20.29 12.19
C PHE V 34 20.70 -19.59 11.49
N MET V 35 19.49 -20.16 11.59
CA MET V 35 18.35 -19.57 10.90
C MET V 35 17.97 -18.22 11.51
N ALA V 36 18.07 -18.08 12.83
CA ALA V 36 17.75 -16.81 13.46
C ALA V 36 18.64 -15.69 12.96
N GLU V 37 19.85 -16.02 12.50
CA GLU V 37 20.75 -15.03 11.92
C GLU V 37 20.72 -14.99 10.40
N ALA V 38 20.44 -16.13 9.75
CA ALA V 38 20.39 -16.15 8.30
C ALA V 38 19.18 -15.40 7.76
N MET V 39 18.07 -15.38 8.51
CA MET V 39 16.90 -14.65 8.07
C MET V 39 17.13 -13.14 8.04
N LYS V 40 18.10 -12.64 8.81
CA LYS V 40 18.41 -11.22 8.86
C LYS V 40 19.42 -10.79 7.81
N ILE V 41 19.82 -11.68 6.91
CA ILE V 41 20.82 -11.37 5.90
C ILE V 41 20.13 -10.79 4.67
N GLY V 42 20.59 -9.63 4.24
CA GLY V 42 20.00 -8.96 3.09
C GLY V 42 20.86 -9.03 1.85
N ASN V 43 21.80 -9.97 1.83
CA ASN V 43 22.69 -10.17 0.68
C ASN V 43 22.29 -11.42 -0.09
N LYS V 44 22.22 -11.30 -1.41
CA LYS V 44 21.77 -12.40 -2.24
C LYS V 44 22.79 -13.54 -2.24
N GLU V 45 24.06 -13.22 -2.50
CA GLU V 45 25.07 -14.28 -2.56
C GLU V 45 25.37 -14.86 -1.19
N GLY V 46 25.22 -14.07 -0.13
CA GLY V 46 25.44 -14.59 1.21
C GLY V 46 24.44 -15.68 1.58
N LEU V 47 23.17 -15.47 1.24
CA LEU V 47 22.15 -16.49 1.50
C LEU V 47 22.40 -17.73 0.67
N LEU V 48 22.84 -17.57 -0.59
CA LEU V 48 23.09 -18.73 -1.43
C LEU V 48 24.37 -19.45 -1.03
N LEU V 49 25.37 -18.72 -0.56
CA LEU V 49 26.58 -19.35 -0.05
C LEU V 49 26.26 -20.22 1.17
N LEU V 50 25.50 -19.67 2.11
CA LEU V 50 25.12 -20.43 3.30
C LEU V 50 24.17 -21.57 2.95
N ALA V 51 23.29 -21.37 1.96
CA ALA V 51 22.42 -22.45 1.53
C ALA V 51 23.21 -23.57 0.86
N GLU V 52 24.24 -23.21 0.09
CA GLU V 52 25.10 -24.24 -0.51
C GLU V 52 25.87 -25.00 0.55
N ARG V 53 26.47 -24.28 1.50
CA ARG V 53 27.15 -24.94 2.61
C ARG V 53 26.20 -25.84 3.38
N LEU V 54 25.05 -25.29 3.81
CA LEU V 54 24.08 -26.05 4.58
C LEU V 54 23.70 -27.35 3.89
N GLU V 55 23.64 -27.36 2.57
CA GLU V 55 23.32 -28.58 1.85
C GLU V 55 24.47 -29.58 1.91
N ALA V 56 25.72 -29.10 1.88
CA ALA V 56 26.86 -30.00 2.05
C ALA V 56 26.93 -30.59 3.46
N LEU V 57 26.27 -29.96 4.42
CA LEU V 57 26.25 -30.46 5.79
C LEU V 57 25.15 -31.49 6.03
N LYS V 58 24.15 -31.57 5.16
CA LYS V 58 23.01 -32.45 5.40
C LYS V 58 23.38 -33.93 5.54
N PRO V 59 24.28 -34.51 4.73
CA PRO V 59 24.58 -35.94 4.91
C PRO V 59 25.17 -36.30 6.27
N LYS V 60 25.69 -35.33 7.02
CA LYS V 60 26.41 -35.60 8.25
C LYS V 60 25.56 -35.39 9.50
N VAL V 61 24.31 -34.95 9.36
CA VAL V 61 23.46 -34.67 10.50
C VAL V 61 22.48 -35.81 10.70
N SER V 62 21.78 -35.80 11.84
CA SER V 62 20.79 -36.81 12.14
C SER V 62 19.68 -36.78 11.10
N PRO V 63 19.08 -37.95 10.78
CA PRO V 63 18.04 -37.98 9.74
C PRO V 63 16.87 -37.05 10.03
N GLU V 64 16.48 -36.89 11.29
CA GLU V 64 15.43 -35.92 11.61
C GLU V 64 15.89 -34.50 11.35
N ILE V 65 17.15 -34.20 11.65
CA ILE V 65 17.70 -32.88 11.39
C ILE V 65 17.88 -32.64 9.89
N ALA V 66 18.04 -33.72 9.11
CA ALA V 66 18.30 -33.56 7.68
C ALA V 66 17.17 -32.84 6.96
N VAL V 67 15.92 -33.14 7.34
CA VAL V 67 14.78 -32.48 6.70
C VAL V 67 14.75 -31.00 7.07
N LEU V 68 15.04 -30.69 8.34
CA LEU V 68 15.15 -29.29 8.74
C LEU V 68 16.27 -28.58 7.97
N VAL V 69 17.41 -29.25 7.81
CA VAL V 69 18.48 -28.71 6.96
C VAL V 69 17.96 -28.48 5.55
N GLU V 70 17.25 -29.47 5.01
CA GLU V 70 16.78 -29.41 3.62
C GLU V 70 15.84 -28.23 3.42
N LYS V 71 14.86 -28.07 4.31
CA LYS V 71 13.93 -26.96 4.22
C LYS V 71 14.56 -25.62 4.59
N ALA V 72 15.66 -25.62 5.35
CA ALA V 72 16.33 -24.37 5.66
C ALA V 72 17.09 -23.85 4.44
N ALA V 73 17.73 -24.75 3.70
CA ALA V 73 18.42 -24.34 2.48
C ALA V 73 17.43 -23.83 1.44
N GLU V 74 16.27 -24.48 1.32
CA GLU V 74 15.24 -23.98 0.42
C GLU V 74 14.66 -22.66 0.90
N MET V 75 14.64 -22.42 2.22
CA MET V 75 14.18 -21.15 2.74
C MET V 75 15.13 -20.01 2.35
N LEU V 76 16.43 -20.25 2.45
CA LEU V 76 17.39 -19.21 2.11
C LEU V 76 17.38 -18.90 0.62
N LYS V 77 17.20 -19.92 -0.22
CA LYS V 77 17.08 -19.69 -1.65
C LYS V 77 15.83 -18.87 -1.97
N LEU V 78 14.69 -19.25 -1.39
CA LEU V 78 13.47 -18.48 -1.58
C LEU V 78 13.63 -17.07 -1.04
N LEU V 79 14.43 -16.91 0.03
CA LEU V 79 14.68 -15.59 0.59
C LEU V 79 15.51 -14.74 -0.35
N ALA V 80 16.60 -15.31 -0.88
CA ALA V 80 17.49 -14.55 -1.75
C ALA V 80 16.79 -14.16 -3.06
N LYS V 81 15.90 -15.01 -3.56
CA LYS V 81 15.16 -14.67 -4.77
C LYS V 81 14.16 -13.54 -4.51
N ALA V 82 13.55 -13.51 -3.32
CA ALA V 82 12.62 -12.45 -2.98
C ALA V 82 13.31 -11.11 -2.80
N LEU V 83 14.61 -11.11 -2.59
CA LEU V 83 15.38 -9.86 -2.46
C LEU V 83 15.50 -9.16 -3.81
N SER W 2 39.87 3.43 27.95
CA SER W 2 38.43 3.59 27.77
C SER W 2 38.12 4.87 26.97
N GLY W 3 38.36 4.80 25.65
CA GLY W 3 38.15 5.97 24.81
C GLY W 3 36.69 6.32 24.60
N ASP W 4 35.81 5.32 24.60
CA ASP W 4 34.40 5.58 24.40
C ASP W 4 33.79 6.32 25.58
N ASN W 5 34.28 6.08 26.79
CA ASN W 5 33.83 6.85 27.94
C ASN W 5 34.32 8.29 27.86
N PHE W 6 35.49 8.52 27.26
CA PHE W 6 35.99 9.88 27.11
C PHE W 6 35.15 10.68 26.14
N LEU W 7 34.65 10.01 25.08
CA LEU W 7 33.83 10.70 24.09
C LEU W 7 32.51 11.16 24.70
N LYS W 8 31.85 10.30 25.45
CA LYS W 8 30.57 10.67 26.07
C LYS W 8 30.77 11.75 27.12
N ALA W 9 31.86 11.67 27.89
CA ALA W 9 32.13 12.70 28.89
C ALA W 9 32.50 14.03 28.23
N PHE W 10 33.27 13.98 27.14
CA PHE W 10 33.57 15.20 26.40
C PHE W 10 32.32 15.81 25.79
N ALA W 11 31.44 14.97 25.26
CA ALA W 11 30.17 15.46 24.70
C ALA W 11 29.27 16.01 25.79
N ALA W 12 29.43 15.53 27.02
CA ALA W 12 28.65 16.07 28.14
C ALA W 12 29.08 17.49 28.49
N LEU W 13 30.38 17.80 28.35
CA LEU W 13 30.84 19.14 28.64
C LEU W 13 30.45 20.13 27.55
N GLU W 14 30.37 19.67 26.31
CA GLU W 14 29.99 20.56 25.21
C GLU W 14 28.52 20.96 25.31
N ALA W 15 27.64 20.00 25.60
CA ALA W 15 26.24 20.35 25.81
C ALA W 15 26.05 21.16 27.10
N LEU W 16 26.92 20.93 28.10
CA LEU W 16 26.86 21.74 29.31
C LEU W 16 27.28 23.18 29.05
N ALA W 17 28.21 23.39 28.11
CA ALA W 17 28.66 24.75 27.81
C ALA W 17 27.60 25.52 27.03
N ALA W 18 26.81 24.85 26.19
CA ALA W 18 25.77 25.51 25.43
C ALA W 18 24.50 25.76 26.23
N LEU W 19 24.46 25.33 27.50
CA LEU W 19 23.29 25.54 28.34
C LEU W 19 23.29 26.95 28.90
N PRO W 20 22.12 27.57 29.03
CA PRO W 20 22.05 28.86 29.73
C PRO W 20 22.30 28.68 31.22
N ALA W 21 22.75 29.76 31.86
CA ALA W 21 23.08 29.68 33.28
C ALA W 21 21.85 29.45 34.15
N SER W 22 20.65 29.68 33.62
CA SER W 22 19.42 29.51 34.37
C SER W 22 18.92 28.07 34.40
N ALA W 23 19.46 27.19 33.56
CA ALA W 23 19.00 25.80 33.49
C ALA W 23 19.74 24.98 34.52
N LYS W 24 19.33 25.14 35.79
CA LYS W 24 19.98 24.42 36.88
C LYS W 24 19.72 22.92 36.79
N GLU W 25 18.49 22.53 36.48
CA GLU W 25 18.14 21.11 36.48
C GLU W 25 18.87 20.36 35.37
N LEU W 26 19.02 20.98 34.20
CA LEU W 26 19.66 20.30 33.08
C LEU W 26 21.17 20.32 33.20
N GLN W 27 21.75 21.38 33.76
CA GLN W 27 23.18 21.41 34.02
C GLN W 27 23.57 20.35 35.04
N LEU W 28 22.72 20.15 36.05
CA LEU W 28 23.01 19.16 37.08
C LEU W 28 23.01 17.75 36.50
N GLU W 29 22.04 17.42 35.65
CA GLU W 29 21.99 16.08 35.07
C GLU W 29 23.17 15.83 34.15
N LEU W 30 23.52 16.81 33.30
CA LEU W 30 24.66 16.63 32.43
C LEU W 30 25.94 16.44 33.22
N ILE W 31 26.05 17.08 34.39
CA ILE W 31 27.19 16.86 35.25
C ILE W 31 27.17 15.45 35.82
N LYS W 32 25.98 14.98 36.20
CA LYS W 32 25.85 13.59 36.63
C LYS W 32 26.15 12.64 35.48
N GLN W 33 25.70 12.98 34.26
CA GLN W 33 26.07 12.19 33.09
C GLN W 33 27.57 12.27 32.84
N PHE W 34 28.17 13.44 33.06
CA PHE W 34 29.60 13.60 32.82
C PHE W 34 30.42 12.77 33.81
N MET W 35 30.14 12.92 35.11
CA MET W 35 30.88 12.17 36.12
C MET W 35 30.67 10.67 36.00
N ALA W 36 29.49 10.24 35.51
CA ALA W 36 29.24 8.82 35.33
C ALA W 36 30.17 8.22 34.28
N GLU W 37 30.45 8.98 33.22
CA GLU W 37 31.36 8.49 32.18
C GLU W 37 32.81 8.78 32.53
N ALA W 38 33.08 9.93 33.16
CA ALA W 38 34.45 10.29 33.50
C ALA W 38 35.03 9.34 34.52
N MET W 39 34.20 8.75 35.38
CA MET W 39 34.68 7.83 36.41
C MET W 39 35.17 6.51 35.82
N LYS W 40 34.93 6.25 34.54
CA LYS W 40 35.31 4.98 33.92
C LYS W 40 36.30 5.19 32.78
N ILE W 41 37.11 6.24 32.83
CA ILE W 41 38.05 6.53 31.76
C ILE W 41 39.39 5.83 32.01
N GLY W 42 39.91 5.91 33.23
CA GLY W 42 41.14 5.23 33.56
C GLY W 42 42.39 5.78 32.91
N ASN W 43 42.31 6.93 32.26
CA ASN W 43 43.46 7.58 31.65
C ASN W 43 43.79 8.86 32.41
N LYS W 44 45.08 9.09 32.65
CA LYS W 44 45.49 10.24 33.44
C LYS W 44 45.24 11.55 32.69
N GLU W 45 45.73 11.64 31.45
CA GLU W 45 45.60 12.89 30.70
C GLU W 45 44.14 13.20 30.40
N GLY W 46 43.36 12.19 30.02
CA GLY W 46 41.97 12.43 29.69
C GLY W 46 41.16 12.93 30.87
N LEU W 47 41.41 12.39 32.06
CA LEU W 47 40.74 12.89 33.26
C LEU W 47 41.13 14.33 33.54
N LEU W 48 42.43 14.64 33.46
CA LEU W 48 42.89 15.99 33.72
C LEU W 48 42.40 16.96 32.64
N LEU W 49 42.36 16.51 31.38
CA LEU W 49 41.86 17.36 30.31
C LEU W 49 40.39 17.70 30.52
N LEU W 50 39.58 16.71 30.90
CA LEU W 50 38.17 16.98 31.16
C LEU W 50 37.97 17.75 32.45
N ALA W 51 38.82 17.51 33.45
CA ALA W 51 38.74 18.28 34.69
C ALA W 51 38.97 19.76 34.42
N GLU W 52 40.00 20.08 33.65
CA GLU W 52 40.29 21.48 33.33
C GLU W 52 39.19 22.09 32.47
N ARG W 53 38.70 21.35 31.48
CA ARG W 53 37.62 21.88 30.63
C ARG W 53 36.34 22.04 31.43
N LEU W 54 36.17 21.28 32.51
CA LEU W 54 35.03 21.46 33.40
C LEU W 54 35.20 22.69 34.28
N GLU W 55 36.43 22.95 34.77
CA GLU W 55 36.67 24.13 35.59
C GLU W 55 36.45 25.41 34.79
N ALA W 56 36.76 25.39 33.49
CA ALA W 56 36.56 26.58 32.67
C ALA W 56 35.08 26.91 32.49
N LEU W 57 34.18 25.98 32.79
CA LEU W 57 32.75 26.22 32.73
C LEU W 57 32.19 26.76 34.04
N LYS W 58 32.98 26.77 35.11
CA LYS W 58 32.49 27.27 36.40
C LYS W 58 32.01 28.72 36.34
N PRO W 59 32.61 29.64 35.58
CA PRO W 59 32.00 30.97 35.43
C PRO W 59 30.67 30.94 34.69
N LYS W 60 30.49 30.02 33.74
CA LYS W 60 29.32 30.00 32.87
C LYS W 60 28.15 29.23 33.45
N VAL W 61 28.24 28.81 34.71
CA VAL W 61 27.21 27.95 35.30
C VAL W 61 26.61 28.65 36.52
N SER W 62 25.52 28.07 37.01
CA SER W 62 24.81 28.63 38.15
C SER W 62 25.68 28.63 39.40
N PRO W 63 25.50 29.60 40.30
CA PRO W 63 26.26 29.58 41.56
C PRO W 63 25.94 28.39 42.44
N GLU W 64 24.71 27.86 42.36
CA GLU W 64 24.36 26.68 43.15
C GLU W 64 25.18 25.48 42.74
N ILE W 65 25.24 25.19 41.43
CA ILE W 65 25.98 24.05 40.93
C ILE W 65 27.42 24.40 40.59
N ALA W 66 27.83 25.66 40.74
CA ALA W 66 29.24 26.00 40.60
C ALA W 66 30.07 25.31 41.67
N VAL W 67 29.47 25.05 42.83
CA VAL W 67 30.14 24.26 43.85
C VAL W 67 30.30 22.81 43.38
N LEU W 68 29.33 22.31 42.63
CA LEU W 68 29.44 20.95 42.09
C LEU W 68 30.56 20.85 41.07
N VAL W 69 30.62 21.80 40.14
CA VAL W 69 31.69 21.79 39.13
C VAL W 69 33.06 21.79 39.80
N GLU W 70 33.19 22.54 40.90
CA GLU W 70 34.46 22.58 41.63
C GLU W 70 34.83 21.20 42.18
N LYS W 71 33.93 20.60 42.96
CA LYS W 71 34.25 19.30 43.58
C LYS W 71 34.34 18.20 42.54
N ALA W 72 33.63 18.35 41.43
CA ALA W 72 33.66 17.32 40.40
C ALA W 72 35.03 17.27 39.73
N ALA W 73 35.63 18.42 39.47
CA ALA W 73 36.96 18.45 38.87
C ALA W 73 38.04 18.06 39.87
N GLU W 74 37.82 18.35 41.16
CA GLU W 74 38.79 17.96 42.18
C GLU W 74 38.89 16.45 42.30
N MET W 75 37.79 15.74 42.12
CA MET W 75 37.88 14.28 42.21
C MET W 75 38.46 13.67 40.94
N LEU W 76 38.24 14.30 39.79
CA LEU W 76 38.88 13.80 38.57
C LEU W 76 40.39 13.90 38.69
N LYS W 77 40.89 15.00 39.24
CA LYS W 77 42.32 15.11 39.52
C LYS W 77 42.74 14.11 40.59
N LEU W 78 41.93 13.95 41.63
CA LEU W 78 42.20 12.92 42.63
C LEU W 78 42.11 11.52 42.04
N LEU W 79 41.24 11.33 41.05
CA LEU W 79 41.15 10.04 40.38
C LEU W 79 42.37 9.79 39.51
N ALA W 80 42.83 10.82 38.78
CA ALA W 80 43.97 10.66 37.91
C ALA W 80 45.27 10.45 38.68
N LYS W 81 45.39 11.06 39.86
CA LYS W 81 46.59 10.87 40.68
C LYS W 81 46.67 9.44 41.20
N ALA W 82 45.52 8.86 41.57
CA ALA W 82 45.48 7.48 42.04
C ALA W 82 45.74 6.47 40.93
N LEU W 83 45.68 6.89 39.66
CA LEU W 83 45.96 5.99 38.55
C LEU W 83 47.45 5.91 38.25
N MET X 1 13.82 6.76 41.40
CA MET X 1 13.77 6.92 39.94
C MET X 1 14.42 5.74 39.24
N SER X 2 15.70 5.51 39.53
CA SER X 2 16.47 4.41 38.93
C SER X 2 17.12 3.61 40.06
N GLY X 3 16.40 2.62 40.58
CA GLY X 3 16.93 1.80 41.65
C GLY X 3 17.92 0.75 41.19
N ASP X 4 17.94 0.42 39.90
CA ASP X 4 18.93 -0.52 39.38
C ASP X 4 20.33 0.04 39.53
N ASN X 5 20.49 1.36 39.46
CA ASN X 5 21.78 1.96 39.75
C ASN X 5 22.09 1.92 41.24
N PHE X 6 21.05 1.89 42.09
CA PHE X 6 21.28 1.76 43.53
C PHE X 6 21.76 0.37 43.89
N LEU X 7 21.20 -0.66 43.25
CA LEU X 7 21.70 -2.02 43.46
C LEU X 7 23.17 -2.12 43.10
N LYS X 8 23.54 -1.62 41.92
CA LYS X 8 24.93 -1.70 41.48
C LYS X 8 25.85 -0.93 42.41
N ALA X 9 25.41 0.25 42.87
CA ALA X 9 26.25 1.04 43.77
C ALA X 9 26.33 0.41 45.15
N PHE X 10 25.20 -0.13 45.65
CA PHE X 10 25.22 -0.80 46.95
C PHE X 10 26.07 -2.06 46.90
N ALA X 11 25.99 -2.81 45.81
CA ALA X 11 26.80 -4.01 45.67
C ALA X 11 28.28 -3.68 45.57
N ALA X 12 28.61 -2.50 45.04
CA ALA X 12 30.01 -2.10 44.96
C ALA X 12 30.58 -1.81 46.35
N LEU X 13 29.76 -1.24 47.24
CA LEU X 13 30.22 -0.97 48.60
C LEU X 13 30.40 -2.25 49.39
N GLU X 14 29.50 -3.23 49.18
CA GLU X 14 29.64 -4.51 49.88
C GLU X 14 30.86 -5.27 49.39
N ALA X 15 31.10 -5.27 48.08
CA ALA X 15 32.31 -5.88 47.54
C ALA X 15 33.55 -5.13 48.01
N LEU X 16 33.43 -3.83 48.29
CA LEU X 16 34.55 -3.06 48.80
C LEU X 16 34.80 -3.34 50.27
N ALA X 17 33.74 -3.58 51.05
CA ALA X 17 33.93 -3.90 52.46
C ALA X 17 34.68 -5.20 52.66
N ALA X 18 34.48 -6.16 51.76
CA ALA X 18 35.14 -7.46 51.85
C ALA X 18 36.56 -7.44 51.27
N LEU X 19 36.99 -6.31 50.70
CA LEU X 19 38.36 -6.29 50.19
C LEU X 19 39.35 -5.93 51.28
N PRO X 20 40.56 -6.49 51.22
CA PRO X 20 41.61 -6.05 52.15
C PRO X 20 42.11 -4.66 51.78
N ALA X 21 42.68 -3.98 52.77
CA ALA X 21 43.21 -2.64 52.55
C ALA X 21 44.38 -2.61 51.59
N SER X 22 44.97 -3.76 51.27
CA SER X 22 46.09 -3.85 50.35
C SER X 22 45.66 -3.97 48.89
N ALA X 23 44.36 -4.08 48.62
CA ALA X 23 43.87 -4.16 47.24
C ALA X 23 43.62 -2.76 46.70
N LYS X 24 44.71 -2.01 46.57
CA LYS X 24 44.62 -0.59 46.23
C LYS X 24 44.00 -0.39 44.85
N GLU X 25 44.38 -1.22 43.87
CA GLU X 25 43.81 -1.10 42.53
C GLU X 25 42.39 -1.63 42.46
N LEU X 26 42.06 -2.64 43.27
CA LEU X 26 40.69 -3.12 43.32
C LEU X 26 39.78 -2.15 44.04
N GLN X 27 40.25 -1.57 45.15
CA GLN X 27 39.47 -0.57 45.86
C GLN X 27 39.22 0.65 44.99
N LEU X 28 40.21 1.03 44.18
CA LEU X 28 40.02 2.16 43.27
C LEU X 28 38.96 1.86 42.22
N GLU X 29 39.03 0.66 41.61
CA GLU X 29 38.10 0.34 40.54
C GLU X 29 36.68 0.17 41.07
N LEU X 30 36.52 -0.36 42.28
CA LEU X 30 35.19 -0.45 42.87
C LEU X 30 34.62 0.94 43.16
N ILE X 31 35.47 1.89 43.55
CA ILE X 31 35.02 3.25 43.75
C ILE X 31 34.63 3.89 42.41
N LYS X 32 35.44 3.65 41.38
CA LYS X 32 35.06 4.09 40.04
C LYS X 32 33.75 3.45 39.60
N GLN X 33 33.56 2.17 39.93
CA GLN X 33 32.28 1.52 39.66
C GLN X 33 31.18 2.09 40.52
N PHE X 34 31.45 2.33 41.80
CA PHE X 34 30.42 2.82 42.72
C PHE X 34 29.95 4.21 42.31
N MET X 35 30.87 5.16 42.16
CA MET X 35 30.48 6.51 41.82
C MET X 35 29.77 6.58 40.48
N ALA X 36 30.25 5.80 39.50
CA ALA X 36 29.60 5.77 38.18
C ALA X 36 28.12 5.44 38.30
N GLU X 37 27.79 4.43 39.11
CA GLU X 37 26.38 4.08 39.30
C GLU X 37 25.69 5.06 40.22
N ALA X 38 26.42 5.63 41.19
CA ALA X 38 25.81 6.56 42.14
C ALA X 38 25.44 7.88 41.49
N MET X 39 26.06 8.25 40.37
CA MET X 39 25.68 9.49 39.69
C MET X 39 24.34 9.37 38.99
N LYS X 40 23.76 8.18 38.89
CA LYS X 40 22.50 7.96 38.20
C LYS X 40 21.35 7.64 39.14
N ILE X 41 21.50 7.94 40.43
CA ILE X 41 20.50 7.58 41.43
C ILE X 41 19.27 8.45 41.28
N GLY X 42 19.40 9.73 41.62
CA GLY X 42 18.29 10.65 41.59
C GLY X 42 17.44 10.67 42.84
N ASN X 43 17.67 9.76 43.78
CA ASN X 43 16.95 9.70 45.04
C ASN X 43 17.81 10.30 46.14
N LYS X 44 17.25 11.27 46.88
CA LYS X 44 18.02 11.94 47.92
C LYS X 44 18.43 10.97 49.02
N GLU X 45 17.47 10.20 49.54
CA GLU X 45 17.78 9.30 50.65
C GLU X 45 18.70 8.16 50.22
N GLY X 46 18.63 7.77 48.94
CA GLY X 46 19.55 6.75 48.46
C GLY X 46 20.98 7.25 48.37
N LEU X 47 21.16 8.50 47.93
CA LEU X 47 22.50 9.07 47.86
C LEU X 47 23.10 9.25 49.26
N LEU X 48 22.28 9.67 50.22
CA LEU X 48 22.79 9.88 51.57
C LEU X 48 23.09 8.57 52.28
N LEU X 49 22.36 7.51 51.94
CA LEU X 49 22.68 6.20 52.50
C LEU X 49 24.02 5.72 51.97
N LEU X 50 24.20 5.76 50.65
CA LEU X 50 25.46 5.33 50.06
C LEU X 50 26.63 6.20 50.50
N ALA X 51 26.38 7.50 50.72
CA ALA X 51 27.42 8.36 51.25
C ALA X 51 27.74 8.01 52.69
N GLU X 52 26.72 7.66 53.48
CA GLU X 52 26.95 7.22 54.85
C GLU X 52 27.73 5.90 54.87
N ARG X 53 27.33 4.95 54.02
CA ARG X 53 28.03 3.68 53.95
C ARG X 53 29.43 3.84 53.36
N LEU X 54 29.62 4.83 52.49
CA LEU X 54 30.95 5.07 51.93
C LEU X 54 31.91 5.61 52.99
N GLU X 55 31.42 6.50 53.86
CA GLU X 55 32.26 7.02 54.93
C GLU X 55 32.62 5.91 55.93
N ALA X 56 31.69 4.99 56.18
CA ALA X 56 31.94 3.89 57.10
C ALA X 56 32.97 2.89 56.56
N LEU X 57 33.35 2.99 55.29
CA LEU X 57 34.38 2.13 54.72
C LEU X 57 35.77 2.74 54.80
N LYS X 58 35.89 3.99 55.25
CA LYS X 58 37.22 4.58 55.45
C LYS X 58 38.10 3.79 56.40
N PRO X 59 37.60 3.19 57.50
CA PRO X 59 38.47 2.32 58.32
C PRO X 59 38.80 0.98 57.69
N LYS X 60 38.63 0.86 56.37
CA LYS X 60 39.01 -0.36 55.65
C LYS X 60 39.76 -0.09 54.36
N VAL X 61 40.04 1.16 54.00
CA VAL X 61 40.70 1.50 52.76
C VAL X 61 42.07 2.09 53.05
N SER X 62 42.85 2.26 51.98
CA SER X 62 44.19 2.84 52.04
C SER X 62 44.11 4.37 52.21
N PRO X 63 45.12 4.97 52.84
CA PRO X 63 45.12 6.44 52.96
C PRO X 63 45.15 7.16 51.62
N GLU X 64 45.71 6.54 50.58
CA GLU X 64 45.67 7.14 49.25
C GLU X 64 44.24 7.26 48.75
N ILE X 65 43.43 6.23 48.98
CA ILE X 65 42.05 6.24 48.50
C ILE X 65 41.14 6.95 49.49
N ALA X 66 41.53 7.02 50.76
CA ALA X 66 40.65 7.58 51.79
C ALA X 66 40.23 9.02 51.48
N VAL X 67 41.11 9.80 50.85
CA VAL X 67 40.72 11.14 50.43
C VAL X 67 39.75 11.07 49.25
N LEU X 68 39.96 10.12 48.34
CA LEU X 68 39.01 9.92 47.25
C LEU X 68 37.67 9.43 47.78
N VAL X 69 37.70 8.57 48.80
CA VAL X 69 36.46 8.17 49.46
C VAL X 69 35.79 9.37 50.12
N GLU X 70 36.57 10.21 50.78
CA GLU X 70 36.02 11.38 51.46
C GLU X 70 35.46 12.39 50.46
N LYS X 71 36.12 12.56 49.32
CA LYS X 71 35.60 13.48 48.30
C LYS X 71 34.41 12.89 47.58
N ALA X 72 34.38 11.57 47.38
CA ALA X 72 33.21 10.94 46.77
C ALA X 72 32.00 11.03 47.69
N ALA X 73 32.22 10.93 49.01
CA ALA X 73 31.12 11.06 49.95
C ALA X 73 30.60 12.49 49.98
N GLU X 74 31.50 13.48 49.92
CA GLU X 74 31.06 14.87 49.87
C GLU X 74 30.24 15.16 48.61
N MET X 75 30.50 14.44 47.51
CA MET X 75 29.78 14.72 46.28
C MET X 75 28.35 14.18 46.35
N LEU X 76 28.18 12.94 46.78
CA LEU X 76 26.83 12.38 46.90
C LEU X 76 25.96 13.24 47.82
N LYS X 77 26.54 13.82 48.87
CA LYS X 77 25.78 14.73 49.72
C LYS X 77 25.41 16.00 48.95
N LEU X 78 26.38 16.61 48.26
CA LEU X 78 26.08 17.78 47.44
C LEU X 78 25.10 17.44 46.33
N LEU X 79 25.16 16.22 45.79
CA LEU X 79 24.21 15.80 44.78
C LEU X 79 22.79 15.74 45.36
N ALA X 80 22.63 15.10 46.51
CA ALA X 80 21.31 14.99 47.12
C ALA X 80 20.78 16.35 47.57
N LYS X 81 21.67 17.26 47.97
CA LYS X 81 21.22 18.60 48.35
C LYS X 81 20.68 19.36 47.15
N ALA X 82 21.31 19.21 45.99
CA ALA X 82 20.85 19.88 44.78
C ALA X 82 19.58 19.27 44.21
N LEU X 83 19.19 18.09 44.67
CA LEU X 83 17.99 17.42 44.18
C LEU X 83 16.74 17.93 44.91
#